data_7T6M
#
_entry.id   7T6M
#
_cell.length_a   1.00
_cell.length_b   1.00
_cell.length_c   1.00
_cell.angle_alpha   90.00
_cell.angle_beta   90.00
_cell.angle_gamma   90.00
#
_symmetry.space_group_name_H-M   'P 1'
#
loop_
_entity.id
_entity.type
_entity.pdbx_description
1 polymer 'Transient receptor potential cation channel subfamily V member 5'
2 non-polymer '[(2R)-2-octanoyloxy-3-[oxidanyl-[(1R,2R,3S,4R,5R,6S)-2,3,6-tris(oxidanyl)-4,5-diphosphonooxy-cyclohexyl]oxy-phosphoryl]oxy-propyl] octanoate'
#
_entity_poly.entity_id   1
_entity_poly.type   'polypeptide(L)'
_entity_poly.pdbx_seq_one_letter_code
;MGACPPKAKGPWAQLQKLLISWPVGEQDWEQYRDRVNMLQQERIRDSPLLQAAKENDLRLLKILLLNQSCDFQQRGAVGE
TALHVAALYDNLEAATLLMEAAPELAKEPALCEPFVGQTALHIAVMNQNLNLVRALLARGASVSARATGAAFRRSPHNLI
YYGEHPLSFAACVGSEEIVRLLIEHGADIRAQDSLGNTVLHILILQPNKTFACQMYNLLLSYDEHSDHLQSLELVPNHQG
LTPFKLAGVEGNTVMFQHLMQKRKHVQWTCGPLTSTLYDLTEIDSWGEELSFLELVVSSKKREARQILEQTPVKELVSFK
WKKYGRPYFCVLASLYILYMICFTTCCIYRPLKLRDDNRTDPRDITILQQKLLQEAYVTHQDNIRLVGELVTVTGAVIIL
LLEIPDIFRVGASRYFGQTILGGPFHVIIITYASLVLLTMVMRLTNMNGEVVPLSFALVLGWCSVMYFARGFQMLGPFTI
MIQKMIFGDLMRFCWLMAVVILGFASAFHITFQTEDPNNLGEFSDYPTALFSTFELFLTIIDGPANYSVDLPFMYCITYA
AFAIIATLLMLNLFIAMMGDTHWRVAQERDELWRAQVVATTVMLERKMPRFLWPRSGICGYEYGLGDRWFLRVENHHDQN
PLRVLRYVEAFKCSDKEDGQEQLSEKRPSTVESGMLSRASVAFQTPSLSRTTSQSSNSHRGWEILRRNTLGHLNLGLDLG
EGDGEEVYHFTETSQVAPA
;
_entity_poly.pdbx_strand_id   A,B,C,D
#
loop_
_chem_comp.id
_chem_comp.type
_chem_comp.name
_chem_comp.formula
PIO non-polymer '[(2R)-2-octanoyloxy-3-[oxidanyl-[(1R,2R,3S,4R,5R,6S)-2,3,6-tris(oxidanyl)-4,5-diphosphonooxy-cyclohexyl]oxy-phosphoryl]oxy-propyl] octanoate' 'C25 H49 O19 P3'
#
# COMPACT_ATOMS: atom_id res chain seq x y z
N TRP A 29 13.63 3.57 -41.49
CA TRP A 29 12.58 2.86 -40.78
C TRP A 29 12.75 1.38 -41.07
N GLU A 30 11.88 0.54 -40.50
CA GLU A 30 12.25 -0.83 -40.15
C GLU A 30 12.43 -1.72 -41.37
N GLN A 31 11.50 -1.65 -42.32
CA GLN A 31 11.56 -2.56 -43.48
C GLN A 31 12.66 -2.16 -44.45
N TYR A 32 12.95 -0.86 -44.54
CA TYR A 32 14.06 -0.39 -45.37
C TYR A 32 15.40 -0.84 -44.80
N ARG A 33 15.58 -0.74 -43.48
CA ARG A 33 16.79 -1.22 -42.83
C ARG A 33 16.94 -2.72 -42.97
N ASP A 34 15.83 -3.46 -42.88
CA ASP A 34 15.86 -4.90 -43.07
C ASP A 34 16.26 -5.29 -44.49
N ARG A 35 15.69 -4.59 -45.48
CA ARG A 35 16.03 -4.85 -46.89
C ARG A 35 17.49 -4.52 -47.18
N VAL A 36 17.99 -3.44 -46.60
CA VAL A 36 19.39 -3.04 -46.73
C VAL A 36 20.31 -4.10 -46.10
N ASN A 37 19.92 -4.64 -44.93
CA ASN A 37 20.76 -5.62 -44.25
C ASN A 37 20.79 -6.96 -44.97
N MET A 38 19.65 -7.45 -45.47
CA MET A 38 19.69 -8.70 -46.23
C MET A 38 20.35 -8.53 -47.60
N LEU A 39 20.23 -7.34 -48.22
CA LEU A 39 20.96 -7.10 -49.47
C LEU A 39 22.47 -7.04 -49.23
N GLN A 40 22.88 -6.46 -48.10
CA GLN A 40 24.29 -6.37 -47.76
C GLN A 40 24.88 -7.74 -47.46
N GLN A 41 24.13 -8.57 -46.73
CA GLN A 41 24.57 -9.94 -46.46
C GLN A 41 24.58 -10.79 -47.72
N GLU A 42 23.63 -10.53 -48.64
CA GLU A 42 23.61 -11.23 -49.93
C GLU A 42 24.82 -10.86 -50.78
N ARG A 43 25.18 -9.58 -50.84
CA ARG A 43 26.31 -9.17 -51.66
C ARG A 43 27.64 -9.59 -51.04
N ILE A 44 27.67 -9.77 -49.71
CA ILE A 44 28.85 -10.39 -49.09
C ILE A 44 28.91 -11.88 -49.47
N ARG A 45 27.76 -12.57 -49.40
CA ARG A 45 27.72 -14.02 -49.54
C ARG A 45 27.96 -14.47 -50.99
N ASP A 46 27.45 -13.72 -51.97
CA ASP A 46 27.63 -14.09 -53.37
C ASP A 46 29.06 -13.82 -53.83
N SER A 47 29.66 -12.72 -53.39
CA SER A 47 31.02 -12.37 -53.80
C SER A 47 32.02 -13.22 -53.03
N PRO A 48 32.92 -13.94 -53.72
CA PRO A 48 33.89 -14.79 -52.99
C PRO A 48 34.97 -14.00 -52.26
N LEU A 49 35.31 -12.81 -52.75
CA LEU A 49 36.26 -11.94 -52.07
C LEU A 49 35.69 -11.43 -50.75
N LEU A 50 34.42 -10.99 -50.78
CA LEU A 50 33.79 -10.48 -49.57
C LEU A 50 33.45 -11.61 -48.61
N GLN A 51 33.17 -12.80 -49.13
CA GLN A 51 32.95 -13.97 -48.28
C GLN A 51 34.25 -14.39 -47.57
N ALA A 52 35.37 -14.36 -48.30
CA ALA A 52 36.66 -14.69 -47.69
C ALA A 52 37.10 -13.61 -46.71
N ALA A 53 36.69 -12.36 -46.93
CA ALA A 53 36.93 -11.32 -45.95
C ALA A 53 36.02 -11.49 -44.73
N LYS A 54 34.83 -12.06 -44.93
CA LYS A 54 33.90 -12.25 -43.81
C LYS A 54 34.34 -13.39 -42.90
N GLU A 55 34.60 -14.57 -43.46
CA GLU A 55 34.82 -15.76 -42.65
C GLU A 55 36.28 -16.08 -42.42
N ASN A 56 37.20 -15.21 -42.89
CA ASN A 56 38.63 -15.19 -42.56
C ASN A 56 39.34 -16.48 -42.96
N ASP A 57 39.41 -16.70 -44.28
CA ASP A 57 40.12 -17.85 -44.83
C ASP A 57 41.50 -17.41 -45.29
N LEU A 58 42.54 -17.97 -44.66
CA LEU A 58 43.89 -17.80 -45.17
C LEU A 58 44.25 -18.81 -46.24
N ARG A 59 43.48 -19.91 -46.34
CA ARG A 59 43.56 -20.76 -47.52
C ARG A 59 43.09 -20.01 -48.76
N LEU A 60 41.99 -19.27 -48.63
CA LEU A 60 41.54 -18.37 -49.68
C LEU A 60 42.26 -17.04 -49.51
N LEU A 61 41.88 -16.05 -50.32
CA LEU A 61 42.29 -14.64 -50.26
C LEU A 61 43.81 -14.46 -50.45
N LYS A 62 44.48 -15.45 -51.03
CA LYS A 62 45.81 -15.34 -51.59
C LYS A 62 45.84 -15.77 -53.04
N ILE A 63 45.02 -16.76 -53.39
CA ILE A 63 44.81 -17.11 -54.79
C ILE A 63 43.99 -16.03 -55.48
N LEU A 64 43.00 -15.46 -54.77
CA LEU A 64 42.14 -14.43 -55.36
C LEU A 64 42.88 -13.11 -55.49
N LEU A 65 43.74 -12.79 -54.53
CA LEU A 65 44.45 -11.51 -54.55
C LEU A 65 45.66 -11.55 -55.47
N LEU A 66 46.11 -12.74 -55.88
CA LEU A 66 47.22 -12.82 -56.83
C LEU A 66 46.77 -12.60 -58.26
N ASN A 67 45.46 -12.65 -58.51
CA ASN A 67 44.94 -12.35 -59.84
C ASN A 67 44.99 -10.84 -60.07
N GLN A 68 45.67 -10.42 -61.15
CA GLN A 68 45.74 -9.01 -61.47
C GLN A 68 44.46 -8.49 -62.11
N SER A 69 43.59 -9.38 -62.59
CA SER A 69 42.30 -8.98 -63.13
C SER A 69 41.20 -8.98 -62.08
N CYS A 70 41.49 -9.42 -60.86
CA CYS A 70 40.49 -9.41 -59.81
C CYS A 70 40.24 -7.98 -59.32
N ASP A 71 38.97 -7.65 -59.15
CA ASP A 71 38.57 -6.29 -58.76
C ASP A 71 38.62 -6.19 -57.24
N PHE A 72 39.65 -5.53 -56.72
CA PHE A 72 39.71 -5.23 -55.30
C PHE A 72 38.81 -4.07 -54.91
N GLN A 73 38.32 -3.31 -55.89
CA GLN A 73 37.34 -2.25 -55.66
C GLN A 73 35.91 -2.75 -55.79
N GLN A 74 35.69 -4.05 -55.62
CA GLN A 74 34.34 -4.61 -55.68
C GLN A 74 33.56 -4.21 -54.44
N ARG A 75 32.34 -3.70 -54.64
CA ARG A 75 31.56 -3.13 -53.56
C ARG A 75 30.29 -3.95 -53.34
N GLY A 76 29.78 -3.87 -52.11
CA GLY A 76 28.59 -4.60 -51.72
C GLY A 76 27.31 -3.86 -52.06
N ALA A 77 26.25 -4.09 -51.28
CA ALA A 77 24.98 -3.45 -51.55
C ALA A 77 25.00 -1.98 -51.14
N VAL A 78 25.67 -1.66 -50.05
CA VAL A 78 25.74 -0.30 -49.55
C VAL A 78 26.99 0.43 -50.05
N GLY A 79 27.71 -0.17 -50.99
CA GLY A 79 28.93 0.42 -51.49
C GLY A 79 30.14 0.16 -50.64
N GLU A 80 30.03 -0.71 -49.65
CA GLU A 80 31.16 -1.02 -48.78
C GLU A 80 32.13 -1.98 -49.49
N THR A 81 33.42 -1.79 -49.22
CA THR A 81 34.44 -2.62 -49.85
C THR A 81 34.67 -3.89 -49.05
N ALA A 82 35.70 -4.64 -49.44
CA ALA A 82 36.05 -5.85 -48.70
C ALA A 82 36.74 -5.52 -47.38
N LEU A 83 37.36 -4.35 -47.30
CA LEU A 83 37.98 -3.92 -46.04
C LEU A 83 36.94 -3.57 -44.99
N HIS A 84 35.78 -3.07 -45.42
CA HIS A 84 34.66 -2.87 -44.49
C HIS A 84 34.14 -4.18 -43.95
N VAL A 85 34.11 -5.22 -44.80
CA VAL A 85 33.66 -6.54 -44.38
C VAL A 85 34.68 -7.17 -43.43
N ALA A 86 35.97 -6.97 -43.70
CA ALA A 86 37.02 -7.49 -42.82
C ALA A 86 37.05 -6.75 -41.48
N ALA A 87 36.73 -5.45 -41.48
CA ALA A 87 36.66 -4.71 -40.24
C ALA A 87 35.37 -5.01 -39.47
N LEU A 88 34.31 -5.43 -40.16
CA LEU A 88 33.04 -5.69 -39.51
C LEU A 88 33.06 -6.99 -38.72
N TYR A 89 33.72 -8.01 -39.23
CA TYR A 89 33.74 -9.32 -38.58
C TYR A 89 35.04 -9.57 -37.82
N ASP A 90 35.77 -8.50 -37.48
CA ASP A 90 36.99 -8.51 -36.65
C ASP A 90 38.10 -9.38 -37.22
N ASN A 91 38.22 -9.42 -38.54
CA ASN A 91 39.27 -10.19 -39.20
C ASN A 91 40.45 -9.27 -39.44
N LEU A 92 41.43 -9.34 -38.54
CA LEU A 92 42.58 -8.45 -38.60
C LEU A 92 43.52 -8.82 -39.73
N GLU A 93 43.92 -10.10 -39.79
CA GLU A 93 44.93 -10.54 -40.75
C GLU A 93 44.38 -10.55 -42.18
N ALA A 94 43.07 -10.80 -42.34
CA ALA A 94 42.42 -10.66 -43.64
C ALA A 94 42.42 -9.21 -44.09
N ALA A 95 42.26 -8.28 -43.15
CA ALA A 95 42.34 -6.86 -43.47
C ALA A 95 43.76 -6.46 -43.83
N THR A 96 44.78 -7.11 -43.23
CA THR A 96 46.16 -6.83 -43.61
C THR A 96 46.47 -7.30 -45.02
N LEU A 97 45.95 -8.49 -45.41
CA LEU A 97 46.12 -8.94 -46.79
C LEU A 97 45.35 -8.07 -47.78
N LEU A 98 44.16 -7.59 -47.39
CA LEU A 98 43.41 -6.69 -48.25
C LEU A 98 44.08 -5.32 -48.37
N MET A 99 44.78 -4.90 -47.32
CA MET A 99 45.48 -3.63 -47.36
C MET A 99 46.77 -3.72 -48.17
N GLU A 100 47.50 -4.84 -48.07
CA GLU A 100 48.74 -4.94 -48.84
C GLU A 100 48.47 -5.31 -50.29
N ALA A 101 47.28 -5.85 -50.59
CA ALA A 101 46.91 -6.05 -51.98
C ALA A 101 46.61 -4.73 -52.67
N ALA A 102 45.91 -3.85 -51.98
CA ALA A 102 45.58 -2.52 -52.48
C ALA A 102 45.47 -1.56 -51.31
N PRO A 103 46.37 -0.57 -51.21
CA PRO A 103 46.34 0.32 -50.04
C PRO A 103 45.27 1.38 -50.09
N GLU A 104 44.54 1.52 -51.21
CA GLU A 104 43.54 2.56 -51.35
C GLU A 104 42.19 2.19 -50.76
N LEU A 105 42.06 0.99 -50.18
CA LEU A 105 40.80 0.59 -49.55
C LEU A 105 40.53 1.34 -48.26
N ALA A 106 41.56 1.93 -47.63
CA ALA A 106 41.34 2.78 -46.47
C ALA A 106 40.74 4.13 -46.86
N LYS A 107 41.02 4.61 -48.07
CA LYS A 107 40.51 5.90 -48.50
C LYS A 107 39.07 5.85 -48.97
N GLU A 108 38.53 4.66 -49.24
CA GLU A 108 37.21 4.55 -49.86
C GLU A 108 36.14 4.41 -48.80
N PRO A 109 35.15 5.31 -48.75
CA PRO A 109 33.97 5.08 -47.91
C PRO A 109 32.87 4.36 -48.68
N ALA A 110 31.82 4.00 -47.95
CA ALA A 110 30.67 3.40 -48.59
C ALA A 110 29.80 4.49 -49.23
N LEU A 111 28.92 4.07 -50.14
CA LEU A 111 28.26 5.00 -51.05
C LEU A 111 26.75 5.10 -50.90
N CYS A 112 26.06 4.03 -50.50
CA CYS A 112 24.60 4.10 -50.52
C CYS A 112 24.08 4.69 -49.21
N GLU A 113 22.77 5.02 -49.22
CA GLU A 113 22.19 6.05 -48.36
C GLU A 113 22.29 5.83 -46.84
N PRO A 114 22.02 4.64 -46.25
CA PRO A 114 22.17 4.56 -44.78
C PRO A 114 23.62 4.57 -44.28
N PHE A 115 24.59 4.37 -45.15
CA PHE A 115 26.00 4.38 -44.78
C PHE A 115 26.81 5.22 -45.77
N VAL A 116 26.36 6.45 -46.05
CA VAL A 116 26.81 7.20 -47.24
C VAL A 116 28.20 7.79 -47.03
N GLY A 117 28.71 7.74 -45.81
CA GLY A 117 30.07 8.21 -45.60
C GLY A 117 30.96 7.32 -44.76
N GLN A 118 30.49 6.11 -44.43
CA GLN A 118 31.20 5.26 -43.48
C GLN A 118 32.42 4.62 -44.12
N THR A 119 33.57 4.77 -43.46
CA THR A 119 34.80 4.13 -43.87
C THR A 119 35.03 2.86 -43.04
N ALA A 120 36.10 2.15 -43.38
CA ALA A 120 36.46 0.97 -42.60
C ALA A 120 37.08 1.36 -41.25
N LEU A 121 37.58 2.60 -41.16
CA LEU A 121 38.13 3.11 -39.91
C LEU A 121 37.03 3.25 -38.85
N HIS A 122 35.83 3.67 -39.25
CA HIS A 122 34.70 3.79 -38.32
C HIS A 122 34.31 2.43 -37.74
N ILE A 123 34.31 1.40 -38.60
CA ILE A 123 33.96 0.05 -38.16
C ILE A 123 35.04 -0.53 -37.26
N ALA A 124 36.31 -0.24 -37.57
CA ALA A 124 37.42 -0.71 -36.74
C ALA A 124 37.43 -0.02 -35.38
N VAL A 125 37.05 1.26 -35.35
CA VAL A 125 36.95 2.00 -34.09
C VAL A 125 35.78 1.51 -33.24
N MET A 126 34.61 1.25 -33.86
CA MET A 126 33.49 0.70 -33.10
C MET A 126 33.76 -0.72 -32.60
N ASN A 127 34.48 -1.53 -33.38
CA ASN A 127 34.82 -2.88 -32.94
C ASN A 127 35.94 -2.90 -31.91
N GLN A 128 36.64 -1.77 -31.73
CA GLN A 128 37.77 -1.60 -30.80
C GLN A 128 38.90 -2.59 -31.06
N ASN A 129 39.13 -2.90 -32.34
CA ASN A 129 40.25 -3.74 -32.73
C ASN A 129 41.42 -2.78 -32.99
N LEU A 130 42.24 -2.60 -31.94
CA LEU A 130 43.18 -1.49 -31.89
C LEU A 130 44.36 -1.71 -32.83
N ASN A 131 44.74 -2.97 -33.06
CA ASN A 131 45.78 -3.27 -34.04
C ASN A 131 45.29 -2.98 -35.46
N LEU A 132 43.98 -3.14 -35.70
CA LEU A 132 43.41 -2.75 -36.98
C LEU A 132 43.37 -1.23 -37.13
N VAL A 133 43.21 -0.51 -36.01
CA VAL A 133 43.29 0.96 -36.04
C VAL A 133 44.71 1.40 -36.38
N ARG A 134 45.73 0.74 -35.80
CA ARG A 134 47.11 1.02 -36.17
C ARG A 134 47.41 0.65 -37.62
N ALA A 135 46.83 -0.45 -38.11
CA ALA A 135 47.08 -0.88 -39.48
C ALA A 135 46.40 0.05 -40.48
N LEU A 136 45.24 0.59 -40.12
CA LEU A 136 44.57 1.55 -40.99
C LEU A 136 45.26 2.90 -40.97
N LEU A 137 45.73 3.34 -39.79
CA LEU A 137 46.40 4.63 -39.70
C LEU A 137 47.84 4.58 -40.20
N ALA A 138 48.41 3.38 -40.34
CA ALA A 138 49.67 3.25 -41.06
C ALA A 138 49.49 3.53 -42.54
N ARG A 139 48.32 3.16 -43.09
CA ARG A 139 47.94 3.55 -44.43
C ARG A 139 47.29 4.93 -44.41
N GLY A 140 46.75 5.34 -45.56
CA GLY A 140 46.18 6.66 -45.66
C GLY A 140 44.71 6.76 -45.33
N ALA A 141 44.30 6.25 -44.18
CA ALA A 141 42.91 6.34 -43.74
C ALA A 141 42.69 7.73 -43.17
N SER A 142 41.69 8.43 -43.69
CA SER A 142 41.41 9.79 -43.25
C SER A 142 40.73 9.77 -41.89
N VAL A 143 41.22 10.62 -40.98
CA VAL A 143 40.62 10.76 -39.65
C VAL A 143 39.53 11.82 -39.61
N SER A 144 39.41 12.64 -40.65
CA SER A 144 38.35 13.63 -40.74
C SER A 144 37.15 13.12 -41.53
N ALA A 145 37.01 11.81 -41.67
CA ALA A 145 35.94 11.23 -42.46
C ALA A 145 34.60 11.35 -41.74
N ARG A 146 33.58 11.76 -42.48
CA ARG A 146 32.24 12.00 -41.94
C ARG A 146 31.34 10.86 -42.38
N ALA A 147 30.92 10.03 -41.43
CA ALA A 147 30.01 8.92 -41.71
C ALA A 147 28.57 9.42 -41.63
N THR A 148 28.20 10.23 -42.61
CA THR A 148 26.97 11.02 -42.60
C THR A 148 25.73 10.25 -43.14
N GLY A 149 25.72 8.93 -43.00
CA GLY A 149 24.55 8.15 -43.39
C GLY A 149 23.43 8.25 -42.38
N ALA A 150 22.28 7.69 -42.76
CA ALA A 150 21.10 7.73 -41.91
C ALA A 150 21.16 6.74 -40.76
N ALA A 151 22.10 5.80 -40.77
CA ALA A 151 22.28 4.89 -39.66
C ALA A 151 23.16 5.47 -38.56
N PHE A 152 23.67 6.68 -38.74
CA PHE A 152 24.52 7.34 -37.77
C PHE A 152 23.91 8.63 -37.23
N ARG A 153 22.73 9.00 -37.69
CA ARG A 153 22.06 10.19 -37.20
C ARG A 153 21.47 9.94 -35.81
N ARG A 154 21.11 11.03 -35.13
CA ARG A 154 20.39 10.95 -33.87
C ARG A 154 18.91 10.85 -34.20
N SER A 155 18.37 9.64 -34.12
CA SER A 155 16.98 9.37 -34.45
C SER A 155 16.48 8.31 -33.50
N PRO A 156 15.15 8.20 -33.32
CA PRO A 156 14.60 7.03 -32.62
C PRO A 156 14.76 5.72 -33.38
N HIS A 157 15.01 5.77 -34.70
CA HIS A 157 15.28 4.57 -35.47
C HIS A 157 16.62 3.96 -35.07
N ASN A 158 17.66 4.78 -34.98
CA ASN A 158 18.99 4.31 -34.62
C ASN A 158 19.07 4.06 -33.13
N LEU A 159 19.62 2.90 -32.77
CA LEU A 159 19.71 2.53 -31.36
C LEU A 159 20.83 3.26 -30.63
N ILE A 160 21.84 3.74 -31.34
CA ILE A 160 22.91 4.53 -30.76
C ILE A 160 23.03 5.83 -31.53
N TYR A 161 23.72 6.79 -30.90
CA TYR A 161 24.17 8.00 -31.59
C TYR A 161 25.62 8.23 -31.18
N TYR A 162 26.53 7.95 -32.09
CA TYR A 162 27.96 8.11 -31.81
C TYR A 162 28.57 9.25 -32.60
N GLY A 163 27.87 9.79 -33.59
CA GLY A 163 28.40 10.84 -34.42
C GLY A 163 28.70 10.38 -35.82
N GLU A 164 29.61 11.11 -36.45
CA GLU A 164 30.11 10.86 -37.80
C GLU A 164 31.62 10.79 -37.92
N HIS A 165 32.35 11.38 -37.00
CA HIS A 165 33.80 11.31 -37.02
C HIS A 165 34.29 10.13 -36.19
N PRO A 166 35.45 9.54 -36.55
CA PRO A 166 35.96 8.41 -35.76
C PRO A 166 36.43 8.78 -34.37
N LEU A 167 36.73 10.06 -34.12
CA LEU A 167 37.14 10.49 -32.79
C LEU A 167 35.97 10.44 -31.81
N SER A 168 34.79 10.88 -32.25
CA SER A 168 33.58 10.74 -31.43
C SER A 168 33.18 9.28 -31.27
N PHE A 169 33.46 8.46 -32.28
CA PHE A 169 33.23 7.02 -32.20
C PHE A 169 34.10 6.38 -31.13
N ALA A 170 35.37 6.78 -31.08
CA ALA A 170 36.30 6.24 -30.09
C ALA A 170 36.03 6.76 -28.71
N ALA A 171 35.51 8.00 -28.62
CA ALA A 171 35.09 8.53 -27.33
C ALA A 171 33.87 7.81 -26.81
N CYS A 172 32.94 7.47 -27.69
CA CYS A 172 31.68 6.88 -27.25
C CYS A 172 31.77 5.38 -27.00
N VAL A 173 32.72 4.69 -27.64
CA VAL A 173 32.92 3.29 -27.26
C VAL A 173 33.74 3.18 -25.98
N GLY A 174 34.44 4.25 -25.61
CA GLY A 174 35.14 4.29 -24.35
C GLY A 174 36.56 3.75 -24.38
N SER A 175 37.18 3.64 -25.54
CA SER A 175 38.53 3.14 -25.66
C SER A 175 39.50 4.32 -25.63
N GLU A 176 40.43 4.29 -24.68
CA GLU A 176 41.27 5.45 -24.41
C GLU A 176 42.41 5.55 -25.42
N GLU A 177 42.98 4.40 -25.78
CA GLU A 177 44.21 4.37 -26.58
C GLU A 177 43.91 4.69 -28.04
N ILE A 178 42.71 4.34 -28.51
CA ILE A 178 42.31 4.71 -29.87
C ILE A 178 42.11 6.23 -29.97
N VAL A 179 41.61 6.84 -28.90
CA VAL A 179 41.49 8.31 -28.82
C VAL A 179 42.87 8.96 -28.87
N ARG A 180 43.83 8.41 -28.10
CA ARG A 180 45.20 8.95 -28.11
C ARG A 180 45.89 8.72 -29.45
N LEU A 181 45.60 7.60 -30.10
CA LEU A 181 46.18 7.30 -31.41
C LEU A 181 45.60 8.19 -32.51
N LEU A 182 44.31 8.52 -32.40
CA LEU A 182 43.72 9.45 -33.35
C LEU A 182 44.23 10.87 -33.12
N ILE A 183 44.54 11.22 -31.87
CA ILE A 183 45.20 12.50 -31.59
C ILE A 183 46.62 12.51 -32.17
N GLU A 184 47.29 11.35 -32.15
CA GLU A 184 48.62 11.24 -32.75
C GLU A 184 48.61 11.40 -34.27
N HIS A 185 47.47 11.19 -34.91
CA HIS A 185 47.34 11.36 -36.37
C HIS A 185 46.14 12.25 -36.66
N GLY A 186 46.36 13.57 -36.58
CA GLY A 186 45.30 14.52 -36.91
C GLY A 186 44.17 14.53 -35.89
N ALA A 187 42.94 14.57 -36.42
CA ALA A 187 41.68 14.40 -35.67
C ALA A 187 41.51 15.47 -34.59
N ASP A 188 41.28 16.69 -35.06
CA ASP A 188 41.02 17.82 -34.17
C ASP A 188 39.76 17.61 -33.36
N ILE A 189 39.77 18.15 -32.14
CA ILE A 189 38.68 17.93 -31.20
C ILE A 189 37.44 18.70 -31.65
N ARG A 190 37.62 19.94 -32.10
CA ARG A 190 36.52 20.83 -32.43
C ARG A 190 35.91 20.50 -33.78
N ALA A 191 35.26 19.35 -33.89
CA ALA A 191 34.60 18.94 -35.13
C ALA A 191 33.09 18.94 -34.89
N GLN A 192 32.37 19.72 -35.67
CA GLN A 192 30.92 19.81 -35.57
C GLN A 192 30.28 19.04 -36.71
N ASP A 193 29.22 18.31 -36.38
CA ASP A 193 28.54 17.44 -37.32
C ASP A 193 27.34 18.14 -37.96
N SER A 194 26.44 17.35 -38.55
CA SER A 194 25.22 17.88 -39.13
C SER A 194 24.28 18.47 -38.08
N LEU A 195 24.31 17.93 -36.86
CA LEU A 195 23.60 18.52 -35.74
C LEU A 195 24.40 19.61 -35.04
N GLY A 196 25.63 19.85 -35.47
CA GLY A 196 26.50 20.82 -34.84
C GLY A 196 27.19 20.31 -33.59
N ASN A 197 27.02 19.04 -33.26
CA ASN A 197 27.54 18.50 -32.01
C ASN A 197 29.04 18.29 -32.08
N THR A 198 29.74 18.80 -31.09
CA THR A 198 31.13 18.50 -30.82
C THR A 198 31.16 17.13 -30.11
N VAL A 199 32.35 16.52 -30.00
CA VAL A 199 32.53 15.24 -29.31
C VAL A 199 32.12 15.32 -27.84
N LEU A 200 32.22 16.51 -27.23
CA LEU A 200 31.72 16.71 -25.87
C LEU A 200 30.20 16.61 -25.79
N HIS A 201 29.49 17.14 -26.81
CA HIS A 201 28.03 17.03 -26.86
C HIS A 201 27.57 15.58 -26.97
N ILE A 202 28.18 14.82 -27.88
CA ILE A 202 27.82 13.42 -28.10
C ILE A 202 28.20 12.57 -26.89
N LEU A 203 29.30 12.92 -26.24
CA LEU A 203 29.72 12.22 -25.02
C LEU A 203 28.77 12.50 -23.86
N ILE A 204 28.17 13.69 -23.83
CA ILE A 204 27.11 13.98 -22.86
C ILE A 204 25.86 13.19 -23.19
N LEU A 205 25.54 13.03 -24.47
CA LEU A 205 24.31 12.34 -24.89
C LEU A 205 24.36 10.82 -24.69
N GLN A 206 25.51 10.25 -24.34
CA GLN A 206 25.61 8.82 -24.09
C GLN A 206 24.88 8.44 -22.81
N PRO A 207 24.25 7.24 -22.78
CA PRO A 207 23.45 6.85 -21.61
C PRO A 207 24.28 6.49 -20.39
N ASN A 208 25.45 5.90 -20.60
CA ASN A 208 26.33 5.50 -19.51
C ASN A 208 27.34 6.62 -19.29
N LYS A 209 27.30 7.21 -18.09
CA LYS A 209 27.90 8.53 -17.90
C LYS A 209 29.24 8.48 -17.18
N THR A 210 29.35 7.64 -16.14
CA THR A 210 30.52 7.66 -15.27
C THR A 210 31.77 7.11 -15.94
N PHE A 211 31.59 6.16 -16.87
CA PHE A 211 32.72 5.67 -17.64
C PHE A 211 33.10 6.64 -18.75
N ALA A 212 32.18 7.53 -19.14
CA ALA A 212 32.45 8.57 -20.12
C ALA A 212 33.01 9.86 -19.50
N CYS A 213 32.95 10.00 -18.18
CA CYS A 213 33.51 11.18 -17.53
C CYS A 213 35.04 11.24 -17.65
N GLN A 214 35.70 10.08 -17.58
CA GLN A 214 37.16 10.05 -17.77
C GLN A 214 37.53 10.33 -19.22
N MET A 215 36.65 9.94 -20.16
CA MET A 215 36.86 10.29 -21.56
C MET A 215 36.67 11.78 -21.79
N TYR A 216 35.73 12.40 -21.07
CA TYR A 216 35.57 13.85 -21.09
C TYR A 216 36.80 14.56 -20.53
N ASN A 217 37.39 13.99 -19.47
CA ASN A 217 38.63 14.52 -18.91
C ASN A 217 39.78 14.45 -19.91
N LEU A 218 39.90 13.33 -20.62
CA LEU A 218 40.98 13.18 -21.59
C LEU A 218 40.76 14.08 -22.81
N LEU A 219 39.49 14.27 -23.20
CA LEU A 219 39.21 15.10 -24.36
C LEU A 219 39.38 16.58 -24.03
N LEU A 220 39.16 16.96 -22.77
CA LEU A 220 39.48 18.30 -22.33
C LEU A 220 40.98 18.48 -22.11
N SER A 221 41.72 17.38 -21.92
CA SER A 221 43.16 17.48 -21.69
C SER A 221 43.94 17.94 -22.91
N TYR A 222 43.46 17.71 -24.13
CA TYR A 222 44.12 18.21 -25.33
C TYR A 222 43.49 19.48 -25.85
N ASP A 223 43.08 20.39 -24.97
CA ASP A 223 42.47 21.65 -25.37
C ASP A 223 43.55 22.74 -25.41
N GLU A 224 43.74 23.34 -26.57
CA GLU A 224 44.71 24.41 -26.76
C GLU A 224 44.06 25.77 -26.99
N HIS A 225 42.73 25.83 -27.04
CA HIS A 225 41.89 27.04 -27.19
C HIS A 225 42.24 27.87 -28.43
N GLN A 230 37.60 31.84 -28.08
CA GLN A 230 36.55 30.83 -28.07
C GLN A 230 37.10 29.50 -27.57
N SER A 231 36.51 28.98 -26.51
CA SER A 231 36.97 27.73 -25.94
C SER A 231 36.28 26.54 -26.59
N LEU A 232 36.80 25.36 -26.28
CA LEU A 232 36.17 24.11 -26.71
C LEU A 232 34.85 23.88 -25.99
N GLU A 233 34.80 24.20 -24.69
CA GLU A 233 33.61 23.94 -23.89
C GLU A 233 32.47 24.88 -24.22
N LEU A 234 32.75 26.08 -24.73
CA LEU A 234 31.72 27.09 -24.92
C LEU A 234 31.13 27.15 -26.33
N VAL A 235 31.56 26.30 -27.25
CA VAL A 235 31.02 26.37 -28.61
C VAL A 235 29.69 25.62 -28.65
N PRO A 236 28.65 26.19 -29.25
CA PRO A 236 27.34 25.53 -29.25
C PRO A 236 27.11 24.69 -30.51
N ASN A 237 26.01 23.93 -30.47
CA ASN A 237 25.54 23.19 -31.62
C ASN A 237 24.54 24.04 -32.42
N HIS A 238 23.81 23.41 -33.34
CA HIS A 238 22.83 24.13 -34.15
C HIS A 238 21.56 24.48 -33.38
N GLN A 239 21.33 23.87 -32.23
CA GLN A 239 20.28 24.30 -31.31
C GLN A 239 20.74 25.40 -30.38
N GLY A 240 22.00 25.83 -30.48
CA GLY A 240 22.55 26.84 -29.61
C GLY A 240 23.00 26.32 -28.26
N LEU A 241 22.98 25.02 -28.03
CA LEU A 241 23.27 24.48 -26.72
C LEU A 241 24.76 24.26 -26.52
N THR A 242 25.28 24.85 -25.45
CA THR A 242 26.58 24.56 -24.86
C THR A 242 26.55 23.15 -24.28
N PRO A 243 27.71 22.48 -24.17
CA PRO A 243 27.76 21.22 -23.39
C PRO A 243 27.31 21.34 -21.94
N PHE A 244 27.49 22.50 -21.31
CA PHE A 244 26.87 22.78 -20.02
C PHE A 244 25.34 22.77 -20.13
N LYS A 245 24.82 23.45 -21.16
CA LYS A 245 23.38 23.50 -21.36
C LYS A 245 22.82 22.16 -21.80
N LEU A 246 23.60 21.38 -22.57
CA LEU A 246 23.15 20.06 -22.97
C LEU A 246 23.18 19.08 -21.82
N ALA A 247 24.14 19.23 -20.90
CA ALA A 247 24.16 18.40 -19.71
C ALA A 247 23.00 18.75 -18.78
N GLY A 248 22.62 20.03 -18.74
CA GLY A 248 21.43 20.40 -17.99
C GLY A 248 20.14 19.91 -18.61
N VAL A 249 20.02 19.98 -19.94
CA VAL A 249 18.77 19.63 -20.62
C VAL A 249 18.55 18.12 -20.59
N GLU A 250 19.60 17.34 -20.86
CA GLU A 250 19.46 15.89 -20.99
C GLU A 250 19.40 15.16 -19.66
N GLY A 251 19.49 15.87 -18.53
CA GLY A 251 19.41 15.18 -17.26
C GLY A 251 20.69 14.52 -16.81
N ASN A 252 21.81 14.87 -17.43
CA ASN A 252 23.09 14.26 -17.10
C ASN A 252 23.62 14.90 -15.83
N THR A 253 23.18 14.35 -14.69
CA THR A 253 23.54 14.93 -13.39
C THR A 253 24.98 14.63 -13.03
N VAL A 254 25.49 13.47 -13.48
CA VAL A 254 26.88 13.10 -13.24
C VAL A 254 27.82 14.03 -14.00
N MET A 255 27.48 14.30 -15.26
CA MET A 255 28.29 15.21 -16.06
C MET A 255 28.11 16.65 -15.61
N PHE A 256 26.94 17.00 -15.07
CA PHE A 256 26.75 18.34 -14.50
C PHE A 256 27.60 18.56 -13.25
N GLN A 257 27.68 17.55 -12.39
CA GLN A 257 28.55 17.63 -11.22
C GLN A 257 30.01 17.66 -11.62
N HIS A 258 30.38 16.91 -12.67
CA HIS A 258 31.75 16.94 -13.17
C HIS A 258 32.11 18.29 -13.78
N LEU A 259 31.15 18.93 -14.46
CA LEU A 259 31.39 20.25 -15.04
C LEU A 259 31.42 21.32 -13.97
N MET A 260 30.72 21.13 -12.84
CA MET A 260 30.81 22.10 -11.76
C MET A 260 31.93 21.83 -10.77
N GLN A 261 32.65 20.71 -10.89
CA GLN A 261 33.92 20.61 -10.17
C GLN A 261 34.94 21.61 -10.69
N LYS A 262 34.94 21.88 -11.99
CA LYS A 262 35.88 22.83 -12.56
C LYS A 262 35.37 24.27 -12.53
N ARG A 263 34.12 24.49 -12.11
CA ARG A 263 33.57 25.83 -11.97
C ARG A 263 33.41 26.25 -10.53
N LYS A 264 34.02 25.53 -9.59
CA LYS A 264 33.93 25.88 -8.19
C LYS A 264 35.33 26.11 -7.62
N HIS A 265 35.39 26.90 -6.56
CA HIS A 265 36.63 27.17 -5.85
C HIS A 265 36.32 27.12 -4.36
N VAL A 266 37.02 26.24 -3.64
CA VAL A 266 36.84 26.13 -2.20
C VAL A 266 37.54 27.32 -1.55
N GLN A 267 36.75 28.21 -0.92
CA GLN A 267 37.34 29.35 -0.22
C GLN A 267 38.12 28.89 0.99
N TRP A 268 37.49 28.08 1.85
CA TRP A 268 38.20 27.51 2.99
C TRP A 268 37.48 26.24 3.42
N THR A 269 38.20 25.44 4.20
CA THR A 269 37.58 24.37 4.98
C THR A 269 38.06 24.53 6.42
N CYS A 270 37.18 24.15 7.35
CA CYS A 270 37.49 24.22 8.78
C CYS A 270 36.70 23.12 9.46
N GLY A 271 37.40 22.06 9.84
CA GLY A 271 36.84 20.94 10.54
C GLY A 271 35.78 20.20 9.76
N PRO A 272 34.52 20.34 10.20
CA PRO A 272 33.42 19.72 9.46
C PRO A 272 32.86 20.57 8.34
N LEU A 273 33.04 21.90 8.36
CA LEU A 273 32.31 22.76 7.46
C LEU A 273 33.25 23.50 6.51
N THR A 274 32.85 23.60 5.25
CA THR A 274 33.65 24.27 4.24
C THR A 274 32.80 25.27 3.47
N SER A 275 33.46 26.35 3.05
CA SER A 275 32.85 27.37 2.21
C SER A 275 33.51 27.34 0.85
N THR A 276 32.69 27.22 -0.20
CA THR A 276 33.15 27.11 -1.57
C THR A 276 32.33 28.03 -2.46
N LEU A 277 32.97 28.57 -3.49
CA LEU A 277 32.39 29.59 -4.35
C LEU A 277 32.11 28.95 -5.71
N TYR A 278 30.86 28.96 -6.13
CA TYR A 278 30.50 28.43 -7.43
C TYR A 278 30.38 29.56 -8.44
N ASP A 279 30.97 29.34 -9.61
CA ASP A 279 30.79 30.27 -10.71
C ASP A 279 29.36 30.17 -11.23
N LEU A 280 28.72 31.33 -11.35
CA LEU A 280 27.30 31.38 -11.65
C LEU A 280 27.05 31.91 -13.07
N THR A 281 28.09 31.99 -13.89
CA THR A 281 27.98 32.56 -15.23
C THR A 281 27.18 31.65 -16.16
N GLU A 282 27.49 30.35 -16.15
CA GLU A 282 26.81 29.41 -17.02
C GLU A 282 25.43 29.03 -16.52
N ILE A 283 25.12 29.29 -15.25
CA ILE A 283 23.85 28.87 -14.67
C ILE A 283 22.83 30.01 -14.67
N ASP A 284 23.23 31.22 -14.28
CA ASP A 284 22.27 32.32 -14.18
C ASP A 284 21.85 32.83 -15.55
N SER A 285 22.82 32.93 -16.48
CA SER A 285 22.62 33.29 -17.89
C SER A 285 21.94 34.65 -18.05
N TRP A 286 22.71 35.67 -17.65
CA TRP A 286 22.18 37.03 -17.51
C TRP A 286 21.81 37.66 -18.85
N GLY A 287 22.79 37.78 -19.75
CA GLY A 287 22.53 38.42 -21.03
C GLY A 287 21.79 37.55 -22.03
N GLU A 288 21.68 36.25 -21.75
CA GLU A 288 21.03 35.34 -22.68
C GLU A 288 19.51 35.49 -22.62
N GLU A 289 18.88 35.45 -23.79
CA GLU A 289 17.42 35.53 -23.85
C GLU A 289 16.78 34.23 -23.41
N LEU A 290 17.33 33.10 -23.82
CA LEU A 290 16.93 31.79 -23.36
C LEU A 290 17.96 31.34 -22.34
N SER A 291 17.60 31.41 -21.06
CA SER A 291 18.55 31.16 -19.99
C SER A 291 18.75 29.66 -19.80
N PHE A 292 19.72 29.31 -18.94
CA PHE A 292 20.04 27.92 -18.67
C PHE A 292 18.92 27.24 -17.88
N LEU A 293 18.40 27.93 -16.86
CA LEU A 293 17.36 27.35 -16.01
C LEU A 293 16.05 27.19 -16.77
N GLU A 294 15.74 28.12 -17.67
CA GLU A 294 14.57 28.00 -18.54
C GLU A 294 14.74 26.85 -19.52
N LEU A 295 15.96 26.61 -19.99
CA LEU A 295 16.22 25.47 -20.86
C LEU A 295 16.08 24.15 -20.13
N VAL A 296 16.47 24.11 -18.85
CA VAL A 296 16.40 22.86 -18.10
C VAL A 296 14.96 22.56 -17.70
N VAL A 297 14.20 23.58 -17.25
CA VAL A 297 12.88 23.30 -16.70
C VAL A 297 11.85 23.03 -17.81
N SER A 298 12.09 23.53 -19.03
CA SER A 298 11.18 23.31 -20.14
C SER A 298 11.67 22.24 -21.09
N SER A 299 12.53 21.35 -20.62
CA SER A 299 13.06 20.28 -21.44
C SER A 299 12.13 19.07 -21.40
N LYS A 300 12.08 18.34 -22.52
CA LYS A 300 11.26 17.16 -22.62
C LYS A 300 11.80 15.99 -21.81
N LYS A 301 13.11 15.95 -21.57
CA LYS A 301 13.69 14.86 -20.81
C LYS A 301 13.36 15.00 -19.33
N ARG A 302 12.97 13.89 -18.71
CA ARG A 302 12.36 13.95 -17.39
C ARG A 302 13.43 14.12 -16.32
N GLU A 303 14.59 13.49 -16.54
CA GLU A 303 15.71 13.44 -15.60
C GLU A 303 16.38 14.79 -15.39
N ALA A 304 16.09 15.79 -16.24
CA ALA A 304 16.51 17.17 -16.02
C ALA A 304 15.95 17.77 -14.74
N ARG A 305 14.83 17.24 -14.22
CA ARG A 305 14.35 17.62 -12.90
C ARG A 305 15.35 17.28 -11.80
N GLN A 306 16.08 16.16 -11.94
CA GLN A 306 17.15 15.87 -10.97
C GLN A 306 18.36 16.78 -11.15
N ILE A 307 18.49 17.44 -12.32
CA ILE A 307 19.43 18.55 -12.49
C ILE A 307 19.13 19.68 -11.51
N LEU A 308 17.85 19.84 -11.15
CA LEU A 308 17.50 20.89 -10.21
C LEU A 308 17.90 20.54 -8.78
N GLU A 309 18.22 19.28 -8.50
CA GLU A 309 18.65 18.87 -7.17
C GLU A 309 20.12 19.14 -6.90
N GLN A 310 20.91 19.44 -7.94
CA GLN A 310 22.33 19.69 -7.77
C GLN A 310 22.54 21.04 -7.12
N THR A 311 23.70 21.21 -6.46
CA THR A 311 23.80 22.18 -5.36
C THR A 311 23.71 23.65 -5.76
N PRO A 312 24.56 24.23 -6.67
CA PRO A 312 24.50 25.71 -6.83
C PRO A 312 23.25 26.19 -7.54
N VAL A 313 22.65 25.31 -8.36
CA VAL A 313 21.32 25.54 -8.92
C VAL A 313 20.28 25.59 -7.81
N LYS A 314 20.40 24.68 -6.84
CA LYS A 314 19.41 24.58 -5.76
C LYS A 314 19.45 25.78 -4.83
N GLU A 315 20.65 26.22 -4.41
CA GLU A 315 20.71 27.41 -3.58
C GLU A 315 20.47 28.68 -4.39
N LEU A 316 20.71 28.66 -5.70
CA LEU A 316 20.40 29.81 -6.54
C LEU A 316 18.89 30.04 -6.65
N VAL A 317 18.13 28.97 -6.90
CA VAL A 317 16.68 29.10 -6.97
C VAL A 317 16.09 29.35 -5.58
N SER A 318 16.69 28.77 -4.53
CA SER A 318 16.22 29.04 -3.16
C SER A 318 16.40 30.50 -2.78
N PHE A 319 17.53 31.10 -3.17
CA PHE A 319 17.74 32.54 -2.96
C PHE A 319 16.79 33.38 -3.81
N LYS A 320 16.59 33.00 -5.07
CA LYS A 320 15.72 33.77 -5.97
C LYS A 320 14.26 33.70 -5.56
N TRP A 321 13.83 32.54 -5.06
CA TRP A 321 12.44 32.34 -4.70
C TRP A 321 12.13 32.93 -3.33
N LYS A 322 13.02 32.74 -2.35
CA LYS A 322 12.76 33.28 -1.02
C LYS A 322 12.97 34.78 -0.99
N LYS A 323 13.97 35.28 -1.73
CA LYS A 323 14.24 36.71 -1.70
C LYS A 323 13.26 37.50 -2.56
N TYR A 324 12.96 37.01 -3.75
CA TYR A 324 12.14 37.80 -4.66
C TYR A 324 10.91 37.07 -5.19
N GLY A 325 11.01 35.77 -5.47
CA GLY A 325 9.98 35.10 -6.24
C GLY A 325 8.67 34.89 -5.49
N ARG A 326 8.76 34.42 -4.25
CA ARG A 326 7.58 34.23 -3.40
C ARG A 326 6.83 35.53 -3.03
N PRO A 327 7.46 36.67 -2.65
CA PRO A 327 6.64 37.87 -2.42
C PRO A 327 5.98 38.44 -3.68
N TYR A 328 6.67 38.37 -4.82
CA TYR A 328 6.10 38.87 -6.07
C TYR A 328 4.96 37.97 -6.54
N PHE A 329 5.11 36.65 -6.36
CA PHE A 329 4.04 35.72 -6.69
C PHE A 329 2.87 35.86 -5.73
N CYS A 330 3.13 36.20 -4.47
CA CYS A 330 2.05 36.38 -3.50
C CYS A 330 1.26 37.66 -3.77
N VAL A 331 1.95 38.75 -4.14
CA VAL A 331 1.20 39.97 -4.43
C VAL A 331 0.49 39.87 -5.76
N LEU A 332 1.02 39.07 -6.72
CA LEU A 332 0.29 38.82 -7.94
C LEU A 332 -0.92 37.92 -7.71
N ALA A 333 -0.80 36.96 -6.78
CA ALA A 333 -1.92 36.11 -6.40
C ALA A 333 -3.03 36.90 -5.73
N SER A 334 -2.68 37.80 -4.82
CA SER A 334 -3.68 38.62 -4.14
C SER A 334 -4.32 39.62 -5.10
N LEU A 335 -3.54 40.15 -6.05
CA LEU A 335 -4.08 41.08 -7.03
C LEU A 335 -5.03 40.38 -8.00
N TYR A 336 -4.71 39.13 -8.38
CA TYR A 336 -5.61 38.35 -9.22
C TYR A 336 -6.87 37.93 -8.47
N ILE A 337 -6.77 37.66 -7.17
CA ILE A 337 -7.94 37.33 -6.36
C ILE A 337 -8.87 38.53 -6.24
N LEU A 338 -8.30 39.73 -6.04
CA LEU A 338 -9.11 40.96 -6.01
C LEU A 338 -9.73 41.26 -7.37
N TYR A 339 -9.03 40.93 -8.46
CA TYR A 339 -9.57 41.11 -9.79
C TYR A 339 -10.72 40.15 -10.07
N MET A 340 -10.61 38.89 -9.59
CA MET A 340 -11.74 37.96 -9.64
C MET A 340 -12.92 38.41 -8.80
N ILE A 341 -12.66 39.04 -7.64
CA ILE A 341 -13.74 39.51 -6.79
C ILE A 341 -14.48 40.67 -7.46
N CYS A 342 -13.74 41.56 -8.14
CA CYS A 342 -14.35 42.65 -8.89
C CYS A 342 -15.15 42.14 -10.09
N PHE A 343 -14.61 41.13 -10.80
CA PHE A 343 -15.32 40.51 -11.92
C PHE A 343 -16.58 39.78 -11.47
N THR A 344 -16.50 39.08 -10.34
CA THR A 344 -17.66 38.37 -9.80
C THR A 344 -18.73 39.34 -9.32
N THR A 345 -18.34 40.46 -8.71
CA THR A 345 -19.30 41.44 -8.24
C THR A 345 -19.97 42.15 -9.40
N CYS A 346 -19.25 42.41 -10.49
CA CYS A 346 -19.92 42.98 -11.65
C CYS A 346 -20.67 41.92 -12.46
N CYS A 347 -20.44 40.64 -12.22
CA CYS A 347 -21.30 39.58 -12.73
C CYS A 347 -22.61 39.42 -11.96
N ILE A 348 -22.59 39.58 -10.64
CA ILE A 348 -23.80 39.43 -9.84
C ILE A 348 -24.77 40.58 -10.11
N TYR A 349 -24.25 41.80 -10.19
CA TYR A 349 -25.06 43.00 -10.31
C TYR A 349 -25.31 43.40 -11.76
N ARG A 350 -25.28 42.45 -12.69
CA ARG A 350 -25.44 42.72 -14.12
C ARG A 350 -26.84 43.24 -14.42
N PRO A 351 -27.00 44.10 -15.44
CA PRO A 351 -28.30 44.78 -15.64
C PRO A 351 -29.35 43.83 -16.20
N LEU A 352 -30.44 43.66 -15.44
CA LEU A 352 -31.53 42.78 -15.81
C LEU A 352 -32.85 43.48 -15.52
N LYS A 353 -33.82 43.30 -16.41
CA LYS A 353 -35.12 43.94 -16.29
C LYS A 353 -36.21 42.90 -16.50
N LEU A 354 -37.41 43.19 -16.01
CA LEU A 354 -38.55 42.29 -16.18
C LEU A 354 -38.94 42.20 -17.65
N ARG A 355 -39.25 40.99 -18.10
CA ARG A 355 -39.50 40.76 -19.51
C ARG A 355 -40.86 41.34 -19.92
N ASP A 356 -40.88 41.98 -21.09
CA ASP A 356 -42.09 42.61 -21.59
C ASP A 356 -43.07 41.59 -22.13
N ASP A 357 -42.58 40.57 -22.84
CA ASP A 357 -43.46 39.54 -23.38
C ASP A 357 -43.96 38.58 -22.30
N ASN A 358 -45.14 38.04 -22.53
CA ASN A 358 -45.75 37.14 -21.56
C ASN A 358 -45.25 35.71 -21.72
N ARG A 359 -45.50 34.90 -20.70
CA ARG A 359 -44.92 33.56 -20.63
C ARG A 359 -45.73 32.57 -21.46
N THR A 360 -47.00 32.35 -21.09
CA THR A 360 -48.01 31.52 -21.80
C THR A 360 -47.53 30.09 -22.04
N ASP A 361 -46.80 29.55 -21.09
CA ASP A 361 -46.26 28.20 -21.15
C ASP A 361 -45.99 27.75 -19.73
N PRO A 362 -46.59 26.64 -19.27
CA PRO A 362 -46.32 26.17 -17.90
C PRO A 362 -44.91 25.67 -17.71
N ARG A 363 -44.24 25.22 -18.77
CA ARG A 363 -42.84 24.86 -18.67
C ARG A 363 -41.91 26.07 -18.63
N ASP A 364 -42.36 27.22 -19.13
CA ASP A 364 -41.50 28.40 -19.17
C ASP A 364 -41.26 28.96 -17.78
N ILE A 365 -40.02 29.32 -17.51
CA ILE A 365 -39.55 29.62 -16.16
C ILE A 365 -38.91 30.99 -16.06
N THR A 366 -38.43 31.58 -17.16
CA THR A 366 -37.78 32.89 -17.13
C THR A 366 -38.79 34.00 -16.84
N ILE A 367 -38.54 34.75 -15.77
CA ILE A 367 -39.42 35.85 -15.39
C ILE A 367 -38.83 37.21 -15.74
N LEU A 368 -37.55 37.28 -16.09
CA LEU A 368 -36.91 38.53 -16.43
C LEU A 368 -35.77 38.25 -17.40
N GLN A 369 -35.32 39.30 -18.09
CA GLN A 369 -34.43 39.20 -19.23
C GLN A 369 -33.32 40.23 -19.09
N GLN A 370 -32.45 40.26 -20.10
CA GLN A 370 -31.33 41.19 -20.13
C GLN A 370 -31.82 42.61 -20.37
N LYS A 371 -31.07 43.57 -19.84
CA LYS A 371 -31.40 44.97 -20.00
C LYS A 371 -30.67 45.53 -21.21
N LEU A 372 -31.30 46.50 -21.87
CA LEU A 372 -30.69 47.15 -23.03
C LEU A 372 -29.56 48.08 -22.58
N LEU A 373 -28.65 48.36 -23.51
CA LEU A 373 -27.47 49.16 -23.20
C LEU A 373 -27.83 50.62 -22.94
N GLN A 374 -28.93 51.10 -23.53
CA GLN A 374 -29.35 52.48 -23.34
C GLN A 374 -29.91 52.69 -21.94
N GLU A 375 -30.46 51.65 -21.33
CA GLU A 375 -31.00 51.73 -19.98
C GLU A 375 -30.16 50.97 -18.96
N ALA A 376 -28.98 50.46 -19.34
CA ALA A 376 -28.17 49.69 -18.42
C ALA A 376 -27.47 50.60 -17.41
N TYR A 377 -27.15 51.83 -17.80
CA TYR A 377 -26.37 52.75 -16.97
C TYR A 377 -27.16 54.03 -16.78
N VAL A 378 -28.04 54.06 -15.79
CA VAL A 378 -28.87 55.24 -15.51
C VAL A 378 -28.71 55.70 -14.07
N THR A 379 -28.17 54.84 -13.20
CA THR A 379 -28.09 55.14 -11.78
C THR A 379 -26.62 55.17 -11.33
N HIS A 380 -26.46 55.42 -10.03
CA HIS A 380 -25.12 55.52 -9.45
C HIS A 380 -24.49 54.14 -9.28
N GLN A 381 -25.29 53.14 -8.88
CA GLN A 381 -24.80 51.78 -8.73
C GLN A 381 -24.44 51.16 -10.07
N ASP A 382 -25.13 51.58 -11.14
CA ASP A 382 -24.76 51.14 -12.47
C ASP A 382 -23.45 51.79 -12.93
N ASN A 383 -23.15 52.98 -12.41
CA ASN A 383 -21.85 53.60 -12.70
C ASN A 383 -20.72 52.92 -11.93
N ILE A 384 -21.01 52.44 -10.70
CA ILE A 384 -20.05 51.64 -9.95
C ILE A 384 -19.79 50.31 -10.66
N ARG A 385 -20.85 49.69 -11.20
CA ARG A 385 -20.67 48.51 -12.02
C ARG A 385 -19.95 48.82 -13.34
N LEU A 386 -20.11 50.04 -13.85
CA LEU A 386 -19.39 50.45 -15.05
C LEU A 386 -17.89 50.56 -14.82
N VAL A 387 -17.48 51.15 -13.69
CA VAL A 387 -16.04 51.24 -13.41
C VAL A 387 -15.47 49.87 -13.04
N GLY A 388 -16.30 49.00 -12.44
CA GLY A 388 -15.87 47.61 -12.24
C GLY A 388 -15.71 46.83 -13.53
N GLU A 389 -16.60 47.06 -14.50
CA GLU A 389 -16.50 46.42 -15.80
C GLU A 389 -15.33 46.95 -16.61
N LEU A 390 -15.03 48.24 -16.45
CA LEU A 390 -13.86 48.83 -17.11
C LEU A 390 -12.57 48.26 -16.54
N VAL A 391 -12.52 48.06 -15.22
CA VAL A 391 -11.39 47.38 -14.58
C VAL A 391 -11.29 45.94 -15.07
N THR A 392 -12.43 45.27 -15.28
CA THR A 392 -12.46 43.90 -15.77
C THR A 392 -11.91 43.77 -17.20
N VAL A 393 -12.36 44.64 -18.11
CA VAL A 393 -11.89 44.53 -19.49
C VAL A 393 -10.46 45.05 -19.61
N THR A 394 -10.04 45.98 -18.74
CA THR A 394 -8.64 46.39 -18.70
C THR A 394 -7.74 45.25 -18.22
N GLY A 395 -8.21 44.49 -17.23
CA GLY A 395 -7.46 43.32 -16.78
C GLY A 395 -7.39 42.23 -17.82
N ALA A 396 -8.45 42.05 -18.61
CA ALA A 396 -8.43 41.08 -19.70
C ALA A 396 -7.47 41.47 -20.81
N VAL A 397 -7.43 42.77 -21.15
CA VAL A 397 -6.46 43.27 -22.13
C VAL A 397 -5.03 43.15 -21.59
N ILE A 398 -4.84 43.37 -20.29
CA ILE A 398 -3.53 43.20 -19.65
C ILE A 398 -3.08 41.75 -19.68
N ILE A 399 -4.01 40.82 -19.43
CA ILE A 399 -3.75 39.37 -19.53
C ILE A 399 -3.35 38.98 -20.95
N LEU A 400 -4.07 39.50 -21.95
CA LEU A 400 -3.76 39.19 -23.34
C LEU A 400 -2.41 39.76 -23.77
N LEU A 401 -2.10 40.98 -23.32
CA LEU A 401 -0.82 41.60 -23.65
C LEU A 401 0.34 40.90 -22.94
N LEU A 402 0.10 40.33 -21.75
CA LEU A 402 1.15 39.59 -21.08
C LEU A 402 1.35 38.18 -21.64
N GLU A 403 0.29 37.52 -22.11
CA GLU A 403 0.43 36.11 -22.46
C GLU A 403 0.42 35.81 -23.96
N ILE A 404 0.07 36.77 -24.82
CA ILE A 404 0.13 36.51 -26.27
C ILE A 404 1.56 36.49 -26.83
N PRO A 405 2.47 37.45 -26.51
CA PRO A 405 3.83 37.33 -27.08
C PRO A 405 4.66 36.16 -26.56
N ASP A 406 4.35 35.63 -25.38
CA ASP A 406 5.05 34.45 -24.88
C ASP A 406 4.53 33.15 -25.47
N ILE A 407 3.39 33.18 -26.16
CA ILE A 407 3.03 32.07 -27.04
C ILE A 407 3.97 32.06 -28.24
N PHE A 408 4.24 33.22 -28.81
CA PHE A 408 5.04 33.33 -30.03
C PHE A 408 6.54 33.25 -29.77
N ARG A 409 7.01 33.51 -28.54
CA ARG A 409 8.45 33.50 -28.29
C ARG A 409 8.96 32.07 -28.13
N VAL A 410 8.06 31.12 -27.93
CA VAL A 410 8.42 29.72 -27.74
C VAL A 410 7.53 28.94 -28.72
N GLY A 411 7.64 27.62 -28.71
CA GLY A 411 6.73 26.77 -29.45
C GLY A 411 5.29 26.91 -28.97
N ALA A 412 4.34 26.96 -29.92
CA ALA A 412 2.94 27.10 -29.57
C ALA A 412 2.41 25.84 -28.90
N SER A 413 2.87 24.68 -29.35
CA SER A 413 2.55 23.44 -28.65
C SER A 413 3.38 23.31 -27.37
N ARG A 414 4.58 23.89 -27.35
CA ARG A 414 5.47 23.77 -26.21
C ARG A 414 4.98 24.62 -25.04
N TYR A 415 4.31 25.74 -25.35
CA TYR A 415 3.79 26.63 -24.31
C TYR A 415 2.66 25.99 -23.53
N PHE A 416 1.72 25.35 -24.23
CA PHE A 416 0.57 24.73 -23.59
C PHE A 416 0.81 23.29 -23.18
N GLY A 417 1.84 22.63 -23.71
CA GLY A 417 2.01 21.21 -23.44
C GLY A 417 2.72 20.94 -22.12
N GLN A 418 3.33 21.96 -21.53
CA GLN A 418 4.15 21.74 -20.34
C GLN A 418 3.29 21.72 -19.08
N THR A 419 3.45 20.66 -18.28
CA THR A 419 2.74 20.56 -17.01
C THR A 419 3.40 21.39 -15.92
N ILE A 420 4.65 21.82 -16.15
CA ILE A 420 5.40 22.53 -15.12
C ILE A 420 5.29 24.03 -15.32
N LEU A 421 5.34 24.47 -16.58
CA LEU A 421 5.24 25.89 -16.91
C LEU A 421 3.83 26.44 -16.75
N GLY A 422 2.82 25.60 -16.52
CA GLY A 422 1.46 26.06 -16.31
C GLY A 422 0.71 26.28 -17.61
N GLY A 423 0.98 25.40 -18.58
CA GLY A 423 0.36 25.45 -19.89
C GLY A 423 -1.16 25.31 -19.96
N PRO A 424 -1.73 24.30 -19.30
CA PRO A 424 -3.21 24.28 -19.14
C PRO A 424 -3.77 25.49 -18.42
N PHE A 425 -3.07 26.00 -17.41
CA PHE A 425 -3.50 27.24 -16.78
C PHE A 425 -3.36 28.43 -17.71
N HIS A 426 -2.36 28.40 -18.60
CA HIS A 426 -2.20 29.47 -19.59
C HIS A 426 -3.34 29.48 -20.60
N VAL A 427 -3.79 28.30 -21.05
CA VAL A 427 -4.87 28.30 -22.03
C VAL A 427 -6.22 28.62 -21.38
N ILE A 428 -6.39 28.27 -20.09
CA ILE A 428 -7.58 28.70 -19.34
C ILE A 428 -7.62 30.22 -19.15
N ILE A 429 -6.48 30.83 -18.81
CA ILE A 429 -6.44 32.29 -18.62
C ILE A 429 -6.64 33.03 -19.94
N ILE A 430 -6.09 32.47 -21.04
CA ILE A 430 -6.26 33.05 -22.37
C ILE A 430 -7.72 33.00 -22.81
N THR A 431 -8.38 31.85 -22.62
CA THR A 431 -9.78 31.78 -23.03
C THR A 431 -10.70 32.52 -22.07
N TYR A 432 -10.29 32.75 -20.82
CA TYR A 432 -11.05 33.61 -19.91
C TYR A 432 -11.04 35.06 -20.41
N ALA A 433 -9.87 35.55 -20.82
CA ALA A 433 -9.77 36.91 -21.34
C ALA A 433 -10.53 37.05 -22.66
N SER A 434 -10.50 36.00 -23.49
CA SER A 434 -11.26 35.99 -24.73
C SER A 434 -12.77 36.03 -24.48
N LEU A 435 -13.24 35.31 -23.45
CA LEU A 435 -14.66 35.31 -23.14
C LEU A 435 -15.11 36.63 -22.53
N VAL A 436 -14.21 37.30 -21.78
CA VAL A 436 -14.54 38.62 -21.24
C VAL A 436 -14.64 39.66 -22.35
N LEU A 437 -13.73 39.59 -23.33
CA LEU A 437 -13.80 40.52 -24.46
C LEU A 437 -15.01 40.22 -25.36
N LEU A 438 -15.39 38.94 -25.48
CA LEU A 438 -16.61 38.57 -26.19
C LEU A 438 -17.86 39.08 -25.46
N THR A 439 -17.82 39.07 -24.12
CA THR A 439 -18.92 39.60 -23.33
C THR A 439 -19.03 41.11 -23.49
N MET A 440 -17.90 41.81 -23.61
CA MET A 440 -17.90 43.24 -23.88
C MET A 440 -18.46 43.55 -25.27
N VAL A 441 -18.15 42.70 -26.25
CA VAL A 441 -18.72 42.83 -27.59
C VAL A 441 -20.23 42.61 -27.56
N MET A 442 -20.71 41.62 -26.79
CA MET A 442 -22.15 41.39 -26.66
C MET A 442 -22.84 42.52 -25.91
N ARG A 443 -22.17 43.13 -24.94
CA ARG A 443 -22.77 44.21 -24.18
C ARG A 443 -22.87 45.49 -25.01
N LEU A 444 -21.83 45.77 -25.81
CA LEU A 444 -21.85 46.99 -26.62
C LEU A 444 -22.80 46.88 -27.81
N THR A 445 -23.03 45.67 -28.32
CA THR A 445 -23.87 45.46 -29.49
C THR A 445 -25.25 44.90 -29.14
N ASN A 446 -25.61 44.89 -27.85
CA ASN A 446 -26.93 44.49 -27.32
C ASN A 446 -27.30 43.06 -27.71
N MET A 447 -26.33 42.15 -27.67
CA MET A 447 -26.58 40.76 -28.03
C MET A 447 -27.17 40.01 -26.84
N ASN A 448 -28.29 39.33 -27.08
CA ASN A 448 -28.88 38.47 -26.07
C ASN A 448 -28.08 37.19 -25.93
N GLY A 449 -28.21 36.56 -24.76
CA GLY A 449 -27.44 35.36 -24.48
C GLY A 449 -26.11 35.64 -23.85
N GLU A 450 -26.03 36.63 -22.96
CA GLU A 450 -24.79 37.00 -22.31
C GLU A 450 -24.47 36.09 -21.12
N VAL A 451 -25.36 35.17 -20.78
CA VAL A 451 -25.16 34.22 -19.69
C VAL A 451 -24.04 33.24 -20.03
N VAL A 452 -23.93 32.85 -21.30
CA VAL A 452 -22.98 31.86 -21.80
C VAL A 452 -21.52 32.27 -21.61
N PRO A 453 -21.00 33.41 -22.15
CA PRO A 453 -19.56 33.67 -21.93
C PRO A 453 -19.26 34.13 -20.51
N LEU A 454 -20.26 34.69 -19.81
CA LEU A 454 -20.09 35.12 -18.44
C LEU A 454 -19.97 33.93 -17.49
N SER A 455 -20.75 32.88 -17.73
CA SER A 455 -20.71 31.68 -16.91
C SER A 455 -19.43 30.89 -17.14
N PHE A 456 -19.03 30.72 -18.42
CA PHE A 456 -17.72 30.11 -18.70
C PHE A 456 -16.57 30.95 -18.15
N ALA A 457 -16.68 32.28 -18.21
CA ALA A 457 -15.62 33.15 -17.72
C ALA A 457 -15.51 33.10 -16.20
N LEU A 458 -16.63 32.99 -15.49
CA LEU A 458 -16.59 32.86 -14.03
C LEU A 458 -15.95 31.55 -13.59
N VAL A 459 -16.33 30.44 -14.26
CA VAL A 459 -15.78 29.12 -13.91
C VAL A 459 -14.27 29.07 -14.22
N LEU A 460 -13.88 29.51 -15.43
CA LEU A 460 -12.48 29.43 -15.83
C LEU A 460 -11.62 30.44 -15.09
N GLY A 461 -12.18 31.60 -14.74
CA GLY A 461 -11.43 32.58 -13.97
C GLY A 461 -11.17 32.15 -12.55
N TRP A 462 -12.17 31.58 -11.88
CA TRP A 462 -11.89 31.16 -10.51
C TRP A 462 -11.13 29.84 -10.46
N CYS A 463 -11.17 29.05 -11.54
CA CYS A 463 -10.26 27.91 -11.60
C CYS A 463 -8.85 28.31 -11.99
N SER A 464 -8.66 29.51 -12.54
CA SER A 464 -7.33 30.05 -12.80
C SER A 464 -6.59 30.48 -11.55
N VAL A 465 -7.28 30.59 -10.42
CA VAL A 465 -6.63 30.96 -9.16
C VAL A 465 -5.75 29.82 -8.64
N MET A 466 -6.00 28.58 -9.09
CA MET A 466 -5.14 27.44 -8.74
C MET A 466 -3.77 27.50 -9.38
N TYR A 467 -3.54 28.40 -10.34
CA TYR A 467 -2.19 28.62 -10.85
C TYR A 467 -1.27 29.15 -9.76
N PHE A 468 -1.81 29.92 -8.83
CA PHE A 468 -1.02 30.51 -7.75
C PHE A 468 -0.87 29.57 -6.57
N ALA A 469 -1.42 28.36 -6.66
CA ALA A 469 -1.19 27.35 -5.65
C ALA A 469 0.20 26.76 -5.75
N ARG A 470 0.89 26.93 -6.87
CA ARG A 470 2.24 26.44 -7.04
C ARG A 470 3.28 27.26 -6.29
N GLY A 471 2.91 28.42 -5.75
CA GLY A 471 3.82 29.19 -4.94
C GLY A 471 4.00 28.71 -3.53
N PHE A 472 3.24 27.71 -3.11
CA PHE A 472 3.28 27.17 -1.77
C PHE A 472 3.51 25.68 -1.86
N GLN A 473 4.33 25.14 -0.94
CA GLN A 473 4.66 23.73 -0.97
C GLN A 473 3.47 22.88 -0.54
N MET A 474 2.60 23.43 0.30
CA MET A 474 1.54 22.66 0.93
C MET A 474 0.40 22.36 -0.05
N LEU A 475 0.20 23.20 -1.06
CA LEU A 475 -0.84 22.96 -2.07
C LEU A 475 -0.31 23.09 -3.49
N GLY A 476 1.00 23.00 -3.69
CA GLY A 476 1.62 23.01 -4.99
C GLY A 476 1.33 21.79 -5.86
N PRO A 477 1.75 20.59 -5.41
CA PRO A 477 1.48 19.38 -6.22
C PRO A 477 0.03 18.92 -6.23
N PHE A 478 -0.88 19.60 -5.52
CA PHE A 478 -2.29 19.24 -5.54
C PHE A 478 -2.88 19.50 -6.92
N THR A 479 -2.50 20.61 -7.54
CA THR A 479 -2.96 20.92 -8.89
C THR A 479 -2.26 20.05 -9.93
N ILE A 480 -1.05 19.55 -9.63
CA ILE A 480 -0.43 18.55 -10.48
C ILE A 480 -1.20 17.24 -10.43
N MET A 481 -1.68 16.86 -9.23
CA MET A 481 -2.57 15.70 -9.10
C MET A 481 -3.89 15.91 -9.85
N ILE A 482 -4.45 17.12 -9.78
CA ILE A 482 -5.71 17.43 -10.47
C ILE A 482 -5.53 17.38 -11.99
N GLN A 483 -4.39 17.89 -12.49
CA GLN A 483 -4.09 17.83 -13.92
C GLN A 483 -3.85 16.39 -14.38
N LYS A 484 -3.15 15.60 -13.56
CA LYS A 484 -2.89 14.20 -13.88
C LYS A 484 -4.12 13.31 -13.69
N MET A 485 -5.18 13.82 -13.06
CA MET A 485 -6.46 13.11 -13.09
C MET A 485 -7.36 13.60 -14.21
N ILE A 486 -7.19 14.83 -14.69
CA ILE A 486 -8.00 15.32 -15.80
C ILE A 486 -7.53 14.71 -17.11
N PHE A 487 -6.24 14.90 -17.45
CA PHE A 487 -5.75 14.34 -18.70
C PHE A 487 -5.11 12.96 -18.55
N GLY A 488 -4.91 12.50 -17.33
CA GLY A 488 -4.40 11.15 -17.16
C GLY A 488 -5.49 10.09 -17.06
N ASP A 489 -6.37 10.20 -16.06
CA ASP A 489 -7.32 9.14 -15.78
C ASP A 489 -8.66 9.34 -16.48
N LEU A 490 -9.11 10.60 -16.58
CA LEU A 490 -10.45 10.87 -17.06
C LEU A 490 -10.56 10.69 -18.57
N MET A 491 -9.47 10.98 -19.29
CA MET A 491 -9.51 10.89 -20.75
C MET A 491 -9.51 9.44 -21.23
N ARG A 492 -9.05 8.51 -20.41
CA ARG A 492 -9.12 7.09 -20.77
C ARG A 492 -10.43 6.44 -20.33
N PHE A 493 -10.90 6.76 -19.13
CA PHE A 493 -12.11 6.13 -18.60
C PHE A 493 -13.39 6.79 -19.09
N CYS A 494 -13.28 7.97 -19.73
CA CYS A 494 -14.46 8.67 -20.21
C CYS A 494 -15.13 7.94 -21.36
N TRP A 495 -14.38 7.14 -22.12
CA TRP A 495 -14.96 6.38 -23.23
C TRP A 495 -15.80 5.21 -22.73
N LEU A 496 -15.29 4.49 -21.74
CA LEU A 496 -16.03 3.38 -21.15
C LEU A 496 -17.25 3.86 -20.38
N MET A 497 -17.07 4.95 -19.63
CA MET A 497 -18.19 5.58 -18.94
C MET A 497 -19.21 6.14 -19.92
N ALA A 498 -18.75 6.66 -21.06
CA ALA A 498 -19.63 7.20 -22.08
C ALA A 498 -20.46 6.13 -22.76
N VAL A 499 -19.87 4.97 -23.07
CA VAL A 499 -20.66 3.94 -23.74
C VAL A 499 -21.64 3.28 -22.77
N VAL A 500 -21.30 3.23 -21.48
CA VAL A 500 -22.27 2.77 -20.48
C VAL A 500 -23.43 3.76 -20.33
N ILE A 501 -23.13 5.07 -20.35
CA ILE A 501 -24.17 6.10 -20.30
C ILE A 501 -25.05 6.06 -21.55
N LEU A 502 -24.47 5.84 -22.74
CA LEU A 502 -25.25 5.74 -23.97
C LEU A 502 -26.17 4.53 -23.97
N GLY A 503 -25.67 3.37 -23.54
CA GLY A 503 -26.51 2.18 -23.52
C GLY A 503 -27.64 2.24 -22.51
N PHE A 504 -27.32 2.64 -21.28
CA PHE A 504 -28.36 2.68 -20.27
C PHE A 504 -29.28 3.87 -20.45
N ALA A 505 -28.78 4.99 -21.02
CA ALA A 505 -29.63 6.14 -21.30
C ALA A 505 -30.60 5.84 -22.44
N SER A 506 -30.15 5.08 -23.45
CA SER A 506 -31.02 4.68 -24.53
C SER A 506 -32.09 3.70 -24.06
N ALA A 507 -31.70 2.74 -23.20
CA ALA A 507 -32.67 1.80 -22.64
C ALA A 507 -33.65 2.49 -21.70
N PHE A 508 -33.17 3.43 -20.90
CA PHE A 508 -34.02 4.18 -19.98
C PHE A 508 -34.97 5.09 -20.73
N HIS A 509 -34.54 5.63 -21.87
CA HIS A 509 -35.43 6.48 -22.64
C HIS A 509 -36.50 5.67 -23.35
N ILE A 510 -36.13 4.53 -23.94
CA ILE A 510 -37.14 3.79 -24.68
C ILE A 510 -38.04 2.96 -23.76
N THR A 511 -37.65 2.73 -22.51
CA THR A 511 -38.60 2.10 -21.60
C THR A 511 -39.57 3.11 -21.00
N PHE A 512 -39.32 4.41 -21.18
CA PHE A 512 -40.20 5.47 -20.72
C PHE A 512 -40.77 6.29 -21.87
N GLN A 513 -40.60 5.83 -23.11
CA GLN A 513 -41.19 6.51 -24.26
C GLN A 513 -42.70 6.34 -24.29
N THR A 514 -43.21 5.25 -23.74
CA THR A 514 -44.63 4.95 -23.74
C THR A 514 -45.35 5.47 -22.51
N GLU A 515 -44.65 6.14 -21.60
CA GLU A 515 -45.21 6.50 -20.31
C GLU A 515 -45.55 7.98 -20.27
N ASP A 516 -46.28 8.38 -19.25
CA ASP A 516 -46.58 9.79 -19.02
C ASP A 516 -45.34 10.48 -18.48
N PRO A 517 -44.87 11.56 -19.12
CA PRO A 517 -43.66 12.25 -18.61
C PRO A 517 -43.91 13.07 -17.36
N ASN A 518 -45.16 13.28 -16.96
CA ASN A 518 -45.43 14.03 -15.73
C ASN A 518 -45.09 13.20 -14.50
N ASN A 519 -45.32 11.90 -14.56
CA ASN A 519 -45.10 11.04 -13.40
C ASN A 519 -43.63 10.72 -13.18
N LEU A 520 -42.85 10.62 -14.24
CA LEU A 520 -41.41 10.42 -14.11
C LEU A 520 -40.76 11.14 -15.30
N GLY A 521 -40.22 12.33 -15.04
CA GLY A 521 -39.66 13.17 -16.07
C GLY A 521 -38.17 13.04 -16.30
N GLU A 522 -37.52 12.04 -15.72
CA GLU A 522 -36.07 11.93 -15.82
C GLU A 522 -35.61 11.51 -17.20
N PHE A 523 -36.42 10.73 -17.92
CA PHE A 523 -36.04 10.18 -19.21
C PHE A 523 -37.07 10.53 -20.28
N SER A 524 -37.55 11.77 -20.28
CA SER A 524 -38.65 12.15 -21.16
C SER A 524 -38.20 12.30 -22.60
N ASP A 525 -37.05 12.92 -22.83
CA ASP A 525 -36.43 12.99 -24.14
C ASP A 525 -35.00 12.50 -24.02
N TYR A 526 -34.35 12.30 -25.17
CA TYR A 526 -33.02 11.69 -25.18
C TYR A 526 -31.90 12.54 -24.56
N PRO A 527 -31.80 13.88 -24.74
CA PRO A 527 -30.78 14.62 -23.96
C PRO A 527 -31.01 14.63 -22.46
N THR A 528 -32.26 14.71 -21.98
CA THR A 528 -32.44 14.68 -20.53
C THR A 528 -32.29 13.27 -19.98
N ALA A 529 -32.49 12.24 -20.82
CA ALA A 529 -32.19 10.87 -20.39
C ALA A 529 -30.68 10.65 -20.31
N LEU A 530 -29.93 11.24 -21.24
CA LEU A 530 -28.47 11.21 -21.20
C LEU A 530 -27.93 11.92 -19.96
N PHE A 531 -28.49 13.10 -19.65
CA PHE A 531 -28.04 13.86 -18.50
C PHE A 531 -28.43 13.17 -17.19
N SER A 532 -29.63 12.58 -17.14
CA SER A 532 -30.07 11.84 -15.96
C SER A 532 -29.25 10.59 -15.73
N THR A 533 -28.87 9.90 -16.81
CA THR A 533 -28.04 8.71 -16.66
C THR A 533 -26.60 9.07 -16.28
N PHE A 534 -26.11 10.22 -16.73
CA PHE A 534 -24.80 10.72 -16.27
C PHE A 534 -24.81 11.06 -14.78
N GLU A 535 -25.88 11.72 -14.32
CA GLU A 535 -26.00 12.06 -12.91
C GLU A 535 -26.25 10.83 -12.05
N LEU A 536 -26.94 9.82 -12.60
CA LEU A 536 -27.15 8.59 -11.86
C LEU A 536 -25.89 7.73 -11.84
N PHE A 537 -25.04 7.85 -12.86
CA PHE A 537 -23.70 7.27 -12.82
C PHE A 537 -22.90 7.87 -11.69
N LEU A 538 -22.93 9.20 -11.56
CA LEU A 538 -22.12 9.83 -10.52
C LEU A 538 -22.80 9.82 -9.15
N THR A 539 -24.02 9.27 -9.05
CA THR A 539 -24.87 9.20 -7.85
C THR A 539 -25.05 10.57 -7.20
N ILE A 540 -25.29 11.59 -8.02
CA ILE A 540 -25.53 12.93 -7.51
C ILE A 540 -27.01 13.30 -7.52
N ILE A 541 -27.84 12.53 -8.20
CA ILE A 541 -29.29 12.63 -8.06
C ILE A 541 -29.80 11.27 -7.60
N ASP A 542 -30.99 11.26 -7.04
CA ASP A 542 -31.59 10.02 -6.59
C ASP A 542 -32.06 9.19 -7.76
N GLY A 543 -32.23 7.90 -7.52
CA GLY A 543 -32.88 7.02 -8.45
C GLY A 543 -34.33 7.45 -8.62
N PRO A 544 -34.82 7.44 -9.86
CA PRO A 544 -36.21 7.85 -10.10
C PRO A 544 -37.21 6.87 -9.49
N ALA A 545 -38.08 7.39 -8.64
CA ALA A 545 -39.01 6.54 -7.93
C ALA A 545 -40.30 7.28 -7.73
N ASN A 546 -41.37 6.79 -8.36
CA ASN A 546 -42.72 7.25 -8.10
C ASN A 546 -43.50 6.05 -7.57
N TYR A 547 -43.86 6.09 -6.29
CA TYR A 547 -44.58 5.00 -5.66
C TYR A 547 -46.08 5.20 -5.75
N SER A 548 -46.54 6.30 -6.35
CA SER A 548 -47.96 6.53 -6.58
C SER A 548 -48.43 5.95 -7.91
N VAL A 549 -47.50 5.62 -8.81
CA VAL A 549 -47.79 4.92 -10.05
C VAL A 549 -46.94 3.67 -10.07
N ASP A 550 -47.27 2.74 -10.97
CA ASP A 550 -46.44 1.56 -11.14
C ASP A 550 -45.61 1.70 -12.41
N LEU A 551 -44.29 1.77 -12.23
CA LEU A 551 -43.33 1.97 -13.30
C LEU A 551 -43.21 0.70 -14.13
N PRO A 552 -42.65 0.78 -15.34
CA PRO A 552 -42.29 -0.45 -16.06
C PRO A 552 -41.28 -1.28 -15.29
N PHE A 553 -41.41 -2.60 -15.39
CA PHE A 553 -40.51 -3.50 -14.68
C PHE A 553 -39.12 -3.51 -15.31
N MET A 554 -39.03 -3.13 -16.58
CA MET A 554 -37.75 -3.04 -17.25
C MET A 554 -36.96 -1.83 -16.77
N TYR A 555 -37.64 -0.81 -16.23
CA TYR A 555 -36.93 0.23 -15.50
C TYR A 555 -36.23 -0.35 -14.26
N CYS A 556 -36.90 -1.25 -13.53
CA CYS A 556 -36.29 -1.85 -12.35
C CYS A 556 -35.16 -2.79 -12.71
N ILE A 557 -35.32 -3.57 -13.79
CA ILE A 557 -34.29 -4.50 -14.22
C ILE A 557 -33.06 -3.75 -14.74
N THR A 558 -33.27 -2.76 -15.62
CA THR A 558 -32.15 -2.01 -16.17
C THR A 558 -31.53 -1.07 -15.15
N TYR A 559 -32.30 -0.58 -14.17
CA TYR A 559 -31.68 0.24 -13.13
C TYR A 559 -30.92 -0.59 -12.11
N ALA A 560 -31.37 -1.82 -11.82
CA ALA A 560 -30.57 -2.71 -10.98
C ALA A 560 -29.26 -3.08 -11.67
N ALA A 561 -29.32 -3.36 -12.98
CA ALA A 561 -28.11 -3.64 -13.75
C ALA A 561 -27.19 -2.43 -13.83
N PHE A 562 -27.76 -1.24 -14.01
CA PHE A 562 -27.01 0.01 -14.05
C PHE A 562 -26.36 0.32 -12.70
N ALA A 563 -27.09 0.09 -11.62
CA ALA A 563 -26.57 0.37 -10.29
C ALA A 563 -25.48 -0.62 -9.91
N ILE A 564 -25.54 -1.84 -10.44
CA ILE A 564 -24.45 -2.79 -10.21
C ILE A 564 -23.22 -2.40 -11.04
N ILE A 565 -23.39 -2.14 -12.34
CA ILE A 565 -22.21 -1.99 -13.18
C ILE A 565 -21.64 -0.57 -13.10
N ALA A 566 -22.47 0.45 -12.98
CA ALA A 566 -21.95 1.80 -13.17
C ALA A 566 -21.69 2.51 -11.85
N THR A 567 -22.68 2.54 -10.97
CA THR A 567 -22.52 3.24 -9.70
C THR A 567 -21.59 2.47 -8.77
N LEU A 568 -21.60 1.15 -8.87
CA LEU A 568 -20.86 0.35 -7.90
C LEU A 568 -19.49 -0.04 -8.44
N LEU A 569 -19.43 -0.55 -9.67
CA LEU A 569 -18.18 -1.13 -10.15
C LEU A 569 -17.25 -0.11 -10.79
N MET A 570 -17.71 0.56 -11.86
CA MET A 570 -16.80 1.40 -12.65
C MET A 570 -16.49 2.72 -11.96
N LEU A 571 -17.41 3.24 -11.16
CA LEU A 571 -17.17 4.50 -10.45
C LEU A 571 -16.10 4.33 -9.38
N ASN A 572 -16.17 3.24 -8.61
CA ASN A 572 -15.15 2.99 -7.60
C ASN A 572 -13.85 2.52 -8.22
N LEU A 573 -13.90 1.92 -9.42
CA LEU A 573 -12.68 1.61 -10.17
C LEU A 573 -11.96 2.88 -10.59
N PHE A 574 -12.71 3.87 -11.07
CA PHE A 574 -12.15 5.18 -11.40
C PHE A 574 -11.60 5.88 -10.17
N ILE A 575 -12.28 5.75 -9.04
CA ILE A 575 -11.82 6.33 -7.77
C ILE A 575 -10.52 5.68 -7.30
N ALA A 576 -10.41 4.35 -7.46
CA ALA A 576 -9.21 3.64 -7.03
C ALA A 576 -8.00 3.95 -7.91
N MET A 577 -8.20 4.07 -9.22
CA MET A 577 -7.05 4.42 -10.04
C MET A 577 -6.73 5.91 -9.99
N MET A 578 -7.69 6.75 -9.64
CA MET A 578 -7.39 8.12 -9.24
C MET A 578 -6.55 8.14 -7.97
N GLY A 579 -6.82 7.21 -7.05
CA GLY A 579 -6.06 7.12 -5.82
C GLY A 579 -4.61 6.72 -6.05
N ASP A 580 -4.37 5.74 -6.93
CA ASP A 580 -2.95 5.42 -7.12
C ASP A 580 -2.26 6.37 -8.10
N THR A 581 -3.01 7.12 -8.93
CA THR A 581 -2.42 8.27 -9.60
C THR A 581 -1.98 9.35 -8.62
N HIS A 582 -2.81 9.61 -7.60
CA HIS A 582 -2.46 10.53 -6.51
C HIS A 582 -1.23 10.03 -5.73
N TRP A 583 -1.15 8.71 -5.53
CA TRP A 583 0.01 8.11 -4.88
C TRP A 583 1.28 8.31 -5.71
N ARG A 584 1.20 8.14 -7.03
CA ARG A 584 2.36 8.31 -7.91
C ARG A 584 2.84 9.76 -7.94
N VAL A 585 1.90 10.72 -7.93
CA VAL A 585 2.32 12.12 -7.85
C VAL A 585 2.87 12.46 -6.46
N ALA A 586 2.30 11.87 -5.41
CA ALA A 586 2.76 12.16 -4.06
C ALA A 586 4.11 11.53 -3.73
N GLN A 587 4.56 10.53 -4.50
CA GLN A 587 5.93 10.07 -4.33
C GLN A 587 6.95 11.09 -4.83
N GLU A 588 6.63 11.81 -5.91
CA GLU A 588 7.53 12.80 -6.49
C GLU A 588 7.09 14.22 -6.17
N ARG A 589 6.62 14.47 -4.95
CA ARG A 589 5.96 15.72 -4.61
C ARG A 589 6.95 16.88 -4.52
N ASP A 590 8.09 16.66 -3.87
CA ASP A 590 9.07 17.72 -3.65
C ASP A 590 9.79 18.09 -4.95
N GLU A 591 10.06 17.10 -5.80
CA GLU A 591 10.72 17.35 -7.08
C GLU A 591 9.82 18.12 -8.04
N LEU A 592 8.53 17.78 -8.06
CA LEU A 592 7.57 18.47 -8.92
C LEU A 592 7.30 19.89 -8.44
N TRP A 593 7.22 20.07 -7.12
CA TRP A 593 7.05 21.43 -6.59
C TRP A 593 8.29 22.28 -6.82
N ARG A 594 9.49 21.68 -6.69
CA ARG A 594 10.73 22.39 -6.98
C ARG A 594 10.81 22.79 -8.44
N ALA A 595 10.41 21.89 -9.36
CA ALA A 595 10.41 22.21 -10.79
C ALA A 595 9.42 23.32 -11.13
N GLN A 596 8.23 23.30 -10.53
CA GLN A 596 7.28 24.36 -10.85
C GLN A 596 7.60 25.70 -10.18
N VAL A 597 8.28 25.73 -9.04
CA VAL A 597 8.74 27.03 -8.54
C VAL A 597 9.96 27.53 -9.32
N VAL A 598 10.72 26.63 -9.97
CA VAL A 598 11.75 27.06 -10.90
C VAL A 598 11.14 27.72 -12.13
N ALA A 599 10.09 27.10 -12.68
CA ALA A 599 9.39 27.67 -13.83
C ALA A 599 8.72 29.00 -13.48
N THR A 600 8.17 29.09 -12.26
CA THR A 600 7.62 30.36 -11.76
C THR A 600 8.70 31.43 -11.61
N THR A 601 9.88 31.03 -11.09
CA THR A 601 10.97 31.97 -10.87
C THR A 601 11.52 32.51 -12.19
N VAL A 602 11.69 31.64 -13.19
CA VAL A 602 12.25 32.10 -14.46
C VAL A 602 11.20 32.88 -15.25
N MET A 603 9.91 32.57 -15.05
CA MET A 603 8.83 33.35 -15.64
C MET A 603 8.78 34.75 -15.04
N LEU A 604 8.92 34.86 -13.71
CA LEU A 604 8.86 36.15 -13.05
C LEU A 604 10.11 36.98 -13.33
N GLU A 605 11.27 36.34 -13.48
CA GLU A 605 12.47 37.07 -13.80
C GLU A 605 12.47 37.52 -15.25
N ARG A 606 11.85 36.74 -16.14
CA ARG A 606 11.76 37.10 -17.54
C ARG A 606 10.74 38.22 -17.77
N LYS A 607 9.62 38.18 -17.06
CA LYS A 607 8.51 39.08 -17.38
C LYS A 607 8.59 40.43 -16.66
N MET A 608 8.95 40.42 -15.37
CA MET A 608 8.91 41.63 -14.56
C MET A 608 10.07 42.56 -14.92
N PRO A 609 9.98 43.85 -14.58
CA PRO A 609 11.10 44.77 -14.86
C PRO A 609 12.38 44.44 -14.11
N ARG A 610 13.49 44.92 -14.66
CA ARG A 610 14.81 44.52 -14.20
C ARG A 610 15.18 45.15 -12.87
N PHE A 611 14.55 46.28 -12.51
CA PHE A 611 14.84 46.90 -11.23
C PHE A 611 14.21 46.14 -10.07
N LEU A 612 13.14 45.40 -10.31
CA LEU A 612 12.52 44.61 -9.26
C LEU A 612 13.25 43.29 -9.04
N TRP A 613 14.06 42.86 -10.01
CA TRP A 613 14.81 41.60 -9.92
C TRP A 613 16.29 41.92 -10.07
N PRO A 614 17.01 42.18 -8.97
CA PRO A 614 18.45 42.39 -9.07
C PRO A 614 19.18 41.09 -9.39
N ARG A 615 20.41 41.24 -9.88
CA ARG A 615 21.20 40.10 -10.32
C ARG A 615 21.65 39.26 -9.14
N SER A 616 21.47 37.96 -9.26
CA SER A 616 21.67 37.03 -8.16
C SER A 616 23.14 36.68 -8.00
N GLY A 617 23.54 36.43 -6.77
CA GLY A 617 24.89 36.06 -6.46
C GLY A 617 25.77 37.23 -6.08
N ILE A 618 27.00 36.88 -5.71
CA ILE A 618 27.98 37.87 -5.28
C ILE A 618 28.58 38.53 -6.52
N CYS A 619 28.77 39.86 -6.46
CA CYS A 619 29.18 40.62 -7.64
C CYS A 619 30.61 40.31 -8.06
N GLY A 620 31.54 40.31 -7.11
CA GLY A 620 32.87 39.81 -7.40
C GLY A 620 33.86 40.81 -7.97
N TYR A 621 33.37 41.91 -8.55
CA TYR A 621 34.28 42.88 -9.17
C TYR A 621 34.99 43.69 -8.10
N GLU A 622 34.31 43.96 -6.98
CA GLU A 622 34.94 44.69 -5.88
C GLU A 622 35.92 43.86 -5.08
N TYR A 623 35.95 42.54 -5.28
CA TYR A 623 36.91 41.66 -4.63
C TYR A 623 38.09 41.30 -5.53
N GLY A 624 38.26 42.00 -6.65
CA GLY A 624 39.36 41.74 -7.55
C GLY A 624 39.14 40.62 -8.54
N LEU A 625 37.96 39.98 -8.51
CA LEU A 625 37.66 38.90 -9.43
C LEU A 625 37.02 39.49 -10.68
N GLY A 626 37.49 39.05 -11.85
CA GLY A 626 37.17 39.75 -13.09
C GLY A 626 35.85 39.37 -13.71
N ASP A 627 34.87 40.27 -13.56
CA ASP A 627 33.56 40.34 -14.28
C ASP A 627 32.77 39.03 -14.28
N ARG A 628 32.86 38.30 -13.16
CA ARG A 628 32.14 37.06 -12.97
C ARG A 628 31.35 37.14 -11.68
N TRP A 629 30.19 36.51 -11.68
CA TRP A 629 29.30 36.51 -10.51
C TRP A 629 29.30 35.13 -9.90
N PHE A 630 29.28 35.07 -8.58
CA PHE A 630 29.51 33.84 -7.84
C PHE A 630 28.44 33.62 -6.78
N LEU A 631 28.25 32.36 -6.41
CA LEU A 631 27.35 31.99 -5.32
C LEU A 631 28.17 31.24 -4.28
N ARG A 632 28.17 31.73 -3.04
CA ARG A 632 28.93 31.08 -1.97
C ARG A 632 28.04 30.08 -1.26
N VAL A 633 28.52 28.85 -1.14
CA VAL A 633 27.81 27.77 -0.47
C VAL A 633 28.67 27.27 0.66
N GLU A 634 28.14 27.29 1.88
CA GLU A 634 28.77 26.70 3.05
C GLU A 634 28.03 25.41 3.40
N ASN A 635 28.78 24.31 3.50
CA ASN A 635 28.14 23.03 3.79
C ASN A 635 28.97 22.25 4.80
N HIS A 636 28.28 21.37 5.52
CA HIS A 636 28.81 20.63 6.64
C HIS A 636 28.98 19.16 6.26
N HIS A 637 30.17 18.63 6.50
CA HIS A 637 30.49 17.26 6.12
C HIS A 637 31.31 16.63 7.24
N ASP A 638 31.94 15.50 6.94
CA ASP A 638 32.81 14.82 7.90
C ASP A 638 34.17 15.50 7.98
N TRP B 29 -7.15 -42.53 -7.73
CA TRP B 29 -7.55 -41.57 -6.73
C TRP B 29 -7.13 -42.10 -5.37
N GLU B 30 -7.40 -41.33 -4.30
CA GLU B 30 -6.56 -41.35 -3.10
C GLU B 30 -6.71 -42.65 -2.31
N GLN B 31 -7.94 -43.12 -2.11
CA GLN B 31 -8.14 -44.31 -1.28
C GLN B 31 -7.73 -45.58 -1.99
N TYR B 32 -7.86 -45.60 -3.32
CA TYR B 32 -7.40 -46.73 -4.11
C TYR B 32 -5.88 -46.84 -4.09
N ARG B 33 -5.18 -45.70 -4.20
CA ARG B 33 -3.72 -45.69 -4.11
C ARG B 33 -3.25 -46.09 -2.72
N ASP B 34 -3.99 -45.66 -1.69
CA ASP B 34 -3.65 -46.05 -0.32
C ASP B 34 -3.83 -47.55 -0.10
N ARG B 35 -4.93 -48.11 -0.62
CA ARG B 35 -5.18 -49.54 -0.52
C ARG B 35 -4.11 -50.36 -1.25
N VAL B 36 -3.70 -49.88 -2.43
CA VAL B 36 -2.65 -50.52 -3.22
C VAL B 36 -1.31 -50.47 -2.48
N ASN B 37 -1.01 -49.33 -1.84
CA ASN B 37 0.27 -49.19 -1.15
C ASN B 37 0.36 -50.03 0.13
N MET B 38 -0.72 -50.08 0.93
CA MET B 38 -0.66 -50.95 2.11
C MET B 38 -0.75 -52.43 1.75
N LEU B 39 -1.43 -52.78 0.65
CA LEU B 39 -1.42 -54.17 0.19
C LEU B 39 -0.03 -54.56 -0.33
N GLN B 40 0.65 -53.64 -1.00
CA GLN B 40 1.99 -53.90 -1.51
C GLN B 40 3.00 -54.05 -0.38
N GLN B 41 2.90 -53.19 0.64
CA GLN B 41 3.76 -53.31 1.80
C GLN B 41 3.45 -54.56 2.62
N GLU B 42 2.18 -54.97 2.66
CA GLU B 42 1.80 -56.22 3.32
C GLU B 42 2.38 -57.44 2.62
N ARG B 43 2.30 -57.47 1.27
CA ARG B 43 2.80 -58.64 0.55
C ARG B 43 4.32 -58.66 0.52
N ILE B 44 4.98 -57.51 0.69
CA ILE B 44 6.41 -57.51 0.95
C ILE B 44 6.70 -58.07 2.34
N ARG B 45 5.92 -57.65 3.34
CA ARG B 45 6.23 -57.93 4.73
C ARG B 45 5.96 -59.39 5.12
N ASP B 46 4.87 -59.98 4.61
CA ASP B 46 4.58 -61.38 4.92
C ASP B 46 5.52 -62.34 4.19
N SER B 47 5.89 -62.02 2.96
CA SER B 47 6.77 -62.89 2.20
C SER B 47 8.20 -62.74 2.68
N PRO B 48 8.88 -63.83 3.06
CA PRO B 48 10.26 -63.69 3.58
C PRO B 48 11.29 -63.37 2.51
N LEU B 49 11.05 -63.79 1.27
CA LEU B 49 11.93 -63.44 0.17
C LEU B 49 11.86 -61.96 -0.14
N LEU B 50 10.65 -61.41 -0.19
CA LEU B 50 10.48 -59.99 -0.48
C LEU B 50 10.92 -59.13 0.71
N GLN B 51 10.77 -59.65 1.93
CA GLN B 51 11.28 -58.94 3.11
C GLN B 51 12.80 -58.90 3.12
N ALA B 52 13.45 -60.01 2.75
CA ALA B 52 14.91 -60.04 2.68
C ALA B 52 15.42 -59.20 1.54
N ALA B 53 14.64 -59.07 0.46
CA ALA B 53 14.99 -58.14 -0.60
C ALA B 53 14.79 -56.70 -0.16
N LYS B 54 13.83 -56.45 0.74
CA LYS B 54 13.57 -55.09 1.21
C LYS B 54 14.66 -54.61 2.17
N GLU B 55 14.94 -55.38 3.22
CA GLU B 55 15.81 -54.90 4.28
C GLU B 55 17.26 -55.34 4.14
N ASN B 56 17.61 -56.01 3.03
CA ASN B 56 18.98 -56.28 2.58
C ASN B 56 19.78 -57.11 3.59
N ASP B 57 19.31 -58.34 3.80
CA ASP B 57 20.00 -59.29 4.68
C ASP B 57 20.87 -60.21 3.84
N LEU B 58 22.17 -60.16 4.07
CA LEU B 58 23.08 -61.14 3.49
C LEU B 58 23.20 -62.39 4.34
N ARG B 59 22.78 -62.32 5.61
CA ARG B 59 22.57 -63.54 6.39
C ARG B 59 21.42 -64.35 5.81
N LEU B 60 20.33 -63.68 5.45
CA LEU B 60 19.25 -64.32 4.72
C LEU B 60 19.58 -64.27 3.23
N LEU B 61 18.64 -64.73 2.39
CA LEU B 61 18.64 -64.65 0.93
C LEU B 61 19.81 -65.42 0.30
N LYS B 62 20.42 -66.35 1.04
CA LYS B 62 21.29 -67.38 0.52
C LYS B 62 20.80 -68.76 0.91
N ILE B 63 20.22 -68.88 2.10
CA ILE B 63 19.52 -70.11 2.50
C ILE B 63 18.23 -70.25 1.69
N LEU B 64 17.52 -69.14 1.48
CA LEU B 64 16.26 -69.17 0.75
C LEU B 64 16.48 -69.42 -0.74
N LEU B 65 17.54 -68.85 -1.30
CA LEU B 65 17.80 -68.99 -2.72
C LEU B 65 18.46 -70.33 -3.06
N LEU B 66 18.98 -71.04 -2.07
CA LEU B 66 19.55 -72.36 -2.33
C LEU B 66 18.49 -73.44 -2.42
N ASN B 67 17.27 -73.13 -1.97
CA ASN B 67 16.16 -74.07 -2.11
C ASN B 67 15.70 -74.10 -3.56
N GLN B 68 15.71 -75.29 -4.17
CA GLN B 68 15.25 -75.43 -5.54
C GLN B 68 13.73 -75.41 -5.65
N SER B 69 13.01 -75.60 -4.54
CA SER B 69 11.56 -75.50 -4.54
C SER B 69 11.07 -74.11 -4.20
N CYS B 70 11.97 -73.19 -3.86
CA CYS B 70 11.56 -71.82 -3.56
C CYS B 70 11.17 -71.09 -4.84
N ASP B 71 10.06 -70.37 -4.78
CA ASP B 71 9.52 -69.67 -5.94
C ASP B 71 10.18 -68.31 -6.04
N PHE B 72 11.12 -68.16 -6.98
CA PHE B 72 11.70 -66.87 -7.28
C PHE B 72 10.77 -65.99 -8.11
N GLN B 73 9.72 -66.56 -8.70
CA GLN B 73 8.69 -65.82 -9.40
C GLN B 73 7.54 -65.41 -8.49
N GLN B 74 7.78 -65.34 -7.18
CA GLN B 74 6.76 -64.91 -6.24
C GLN B 74 6.51 -63.42 -6.38
N ARG B 75 5.24 -63.05 -6.51
CA ARG B 75 4.86 -61.68 -6.82
C ARG B 75 4.09 -61.06 -5.66
N GLY B 76 4.17 -59.74 -5.56
CA GLY B 76 3.50 -59.01 -4.50
C GLY B 76 2.06 -58.69 -4.82
N ALA B 77 1.55 -57.57 -4.28
CA ALA B 77 0.16 -57.21 -4.52
C ALA B 77 -0.04 -56.65 -5.91
N VAL B 78 0.93 -55.90 -6.42
CA VAL B 78 0.84 -55.29 -7.73
C VAL B 78 1.51 -56.16 -8.80
N GLY B 79 1.88 -57.39 -8.46
CA GLY B 79 2.55 -58.25 -9.39
C GLY B 79 4.04 -58.01 -9.51
N GLU B 80 4.61 -57.19 -8.64
CA GLU B 80 6.04 -56.92 -8.68
C GLU B 80 6.81 -58.08 -8.06
N THR B 81 8.00 -58.35 -8.61
CA THR B 81 8.81 -59.45 -8.14
C THR B 81 9.70 -59.00 -6.99
N ALA B 82 10.62 -59.87 -6.57
CA ALA B 82 11.56 -59.51 -5.53
C ALA B 82 12.63 -58.57 -6.04
N LEU B 83 12.90 -58.59 -7.35
CA LEU B 83 13.87 -57.67 -7.93
C LEU B 83 13.35 -56.25 -7.96
N HIS B 84 12.03 -56.08 -8.10
CA HIS B 84 11.41 -54.76 -7.96
C HIS B 84 11.55 -54.23 -6.55
N VAL B 85 11.43 -55.12 -5.55
CA VAL B 85 11.58 -54.74 -4.16
C VAL B 85 13.03 -54.37 -3.86
N ALA B 86 13.97 -55.12 -4.43
CA ALA B 86 15.40 -54.81 -4.24
C ALA B 86 15.80 -53.53 -4.95
N ALA B 87 15.17 -53.23 -6.09
CA ALA B 87 15.44 -51.97 -6.78
C ALA B 87 14.74 -50.79 -6.10
N LEU B 88 13.64 -51.04 -5.39
CA LEU B 88 12.90 -49.96 -4.76
C LEU B 88 13.60 -49.42 -3.52
N TYR B 89 14.23 -50.30 -2.74
CA TYR B 89 14.88 -49.90 -1.50
C TYR B 89 16.39 -49.78 -1.65
N ASP B 90 16.88 -49.63 -2.89
CA ASP B 90 18.29 -49.38 -3.25
C ASP B 90 19.23 -50.48 -2.74
N ASN B 91 18.78 -51.72 -2.76
CA ASN B 91 19.61 -52.85 -2.34
C ASN B 91 20.28 -53.42 -3.59
N LEU B 92 21.53 -53.02 -3.79
CA LEU B 92 22.25 -53.43 -5.00
C LEU B 92 22.68 -54.88 -4.93
N GLU B 93 23.35 -55.27 -3.84
CA GLU B 93 23.91 -56.61 -3.73
C GLU B 93 22.83 -57.67 -3.56
N ALA B 94 21.71 -57.32 -2.93
CA ALA B 94 20.55 -58.20 -2.86
C ALA B 94 19.95 -58.42 -4.25
N ALA B 95 19.97 -57.37 -5.08
CA ALA B 95 19.52 -57.51 -6.45
C ALA B 95 20.48 -58.35 -7.28
N THR B 96 21.78 -58.32 -6.95
CA THR B 96 22.74 -59.19 -7.65
C THR B 96 22.52 -60.66 -7.29
N LEU B 97 22.23 -60.95 -6.02
CA LEU B 97 21.89 -62.33 -5.65
C LEU B 97 20.57 -62.79 -6.25
N LEU B 98 19.59 -61.89 -6.34
CA LEU B 98 18.32 -62.22 -6.98
C LEU B 98 18.48 -62.42 -8.48
N MET B 99 19.43 -61.71 -9.09
CA MET B 99 19.67 -61.85 -10.52
C MET B 99 20.45 -63.13 -10.82
N GLU B 100 21.42 -63.49 -9.97
CA GLU B 100 22.19 -64.70 -10.26
C GLU B 100 21.42 -65.95 -9.83
N ALA B 101 20.43 -65.80 -8.96
CA ALA B 101 19.54 -66.94 -8.66
C ALA B 101 18.64 -67.26 -9.84
N ALA B 102 18.09 -66.23 -10.46
CA ALA B 102 17.23 -66.38 -11.63
C ALA B 102 17.38 -65.15 -12.52
N PRO B 103 17.93 -65.29 -13.73
CA PRO B 103 18.18 -64.11 -14.56
C PRO B 103 16.93 -63.58 -15.26
N GLU B 104 15.80 -64.27 -15.18
CA GLU B 104 14.58 -63.87 -15.87
C GLU B 104 13.77 -62.83 -15.11
N LEU B 105 14.23 -62.41 -13.93
CA LEU B 105 13.52 -61.40 -13.16
C LEU B 105 13.64 -60.01 -13.79
N ALA B 106 14.64 -59.78 -14.63
CA ALA B 106 14.73 -58.53 -15.36
C ALA B 106 13.70 -58.44 -16.47
N LYS B 107 13.29 -59.58 -17.03
CA LYS B 107 12.31 -59.58 -18.11
C LYS B 107 10.89 -59.41 -17.63
N GLU B 108 10.62 -59.60 -16.34
CA GLU B 108 9.25 -59.63 -15.84
C GLU B 108 8.82 -58.25 -15.38
N PRO B 109 7.76 -57.68 -15.92
CA PRO B 109 7.18 -56.47 -15.34
C PRO B 109 6.09 -56.81 -14.32
N ALA B 110 5.59 -55.77 -13.66
CA ALA B 110 4.48 -55.95 -12.74
C ALA B 110 3.17 -56.03 -13.53
N LEU B 111 2.13 -56.54 -12.86
CA LEU B 111 0.92 -56.96 -13.56
C LEU B 111 -0.35 -56.20 -13.20
N CYS B 112 -0.48 -55.70 -11.97
CA CYS B 112 -1.75 -55.10 -11.58
C CYS B 112 -1.80 -53.62 -11.98
N GLU B 113 -3.02 -53.06 -11.90
CA GLU B 113 -3.43 -51.91 -12.71
C GLU B 113 -2.63 -50.61 -12.52
N PRO B 114 -2.28 -50.12 -11.31
CA PRO B 114 -1.50 -48.87 -11.27
C PRO B 114 -0.04 -49.02 -11.71
N PHE B 115 0.48 -50.23 -11.82
CA PHE B 115 1.85 -50.47 -12.26
C PHE B 115 1.89 -51.58 -13.31
N VAL B 116 1.04 -51.48 -14.34
CA VAL B 116 0.71 -52.63 -15.19
C VAL B 116 1.83 -52.95 -16.18
N GLY B 117 2.82 -52.07 -16.29
CA GLY B 117 3.95 -52.36 -17.15
C GLY B 117 5.32 -52.08 -16.56
N GLN B 118 5.38 -51.76 -15.28
CA GLN B 118 6.63 -51.31 -14.67
C GLN B 118 7.59 -52.47 -14.44
N THR B 119 8.82 -52.33 -14.92
CA THR B 119 9.89 -53.29 -14.68
C THR B 119 10.76 -52.79 -13.55
N ALA B 120 11.74 -53.63 -13.17
CA ALA B 120 12.70 -53.23 -12.15
C ALA B 120 13.71 -52.24 -12.71
N LEU B 121 13.86 -52.19 -14.04
CA LEU B 121 14.72 -51.22 -14.69
C LEU B 121 14.21 -49.80 -14.48
N HIS B 122 12.88 -49.61 -14.52
CA HIS B 122 12.29 -48.29 -14.29
C HIS B 122 12.56 -47.79 -12.86
N ILE B 123 12.48 -48.70 -11.89
CA ILE B 123 12.72 -48.34 -10.50
C ILE B 123 14.21 -48.06 -10.27
N ALA B 124 15.09 -48.82 -10.93
CA ALA B 124 16.52 -48.58 -10.82
C ALA B 124 16.93 -47.27 -11.47
N VAL B 125 16.27 -46.91 -12.57
CA VAL B 125 16.52 -45.64 -13.25
C VAL B 125 16.01 -44.46 -12.41
N MET B 126 14.82 -44.58 -11.81
CA MET B 126 14.33 -43.51 -10.94
C MET B 126 15.16 -43.35 -9.68
N ASN B 127 15.67 -44.46 -9.12
CA ASN B 127 16.51 -44.38 -7.95
C ASN B 127 17.93 -43.91 -8.25
N GLN B 128 18.31 -43.89 -9.54
CA GLN B 128 19.64 -43.49 -10.05
C GLN B 128 20.76 -44.32 -9.44
N ASN B 129 20.49 -45.61 -9.21
CA ASN B 129 21.51 -46.54 -8.76
C ASN B 129 22.13 -47.11 -10.02
N LEU B 130 23.23 -46.49 -10.45
CA LEU B 130 23.76 -46.68 -11.80
C LEU B 130 24.44 -48.04 -11.95
N ASN B 131 25.01 -48.56 -10.86
CA ASN B 131 25.55 -49.91 -10.88
C ASN B 131 24.45 -50.95 -11.02
N LEU B 132 23.27 -50.66 -10.46
CA LEU B 132 22.12 -51.53 -10.66
C LEU B 132 21.60 -51.45 -12.09
N VAL B 133 21.73 -50.28 -12.73
CA VAL B 133 21.36 -50.16 -14.15
C VAL B 133 22.31 -50.96 -15.02
N ARG B 134 23.63 -50.93 -14.70
CA ARG B 134 24.58 -51.78 -15.42
C ARG B 134 24.34 -53.27 -15.15
N ALA B 135 23.95 -53.62 -13.92
CA ALA B 135 23.70 -55.02 -13.60
C ALA B 135 22.43 -55.54 -14.27
N LEU B 136 21.43 -54.66 -14.43
CA LEU B 136 20.22 -55.05 -15.14
C LEU B 136 20.46 -55.14 -16.64
N LEU B 137 21.24 -54.20 -17.20
CA LEU B 137 21.49 -54.21 -18.64
C LEU B 137 22.54 -55.25 -19.03
N ALA B 138 23.30 -55.77 -18.07
CA ALA B 138 24.12 -56.95 -18.33
C ALA B 138 23.25 -58.18 -18.55
N ARG B 139 22.12 -58.25 -17.84
CA ARG B 139 21.10 -59.26 -18.10
C ARG B 139 20.18 -58.78 -19.21
N GLY B 140 19.11 -59.55 -19.45
CA GLY B 140 18.22 -59.23 -20.54
C GLY B 140 17.06 -58.32 -20.18
N ALA B 141 17.35 -57.17 -19.58
CA ALA B 141 16.32 -56.19 -19.23
C ALA B 141 16.00 -55.39 -20.49
N SER B 142 14.72 -55.34 -20.84
CA SER B 142 14.31 -54.63 -22.04
C SER B 142 14.32 -53.13 -21.82
N VAL B 143 14.93 -52.40 -22.76
CA VAL B 143 14.94 -50.95 -22.73
C VAL B 143 13.73 -50.33 -23.39
N SER B 144 12.96 -51.12 -24.13
CA SER B 144 11.73 -50.65 -24.77
C SER B 144 10.50 -50.94 -23.94
N ALA B 145 10.66 -51.17 -22.64
CA ALA B 145 9.54 -51.53 -21.78
C ALA B 145 8.68 -50.30 -21.49
N ARG B 146 7.36 -50.51 -21.57
CA ARG B 146 6.39 -49.43 -21.40
C ARG B 146 5.72 -49.62 -20.04
N ALA B 147 6.00 -48.70 -19.12
CA ALA B 147 5.39 -48.73 -17.79
C ALA B 147 4.05 -48.00 -17.82
N THR B 148 3.09 -48.63 -18.50
CA THR B 148 1.82 -48.00 -18.86
C THR B 148 0.74 -48.08 -17.77
N GLY B 149 1.14 -48.14 -16.49
CA GLY B 149 0.18 -48.11 -15.40
C GLY B 149 -0.37 -46.72 -15.15
N ALA B 150 -1.38 -46.68 -14.28
CA ALA B 150 -2.04 -45.42 -13.96
C ALA B 150 -1.23 -44.54 -13.02
N ALA B 151 -0.16 -45.07 -12.41
CA ALA B 151 0.72 -44.25 -11.59
C ALA B 151 1.80 -43.54 -12.40
N PHE B 152 1.82 -43.75 -13.71
CA PHE B 152 2.80 -43.14 -14.59
C PHE B 152 2.16 -42.23 -15.64
N ARG B 153 0.84 -42.11 -15.63
CA ARG B 153 0.16 -41.22 -16.56
C ARG B 153 0.32 -39.77 -16.14
N ARG B 154 0.01 -38.86 -17.07
CA ARG B 154 -0.04 -37.44 -16.76
C ARG B 154 -1.44 -37.14 -16.22
N SER B 155 -1.53 -37.02 -14.91
CA SER B 155 -2.81 -36.78 -14.23
C SER B 155 -2.54 -35.87 -13.05
N PRO B 156 -3.57 -35.16 -12.56
CA PRO B 156 -3.43 -34.46 -11.27
C PRO B 156 -3.26 -35.40 -10.08
N HIS B 157 -3.64 -36.68 -10.21
CA HIS B 157 -3.41 -37.64 -9.15
C HIS B 157 -1.92 -37.93 -8.97
N ASN B 158 -1.22 -38.16 -10.07
CA ASN B 158 0.21 -38.43 -10.01
C ASN B 158 1.00 -37.16 -9.80
N LEU B 159 1.95 -37.21 -8.86
CA LEU B 159 2.73 -36.03 -8.52
C LEU B 159 3.80 -35.73 -9.56
N ILE B 160 4.25 -36.73 -10.32
CA ILE B 160 5.21 -36.53 -11.39
C ILE B 160 4.63 -37.10 -12.68
N TYR B 161 5.23 -36.69 -13.79
CA TYR B 161 4.99 -37.33 -15.08
C TYR B 161 6.34 -37.52 -15.74
N TYR B 162 6.82 -38.76 -15.76
CA TYR B 162 8.12 -39.07 -16.33
C TYR B 162 8.01 -39.89 -17.61
N GLY B 163 6.83 -40.40 -17.93
CA GLY B 163 6.65 -41.23 -19.10
C GLY B 163 6.41 -42.68 -18.75
N GLU B 164 6.73 -43.53 -19.73
CA GLU B 164 6.64 -44.97 -19.63
C GLU B 164 7.91 -45.71 -20.03
N HIS B 165 8.77 -45.09 -20.81
CA HIS B 165 10.02 -45.73 -21.18
C HIS B 165 11.14 -45.35 -20.20
N PRO B 166 12.12 -46.23 -19.98
CA PRO B 166 13.22 -45.89 -19.06
C PRO B 166 14.12 -44.77 -19.54
N LEU B 167 14.14 -44.49 -20.85
CA LEU B 167 14.95 -43.40 -21.38
C LEU B 167 14.38 -42.04 -20.96
N SER B 168 13.05 -41.90 -21.02
CA SER B 168 12.41 -40.69 -20.54
C SER B 168 12.51 -40.57 -19.02
N PHE B 169 12.53 -41.70 -18.33
CA PHE B 169 12.76 -41.73 -16.88
C PHE B 169 14.15 -41.21 -16.54
N ALA B 170 15.16 -41.63 -17.30
CA ALA B 170 16.53 -41.21 -17.05
C ALA B 170 16.75 -39.76 -17.47
N ALA B 171 16.03 -39.31 -18.49
CA ALA B 171 16.09 -37.90 -18.87
C ALA B 171 15.45 -37.02 -17.81
N CYS B 172 14.33 -37.48 -17.23
CA CYS B 172 13.61 -36.65 -16.29
C CYS B 172 14.21 -36.67 -14.89
N VAL B 173 14.94 -37.73 -14.52
CA VAL B 173 15.67 -37.65 -13.25
C VAL B 173 16.99 -36.89 -13.45
N GLY B 174 17.42 -36.71 -14.69
CA GLY B 174 18.58 -35.91 -14.99
C GLY B 174 19.91 -36.60 -14.90
N SER B 175 19.96 -37.92 -14.98
CA SER B 175 21.22 -38.65 -14.93
C SER B 175 21.75 -38.77 -16.35
N GLU B 176 22.96 -38.21 -16.57
CA GLU B 176 23.54 -38.17 -17.90
C GLU B 176 24.05 -39.55 -18.32
N GLU B 177 24.70 -40.25 -17.38
CA GLU B 177 25.40 -41.48 -17.70
C GLU B 177 24.43 -42.64 -17.88
N ILE B 178 23.29 -42.61 -17.18
CA ILE B 178 22.25 -43.62 -17.40
C ILE B 178 21.62 -43.46 -18.77
N VAL B 179 21.47 -42.19 -19.23
CA VAL B 179 20.97 -41.93 -20.58
C VAL B 179 21.94 -42.45 -21.63
N ARG B 180 23.25 -42.19 -21.43
CA ARG B 180 24.28 -42.68 -22.35
C ARG B 180 24.36 -44.21 -22.34
N LEU B 181 24.18 -44.82 -21.17
CA LEU B 181 24.25 -46.27 -21.05
C LEU B 181 23.02 -46.94 -21.66
N LEU B 182 21.87 -46.28 -21.61
CA LEU B 182 20.69 -46.78 -22.31
C LEU B 182 20.84 -46.63 -23.82
N ILE B 183 21.52 -45.57 -24.26
CA ILE B 183 21.85 -45.40 -25.68
C ILE B 183 22.80 -46.50 -26.15
N GLU B 184 23.71 -46.92 -25.28
CA GLU B 184 24.67 -47.98 -25.62
C GLU B 184 24.00 -49.34 -25.83
N HIS B 185 22.80 -49.55 -25.27
CA HIS B 185 22.02 -50.77 -25.49
C HIS B 185 20.60 -50.38 -25.90
N GLY B 186 20.42 -50.14 -27.20
CA GLY B 186 19.09 -49.87 -27.72
C GLY B 186 18.59 -48.49 -27.33
N ALA B 187 17.30 -48.43 -26.96
CA ALA B 187 16.59 -47.26 -26.42
C ALA B 187 16.62 -46.09 -27.40
N ASP B 188 15.88 -46.27 -28.50
CA ASP B 188 15.73 -45.24 -29.52
C ASP B 188 15.04 -44.01 -28.94
N ILE B 189 15.43 -42.84 -29.46
CA ILE B 189 14.96 -41.58 -28.93
C ILE B 189 13.49 -41.37 -29.29
N ARG B 190 13.12 -41.69 -30.53
CA ARG B 190 11.79 -41.42 -31.05
C ARG B 190 10.76 -42.43 -30.56
N ALA B 191 10.46 -42.42 -29.27
CA ALA B 191 9.47 -43.32 -28.69
C ALA B 191 8.29 -42.49 -28.23
N GLN B 192 7.11 -42.80 -28.76
CA GLN B 192 5.88 -42.10 -28.41
C GLN B 192 5.04 -42.98 -27.49
N ASP B 193 4.47 -42.35 -26.48
CA ASP B 193 3.72 -43.03 -25.45
C ASP B 193 2.21 -43.02 -25.76
N SER B 194 1.40 -43.28 -24.74
CA SER B 194 -0.05 -43.23 -24.87
C SER B 194 -0.55 -41.82 -25.13
N LEU B 195 0.15 -40.80 -24.62
CA LEU B 195 -0.13 -39.42 -24.97
C LEU B 195 0.57 -38.97 -26.24
N GLY B 196 1.37 -39.84 -26.86
CA GLY B 196 2.13 -39.49 -28.03
C GLY B 196 3.41 -38.73 -27.75
N ASN B 197 3.76 -38.54 -26.48
CA ASN B 197 4.89 -37.70 -26.12
C ASN B 197 6.21 -38.43 -26.36
N THR B 198 7.11 -37.77 -27.07
CA THR B 198 8.51 -38.13 -27.20
C THR B 198 9.19 -37.66 -25.91
N VAL B 199 10.42 -38.14 -25.65
CA VAL B 199 11.22 -37.77 -24.48
C VAL B 199 11.48 -36.26 -24.41
N LEU B 200 11.52 -35.58 -25.57
CA LEU B 200 11.64 -34.13 -25.61
C LEU B 200 10.39 -33.44 -25.05
N HIS B 201 9.20 -33.99 -25.33
CA HIS B 201 7.94 -33.45 -24.79
C HIS B 201 7.90 -33.54 -23.28
N ILE B 202 8.24 -34.71 -22.73
CA ILE B 202 8.19 -34.95 -21.29
C ILE B 202 9.27 -34.14 -20.60
N LEU B 203 10.41 -33.95 -21.26
CA LEU B 203 11.47 -33.11 -20.73
C LEU B 203 11.08 -31.64 -20.71
N ILE B 204 10.25 -31.21 -21.67
CA ILE B 204 9.68 -29.87 -21.63
C ILE B 204 8.68 -29.74 -20.48
N LEU B 205 7.89 -30.79 -20.24
CA LEU B 205 6.85 -30.75 -19.21
C LEU B 205 7.39 -30.79 -17.78
N GLN B 206 8.69 -31.01 -17.58
CA GLN B 206 9.27 -31.04 -16.25
C GLN B 206 9.29 -29.63 -15.64
N PRO B 207 9.10 -29.51 -14.31
CA PRO B 207 9.05 -28.18 -13.68
C PRO B 207 10.40 -27.49 -13.59
N ASN B 208 11.47 -28.25 -13.40
CA ASN B 208 12.81 -27.70 -13.28
C ASN B 208 13.45 -27.74 -14.67
N LYS B 209 13.74 -26.56 -15.22
CA LYS B 209 13.96 -26.44 -16.66
C LYS B 209 15.45 -26.33 -17.01
N THR B 210 16.23 -25.57 -16.23
CA THR B 210 17.60 -25.25 -16.61
C THR B 210 18.53 -26.45 -16.49
N PHE B 211 18.25 -27.36 -15.55
CA PHE B 211 19.03 -28.59 -15.46
C PHE B 211 18.58 -29.59 -16.53
N ALA B 212 17.36 -29.44 -17.03
CA ALA B 212 16.86 -30.28 -18.12
C ALA B 212 17.25 -29.79 -19.51
N CYS B 213 17.73 -28.54 -19.63
CA CYS B 213 18.19 -28.05 -20.92
C CYS B 213 19.46 -28.75 -21.38
N GLN B 214 20.34 -29.11 -20.44
CA GLN B 214 21.53 -29.89 -20.77
C GLN B 214 21.16 -31.29 -21.24
N MET B 215 20.13 -31.88 -20.63
CA MET B 215 19.64 -33.17 -21.06
C MET B 215 18.97 -33.09 -22.42
N TYR B 216 18.32 -31.96 -22.72
CA TYR B 216 17.75 -31.73 -24.05
C TYR B 216 18.85 -31.62 -25.11
N ASN B 217 19.96 -30.94 -24.75
CA ASN B 217 21.15 -30.89 -25.62
C ASN B 217 21.72 -32.27 -25.87
N LEU B 218 21.82 -33.10 -24.83
CA LEU B 218 22.39 -34.43 -24.99
C LEU B 218 21.47 -35.35 -25.79
N LEU B 219 20.16 -35.19 -25.61
CA LEU B 219 19.21 -36.02 -26.35
C LEU B 219 19.12 -35.58 -27.81
N LEU B 220 19.34 -34.28 -28.08
CA LEU B 220 19.43 -33.85 -29.47
C LEU B 220 20.76 -34.24 -30.10
N SER B 221 21.80 -34.50 -29.29
CA SER B 221 23.09 -34.91 -29.82
C SER B 221 23.08 -36.30 -30.43
N TYR B 222 22.13 -37.15 -30.06
CA TYR B 222 22.01 -38.50 -30.63
C TYR B 222 20.94 -38.58 -31.72
N ASP B 223 20.76 -37.52 -32.50
CA ASP B 223 19.74 -37.47 -33.53
C ASP B 223 20.38 -37.79 -34.88
N GLU B 224 19.85 -38.81 -35.57
CA GLU B 224 20.32 -39.20 -36.88
C GLU B 224 19.31 -38.94 -37.99
N HIS B 225 18.11 -38.45 -37.64
CA HIS B 225 17.01 -38.08 -38.54
C HIS B 225 16.55 -39.23 -39.45
N GLN B 230 11.60 -36.48 -41.87
CA GLN B 230 10.98 -36.16 -40.59
C GLN B 230 12.02 -36.13 -39.48
N SER B 231 12.12 -34.99 -38.81
CA SER B 231 13.10 -34.83 -37.76
C SER B 231 12.54 -35.29 -36.41
N LEU B 232 13.44 -35.37 -35.43
CA LEU B 232 13.04 -35.66 -34.06
C LEU B 232 12.27 -34.51 -33.43
N GLU B 233 12.69 -33.27 -33.73
CA GLU B 233 12.08 -32.10 -33.11
C GLU B 233 10.70 -31.79 -33.68
N LEU B 234 10.40 -32.22 -34.91
CA LEU B 234 9.15 -31.84 -35.56
C LEU B 234 8.04 -32.86 -35.45
N VAL B 235 8.24 -33.99 -34.77
CA VAL B 235 7.18 -34.99 -34.68
C VAL B 235 6.21 -34.58 -33.59
N PRO B 236 4.90 -34.64 -33.83
CA PRO B 236 3.94 -34.21 -32.82
C PRO B 236 3.44 -35.35 -31.94
N ASN B 237 2.73 -34.95 -30.88
CA ASN B 237 2.03 -35.90 -30.02
C ASN B 237 0.60 -36.09 -30.51
N HIS B 238 -0.25 -36.70 -29.68
CA HIS B 238 -1.64 -36.93 -30.07
C HIS B 238 -2.49 -35.67 -30.01
N GLN B 239 -2.03 -34.61 -29.36
CA GLN B 239 -2.66 -33.31 -29.45
C GLN B 239 -2.17 -32.51 -30.66
N GLY B 240 -1.23 -33.05 -31.43
CA GLY B 240 -0.67 -32.36 -32.57
C GLY B 240 0.42 -31.37 -32.23
N LEU B 241 0.80 -31.24 -30.97
CA LEU B 241 1.77 -30.24 -30.56
C LEU B 241 3.18 -30.71 -30.84
N THR B 242 3.96 -29.86 -31.48
CA THR B 242 5.40 -29.95 -31.61
C THR B 242 6.02 -29.64 -30.25
N PRO B 243 7.24 -30.14 -29.96
CA PRO B 243 7.97 -29.65 -28.77
C PRO B 243 8.20 -28.15 -28.72
N PHE B 244 8.34 -27.49 -29.88
CA PHE B 244 8.30 -26.04 -29.94
C PHE B 244 6.95 -25.50 -29.47
N LYS B 245 5.86 -26.11 -29.96
CA LYS B 245 4.52 -25.69 -29.57
C LYS B 245 4.22 -26.05 -28.12
N LEU B 246 4.76 -27.17 -27.63
CA LEU B 246 4.56 -27.53 -26.23
C LEU B 246 5.36 -26.62 -25.30
N ALA B 247 6.54 -26.18 -25.73
CA ALA B 247 7.30 -25.22 -24.94
C ALA B 247 6.61 -23.86 -24.92
N GLY B 248 5.95 -23.50 -26.02
CA GLY B 248 5.16 -22.28 -26.02
C GLY B 248 3.90 -22.37 -25.15
N VAL B 249 3.21 -23.51 -25.20
CA VAL B 249 1.93 -23.65 -24.49
C VAL B 249 2.16 -23.74 -22.98
N GLU B 250 3.16 -24.52 -22.56
CA GLU B 250 3.38 -24.78 -21.13
C GLU B 250 4.10 -23.64 -20.42
N GLY B 251 4.48 -22.57 -21.11
CA GLY B 251 5.14 -21.48 -20.43
C GLY B 251 6.61 -21.70 -20.18
N ASN B 252 7.21 -22.67 -20.85
CA ASN B 252 8.62 -22.99 -20.65
C ASN B 252 9.46 -21.97 -21.42
N THR B 253 9.71 -20.83 -20.76
CA THR B 253 10.43 -19.73 -21.41
C THR B 253 11.92 -20.04 -21.55
N VAL B 254 12.47 -20.80 -20.60
CA VAL B 254 13.88 -21.21 -20.66
C VAL B 254 14.09 -22.16 -21.83
N MET B 255 13.18 -23.12 -22.01
CA MET B 255 13.28 -24.05 -23.12
C MET B 255 12.95 -23.38 -24.44
N PHE B 256 12.09 -22.36 -24.42
CA PHE B 256 11.80 -21.59 -25.63
C PHE B 256 13.02 -20.79 -26.09
N GLN B 257 13.74 -20.18 -25.14
CA GLN B 257 14.96 -19.47 -25.47
C GLN B 257 16.04 -20.42 -25.95
N HIS B 258 16.11 -21.63 -25.35
CA HIS B 258 17.04 -22.65 -25.81
C HIS B 258 16.71 -23.13 -27.22
N LEU B 259 15.42 -23.28 -27.53
CA LEU B 259 15.01 -23.71 -28.86
C LEU B 259 15.22 -22.60 -29.90
N MET B 260 15.17 -21.34 -29.49
CA MET B 260 15.45 -20.27 -30.44
C MET B 260 16.92 -19.87 -30.51
N GLN B 261 17.79 -20.43 -29.66
CA GLN B 261 19.21 -20.31 -29.95
C GLN B 261 19.59 -21.06 -31.23
N LYS B 262 18.96 -22.20 -31.48
CA LYS B 262 19.25 -22.99 -32.67
C LYS B 262 18.44 -22.56 -33.89
N ARG B 263 17.48 -21.64 -33.72
CA ARG B 263 16.71 -21.10 -34.83
C ARG B 263 17.07 -19.68 -35.17
N LYS B 264 18.21 -19.19 -34.69
CA LYS B 264 18.65 -17.84 -34.98
C LYS B 264 20.04 -17.86 -35.61
N HIS B 265 20.34 -16.80 -36.36
CA HIS B 265 21.64 -16.64 -37.00
C HIS B 265 22.04 -15.18 -36.85
N VAL B 266 23.18 -14.94 -36.22
CA VAL B 266 23.67 -13.58 -36.05
C VAL B 266 24.24 -13.12 -37.39
N GLN B 267 23.59 -12.11 -38.00
CA GLN B 267 24.08 -11.56 -39.27
C GLN B 267 25.40 -10.84 -39.06
N TRP B 268 25.45 -9.94 -38.10
CA TRP B 268 26.70 -9.27 -37.75
C TRP B 268 26.63 -8.75 -36.33
N THR B 269 27.78 -8.45 -35.78
CA THR B 269 27.89 -7.64 -34.57
C THR B 269 28.87 -6.52 -34.85
N CYS B 270 28.63 -5.37 -34.23
CA CYS B 270 29.49 -4.20 -34.37
C CYS B 270 29.40 -3.41 -33.09
N GLY B 271 30.46 -3.50 -32.29
CA GLY B 271 30.58 -2.79 -31.04
C GLY B 271 29.53 -3.16 -30.03
N PRO B 272 28.60 -2.22 -29.77
CA PRO B 272 27.51 -2.52 -28.85
C PRO B 272 26.30 -3.18 -29.51
N LEU B 273 26.11 -3.06 -30.83
CA LEU B 273 24.86 -3.47 -31.43
C LEU B 273 25.07 -4.60 -32.42
N THR B 274 24.14 -5.56 -32.40
CA THR B 274 24.22 -6.71 -33.29
C THR B 274 22.89 -6.93 -33.98
N SER B 275 22.96 -7.42 -35.21
CA SER B 275 21.81 -7.79 -36.01
C SER B 275 21.80 -9.30 -36.18
N THR B 276 20.66 -9.92 -35.84
CA THR B 276 20.50 -11.36 -35.88
C THR B 276 19.16 -11.70 -36.53
N LEU B 277 19.13 -12.83 -37.23
CA LEU B 277 17.97 -13.24 -38.02
C LEU B 277 17.32 -14.43 -37.34
N TYR B 278 16.06 -14.29 -36.95
CA TYR B 278 15.33 -15.39 -36.35
C TYR B 278 14.50 -16.09 -37.40
N ASP B 279 14.56 -17.42 -37.40
CA ASP B 279 13.68 -18.21 -38.24
C ASP B 279 12.26 -18.13 -37.70
N LEU B 280 11.32 -17.81 -38.60
CA LEU B 280 9.96 -17.50 -38.21
C LEU B 280 8.99 -18.59 -38.65
N THR B 281 9.51 -19.75 -39.04
CA THR B 281 8.67 -20.83 -39.56
C THR B 281 7.84 -21.47 -38.45
N GLU B 282 8.46 -21.76 -37.31
CA GLU B 282 7.76 -22.40 -36.21
C GLU B 282 6.88 -21.43 -35.43
N ILE B 283 7.10 -20.12 -35.60
CA ILE B 283 6.36 -19.13 -34.81
C ILE B 283 5.18 -18.56 -35.57
N ASP B 284 5.38 -18.20 -36.84
CA ASP B 284 4.29 -17.57 -37.60
C ASP B 284 3.20 -18.57 -37.97
N SER B 285 3.60 -19.78 -38.37
CA SER B 285 2.74 -20.94 -38.66
C SER B 285 1.71 -20.61 -39.76
N TRP B 286 2.26 -20.42 -40.96
CA TRP B 286 1.50 -19.90 -42.10
C TRP B 286 0.43 -20.88 -42.58
N GLY B 287 0.86 -22.07 -42.99
CA GLY B 287 -0.10 -23.03 -43.54
C GLY B 287 -0.92 -23.74 -42.49
N GLU B 288 -0.55 -23.63 -41.21
CA GLU B 288 -1.27 -24.32 -40.15
C GLU B 288 -2.58 -23.62 -39.84
N GLU B 289 -3.63 -24.42 -39.62
CA GLU B 289 -4.93 -23.86 -39.26
C GLU B 289 -4.94 -23.39 -37.82
N LEU B 290 -4.32 -24.14 -36.92
CA LEU B 290 -4.12 -23.73 -35.53
C LEU B 290 -2.67 -23.29 -35.41
N SER B 291 -2.44 -21.99 -35.37
CA SER B 291 -1.11 -21.45 -35.40
C SER B 291 -0.44 -21.55 -34.03
N PHE B 292 0.85 -21.22 -34.00
CA PHE B 292 1.62 -21.30 -32.76
C PHE B 292 1.19 -20.22 -31.78
N LEU B 293 0.99 -19.00 -32.26
CA LEU B 293 0.62 -17.87 -31.40
C LEU B 293 -0.79 -18.04 -30.84
N GLU B 294 -1.69 -18.60 -31.65
CA GLU B 294 -3.04 -18.92 -31.19
C GLU B 294 -3.02 -20.02 -30.14
N LEU B 295 -2.09 -20.98 -30.28
CA LEU B 295 -1.95 -22.04 -29.28
C LEU B 295 -1.39 -21.50 -27.98
N VAL B 296 -0.49 -20.52 -28.05
CA VAL B 296 0.11 -19.97 -26.84
C VAL B 296 -0.87 -19.06 -26.11
N VAL B 297 -1.61 -18.21 -26.85
CA VAL B 297 -2.44 -17.21 -26.18
C VAL B 297 -3.72 -17.82 -25.62
N SER B 298 -4.18 -18.94 -26.17
CA SER B 298 -5.39 -19.61 -25.70
C SER B 298 -5.09 -20.81 -24.83
N SER B 299 -3.90 -20.86 -24.24
CA SER B 299 -3.51 -21.96 -23.38
C SER B 299 -3.96 -21.71 -21.94
N LYS B 300 -4.29 -22.80 -21.25
CA LYS B 300 -4.73 -22.71 -19.87
C LYS B 300 -3.59 -22.36 -18.92
N LYS B 301 -2.36 -22.68 -19.27
CA LYS B 301 -1.22 -22.38 -18.40
C LYS B 301 -0.91 -20.89 -18.43
N ARG B 302 -0.68 -20.32 -17.26
CA ARG B 302 -0.66 -18.87 -17.12
C ARG B 302 0.69 -18.32 -17.60
N GLU B 303 1.76 -19.08 -17.35
CA GLU B 303 3.14 -18.70 -17.64
C GLU B 303 3.44 -18.60 -19.13
N ALA B 304 2.56 -19.12 -20.00
CA ALA B 304 2.64 -18.91 -21.43
C ALA B 304 2.55 -17.44 -21.83
N ARG B 305 1.95 -16.59 -20.98
CA ARG B 305 2.01 -15.15 -21.20
C ARG B 305 3.44 -14.61 -21.17
N GLN B 306 4.31 -15.19 -20.32
CA GLN B 306 5.72 -14.80 -20.37
C GLN B 306 6.44 -15.33 -21.60
N ILE B 307 5.87 -16.34 -22.28
CA ILE B 307 6.30 -16.74 -23.62
C ILE B 307 6.16 -15.58 -24.59
N LEU B 308 5.18 -14.70 -24.36
CA LEU B 308 5.00 -13.57 -25.25
C LEU B 308 6.06 -12.49 -25.03
N GLU B 309 6.80 -12.55 -23.92
CA GLU B 309 7.84 -11.58 -23.65
C GLU B 309 9.16 -11.91 -24.35
N GLN B 310 9.30 -13.12 -24.88
CA GLN B 310 10.53 -13.51 -25.55
C GLN B 310 10.62 -12.83 -26.90
N THR B 311 11.86 -12.68 -27.41
CA THR B 311 12.16 -11.61 -28.36
C THR B 311 11.51 -11.74 -29.74
N PRO B 312 11.70 -12.83 -30.55
CA PRO B 312 11.18 -12.75 -31.94
C PRO B 312 9.66 -12.81 -32.03
N VAL B 313 9.03 -13.42 -31.02
CA VAL B 313 7.58 -13.36 -30.84
C VAL B 313 7.15 -11.93 -30.56
N LYS B 314 7.92 -11.22 -29.73
CA LYS B 314 7.56 -9.86 -29.33
C LYS B 314 7.67 -8.87 -30.49
N GLU B 315 8.77 -8.92 -31.26
CA GLU B 315 8.85 -8.03 -32.41
C GLU B 315 7.95 -8.49 -33.56
N LEU B 316 7.60 -9.78 -33.61
CA LEU B 316 6.65 -10.25 -34.62
C LEU B 316 5.25 -9.70 -34.38
N VAL B 317 4.78 -9.76 -33.13
CA VAL B 317 3.48 -9.20 -32.79
C VAL B 317 3.50 -7.67 -32.87
N SER B 318 4.62 -7.04 -32.50
CA SER B 318 4.73 -5.59 -32.60
C SER B 318 4.66 -5.12 -34.06
N PHE B 319 5.30 -5.87 -34.97
CA PHE B 319 5.18 -5.56 -36.39
C PHE B 319 3.76 -5.83 -36.92
N LYS B 320 3.15 -6.94 -36.49
CA LYS B 320 1.81 -7.29 -36.97
C LYS B 320 0.75 -6.33 -36.46
N TRP B 321 0.91 -5.85 -35.22
CA TRP B 321 -0.08 -4.97 -34.61
C TRP B 321 0.08 -3.54 -35.07
N LYS B 322 1.32 -3.05 -35.14
CA LYS B 322 1.53 -1.67 -35.58
C LYS B 322 1.32 -1.54 -37.09
N LYS B 323 1.72 -2.54 -37.85
CA LYS B 323 1.62 -2.45 -39.30
C LYS B 323 0.19 -2.71 -39.77
N TYR B 324 -0.47 -3.71 -39.22
CA TYR B 324 -1.79 -4.08 -39.73
C TYR B 324 -2.87 -4.15 -38.68
N GLY B 325 -2.55 -4.62 -37.46
CA GLY B 325 -3.60 -4.98 -36.52
C GLY B 325 -4.34 -3.81 -35.92
N ARG B 326 -3.61 -2.78 -35.48
CA ARG B 326 -4.21 -1.56 -34.95
C ARG B 326 -5.05 -0.75 -35.95
N PRO B 327 -4.65 -0.51 -37.22
CA PRO B 327 -5.59 0.19 -38.12
C PRO B 327 -6.84 -0.59 -38.47
N TYR B 328 -6.73 -1.91 -38.62
CA TYR B 328 -7.89 -2.74 -38.92
C TYR B 328 -8.83 -2.81 -37.72
N PHE B 329 -8.27 -2.90 -36.50
CA PHE B 329 -9.08 -2.88 -35.30
C PHE B 329 -9.72 -1.52 -35.08
N CYS B 330 -9.03 -0.44 -35.47
CA CYS B 330 -9.59 0.90 -35.31
C CYS B 330 -10.73 1.16 -36.30
N VAL B 331 -10.60 0.69 -37.54
CA VAL B 331 -11.70 0.89 -38.49
C VAL B 331 -12.87 -0.03 -38.17
N LEU B 332 -12.60 -1.21 -37.58
CA LEU B 332 -13.69 -2.07 -37.13
C LEU B 332 -14.39 -1.47 -35.91
N ALA B 333 -13.62 -0.81 -35.03
CA ALA B 333 -14.19 -0.12 -33.87
C ALA B 333 -15.07 1.04 -34.28
N SER B 334 -14.61 1.85 -35.25
CA SER B 334 -15.40 2.98 -35.72
C SER B 334 -16.64 2.51 -36.48
N LEU B 335 -16.53 1.41 -37.23
CA LEU B 335 -17.67 0.86 -37.95
C LEU B 335 -18.71 0.29 -36.99
N TYR B 336 -18.26 -0.36 -35.91
CA TYR B 336 -19.19 -0.85 -34.90
C TYR B 336 -19.83 0.29 -34.12
N ILE B 337 -19.11 1.39 -33.89
CA ILE B 337 -19.69 2.55 -33.21
C ILE B 337 -20.75 3.21 -34.08
N LEU B 338 -20.51 3.31 -35.39
CA LEU B 338 -21.51 3.83 -36.32
C LEU B 338 -22.72 2.90 -36.42
N TYR B 339 -22.49 1.59 -36.33
CA TYR B 339 -23.58 0.63 -36.34
C TYR B 339 -24.44 0.73 -35.08
N MET B 340 -23.80 0.93 -33.92
CA MET B 340 -24.54 1.24 -32.68
C MET B 340 -25.31 2.54 -32.76
N ILE B 341 -24.76 3.56 -33.42
CA ILE B 341 -25.45 4.84 -33.54
C ILE B 341 -26.69 4.69 -34.43
N CYS B 342 -26.58 3.90 -35.50
CA CYS B 342 -27.73 3.61 -36.36
C CYS B 342 -28.80 2.79 -35.64
N PHE B 343 -28.37 1.80 -34.84
CA PHE B 343 -29.29 1.00 -34.04
C PHE B 343 -29.98 1.83 -32.97
N THR B 344 -29.24 2.72 -32.32
CA THR B 344 -29.80 3.59 -31.29
C THR B 344 -30.79 4.58 -31.88
N THR B 345 -30.48 5.12 -33.06
CA THR B 345 -31.38 6.07 -33.71
C THR B 345 -32.65 5.40 -34.19
N CYS B 346 -32.57 4.16 -34.67
CA CYS B 346 -33.80 3.46 -35.00
C CYS B 346 -34.52 2.89 -33.77
N CYS B 347 -33.86 2.84 -32.61
CA CYS B 347 -34.53 2.60 -31.35
C CYS B 347 -35.29 3.80 -30.80
N ILE B 348 -34.74 5.01 -30.96
CA ILE B 348 -35.40 6.21 -30.43
C ILE B 348 -36.66 6.51 -31.24
N TYR B 349 -36.58 6.39 -32.56
CA TYR B 349 -37.65 6.77 -33.46
C TYR B 349 -38.61 5.63 -33.78
N ARG B 350 -38.73 4.65 -32.89
CA ARG B 350 -39.55 3.46 -33.10
C ARG B 350 -41.03 3.83 -33.18
N PRO B 351 -41.84 3.10 -33.95
CA PRO B 351 -43.22 3.53 -34.19
C PRO B 351 -44.11 3.34 -32.98
N LEU B 352 -44.67 4.45 -32.49
CA LEU B 352 -45.53 4.45 -31.32
C LEU B 352 -46.74 5.34 -31.60
N LYS B 353 -47.90 4.91 -31.13
CA LYS B 353 -49.15 5.64 -31.34
C LYS B 353 -49.89 5.76 -30.02
N LEU B 354 -50.79 6.73 -29.94
CA LEU B 354 -51.60 6.93 -28.75
C LEU B 354 -52.56 5.75 -28.54
N ARG B 355 -52.68 5.30 -27.29
CA ARG B 355 -53.44 4.11 -27.00
C ARG B 355 -54.95 4.37 -27.15
N ASP B 356 -55.64 3.40 -27.76
CA ASP B 356 -57.07 3.54 -28.00
C ASP B 356 -57.87 3.32 -26.72
N ASP B 357 -57.48 2.35 -25.90
CA ASP B 357 -58.19 2.07 -24.67
C ASP B 357 -57.89 3.12 -23.60
N ASN B 358 -58.86 3.33 -22.72
CA ASN B 358 -58.74 4.33 -21.68
C ASN B 358 -57.98 3.78 -20.46
N ARG B 359 -57.53 4.70 -19.61
CA ARG B 359 -56.64 4.35 -18.51
C ARG B 359 -57.43 3.80 -17.33
N THR B 360 -58.30 4.62 -16.73
CA THR B 360 -59.25 4.28 -15.64
C THR B 360 -58.57 3.68 -14.42
N ASP B 361 -57.37 4.16 -14.12
CA ASP B 361 -56.57 3.70 -13.00
C ASP B 361 -55.60 4.82 -12.65
N PRO B 362 -55.62 5.33 -11.41
CA PRO B 362 -54.67 6.38 -11.03
C PRO B 362 -53.23 5.91 -10.98
N ARG B 363 -53.00 4.61 -10.77
CA ARG B 363 -51.65 4.09 -10.84
C ARG B 363 -51.16 3.90 -12.26
N ASP B 364 -52.07 3.79 -13.23
CA ASP B 364 -51.67 3.56 -14.62
C ASP B 364 -51.02 4.80 -15.22
N ILE B 365 -49.93 4.57 -15.94
CA ILE B 365 -49.02 5.64 -16.36
C ILE B 365 -48.80 5.65 -17.86
N THR B 366 -49.02 4.55 -18.57
CA THR B 366 -48.81 4.49 -20.01
C THR B 366 -49.85 5.31 -20.76
N ILE B 367 -49.38 6.27 -21.55
CA ILE B 367 -50.26 7.12 -22.33
C ILE B 367 -50.28 6.74 -23.80
N LEU B 368 -49.34 5.92 -24.26
CA LEU B 368 -49.28 5.52 -25.65
C LEU B 368 -48.65 4.12 -25.73
N GLN B 369 -48.84 3.48 -26.87
CA GLN B 369 -48.52 2.06 -27.05
C GLN B 369 -47.79 1.87 -28.37
N GLN B 370 -47.47 0.60 -28.66
CA GLN B 370 -46.78 0.25 -29.90
C GLN B 370 -47.70 0.43 -31.10
N LYS B 371 -47.10 0.73 -32.24
CA LYS B 371 -47.83 0.90 -33.47
C LYS B 371 -47.87 -0.41 -34.24
N LEU B 372 -48.97 -0.62 -34.97
CA LEU B 372 -49.12 -1.82 -35.78
C LEU B 372 -48.20 -1.76 -36.99
N LEU B 373 -47.90 -2.93 -37.55
CA LEU B 373 -46.96 -3.03 -38.67
C LEU B 373 -47.55 -2.45 -39.95
N GLN B 374 -48.87 -2.47 -40.07
CA GLN B 374 -49.54 -1.94 -41.26
C GLN B 374 -49.46 -0.42 -41.29
N GLU B 375 -49.39 0.21 -40.13
CA GLU B 375 -49.29 1.66 -40.03
C GLU B 375 -47.93 2.14 -39.56
N ALA B 376 -46.95 1.24 -39.43
CA ALA B 376 -45.64 1.64 -38.94
C ALA B 376 -44.85 2.38 -40.01
N TYR B 377 -45.08 2.07 -41.28
CA TYR B 377 -44.29 2.62 -42.39
C TYR B 377 -45.24 3.28 -43.38
N VAL B 378 -45.58 4.55 -43.13
CA VAL B 378 -46.49 5.29 -44.01
C VAL B 378 -45.85 6.59 -44.48
N THR B 379 -44.79 7.04 -43.82
CA THR B 379 -44.18 8.33 -44.13
C THR B 379 -42.73 8.15 -44.58
N HIS B 380 -42.09 9.28 -44.88
CA HIS B 380 -40.71 9.27 -45.37
C HIS B 380 -39.73 8.97 -44.24
N GLN B 381 -39.98 9.53 -43.05
CA GLN B 381 -39.12 9.28 -41.90
C GLN B 381 -39.23 7.84 -41.43
N ASP B 382 -40.39 7.21 -41.62
CA ASP B 382 -40.53 5.80 -41.32
C ASP B 382 -39.78 4.94 -42.34
N ASN B 383 -39.62 5.44 -43.57
CA ASN B 383 -38.79 4.73 -44.55
C ASN B 383 -37.30 4.87 -44.23
N ILE B 384 -36.89 6.03 -43.69
CA ILE B 384 -35.52 6.20 -43.21
C ILE B 384 -35.24 5.28 -42.02
N ARG B 385 -36.23 5.15 -41.12
CA ARG B 385 -36.10 4.18 -40.05
C ARG B 385 -36.14 2.73 -40.57
N LEU B 386 -36.82 2.50 -41.69
CA LEU B 386 -36.84 1.17 -42.30
C LEU B 386 -35.47 0.79 -42.86
N VAL B 387 -34.79 1.72 -43.54
CA VAL B 387 -33.46 1.39 -44.06
C VAL B 387 -32.44 1.31 -42.92
N GLY B 388 -32.66 2.07 -41.84
CA GLY B 388 -31.83 1.89 -40.65
C GLY B 388 -32.03 0.55 -39.96
N GLU B 389 -33.28 0.08 -39.91
CA GLU B 389 -33.58 -1.23 -39.33
C GLU B 389 -33.07 -2.37 -40.20
N LEU B 390 -33.09 -2.17 -41.52
CA LEU B 390 -32.53 -3.17 -42.43
C LEU B 390 -31.02 -3.26 -42.28
N VAL B 391 -30.35 -2.12 -42.10
CA VAL B 391 -28.93 -2.09 -41.79
C VAL B 391 -28.65 -2.77 -40.45
N THR B 392 -29.55 -2.58 -39.47
CA THR B 392 -29.42 -3.20 -38.16
C THR B 392 -29.52 -4.73 -38.21
N VAL B 393 -30.54 -5.25 -38.90
CA VAL B 393 -30.70 -6.70 -38.95
C VAL B 393 -29.66 -7.33 -39.88
N THR B 394 -29.17 -6.59 -40.88
CA THR B 394 -28.06 -7.07 -41.70
C THR B 394 -26.78 -7.16 -40.88
N GLY B 395 -26.54 -6.18 -40.01
CA GLY B 395 -25.39 -6.24 -39.12
C GLY B 395 -25.48 -7.35 -38.10
N ALA B 396 -26.69 -7.65 -37.62
CA ALA B 396 -26.87 -8.77 -36.70
C ALA B 396 -26.64 -10.12 -37.38
N VAL B 397 -27.10 -10.26 -38.63
CA VAL B 397 -26.83 -11.48 -39.41
C VAL B 397 -25.33 -11.60 -39.72
N ILE B 398 -24.66 -10.47 -39.97
CA ILE B 398 -23.21 -10.44 -40.22
C ILE B 398 -22.45 -10.86 -38.96
N ILE B 399 -22.88 -10.38 -37.79
CA ILE B 399 -22.32 -10.77 -36.49
C ILE B 399 -22.48 -12.27 -36.25
N LEU B 400 -23.67 -12.81 -36.53
CA LEU B 400 -23.92 -14.24 -36.33
C LEU B 400 -23.10 -15.09 -37.29
N LEU B 401 -22.97 -14.65 -38.54
CA LEU B 401 -22.17 -15.39 -39.52
C LEU B 401 -20.68 -15.32 -39.21
N LEU B 402 -20.22 -14.23 -38.58
CA LEU B 402 -18.83 -14.15 -38.19
C LEU B 402 -18.52 -14.92 -36.91
N GLU B 403 -19.45 -15.01 -35.97
CA GLU B 403 -19.10 -15.58 -34.67
C GLU B 403 -19.65 -16.96 -34.40
N ILE B 404 -20.62 -17.46 -35.17
CA ILE B 404 -21.12 -18.82 -34.97
C ILE B 404 -20.13 -19.91 -35.38
N PRO B 405 -19.47 -19.88 -36.56
CA PRO B 405 -18.51 -20.96 -36.86
C PRO B 405 -17.25 -20.98 -36.00
N ASP B 406 -16.87 -19.87 -35.39
CA ASP B 406 -15.72 -19.88 -34.49
C ASP B 406 -16.07 -20.36 -33.09
N ILE B 407 -17.37 -20.52 -32.78
CA ILE B 407 -17.75 -21.31 -31.62
C ILE B 407 -17.45 -22.78 -31.89
N PHE B 408 -17.79 -23.25 -33.09
CA PHE B 408 -17.65 -24.66 -33.44
C PHE B 408 -16.23 -25.05 -33.81
N ARG B 409 -15.37 -24.09 -34.21
CA ARG B 409 -14.02 -24.46 -34.62
C ARG B 409 -13.12 -24.73 -33.42
N VAL B 410 -13.55 -24.30 -32.24
CA VAL B 410 -12.78 -24.46 -31.02
C VAL B 410 -13.76 -25.09 -30.01
N GLY B 411 -13.30 -25.31 -28.77
CA GLY B 411 -14.18 -25.71 -27.70
C GLY B 411 -15.25 -24.68 -27.40
N ALA B 412 -16.48 -25.14 -27.16
CA ALA B 412 -17.57 -24.22 -26.87
C ALA B 412 -17.40 -23.57 -25.50
N SER B 413 -16.87 -24.33 -24.53
CA SER B 413 -16.52 -23.73 -23.25
C SER B 413 -15.22 -22.93 -23.37
N ARG B 414 -14.34 -23.33 -24.29
CA ARG B 414 -13.05 -22.67 -24.43
C ARG B 414 -13.19 -21.31 -25.11
N TYR B 415 -14.20 -21.17 -25.96
CA TYR B 415 -14.44 -19.89 -26.64
C TYR B 415 -14.92 -18.81 -25.69
N PHE B 416 -15.84 -19.15 -24.80
CA PHE B 416 -16.39 -18.18 -23.86
C PHE B 416 -15.61 -18.10 -22.55
N GLY B 417 -14.78 -19.09 -22.24
CA GLY B 417 -14.13 -19.10 -20.95
C GLY B 417 -12.87 -18.24 -20.90
N GLN B 418 -12.37 -17.82 -22.05
CA GLN B 418 -11.11 -17.10 -22.10
C GLN B 418 -11.30 -15.62 -21.83
N THR B 419 -10.56 -15.10 -20.85
CA THR B 419 -10.60 -13.67 -20.54
C THR B 419 -9.79 -12.86 -21.54
N ILE B 420 -8.89 -13.52 -22.28
CA ILE B 420 -7.99 -12.81 -23.17
C ILE B 420 -8.57 -12.75 -24.58
N LEU B 421 -9.19 -13.85 -25.02
CA LEU B 421 -9.80 -13.91 -26.33
C LEU B 421 -11.10 -13.11 -26.44
N GLY B 422 -11.63 -12.60 -25.33
CA GLY B 422 -12.84 -11.80 -25.36
C GLY B 422 -14.10 -12.63 -25.35
N GLY B 423 -14.06 -13.74 -24.60
CA GLY B 423 -15.17 -14.66 -24.47
C GLY B 423 -16.47 -14.12 -23.87
N PRO B 424 -16.40 -13.42 -22.73
CA PRO B 424 -17.60 -12.69 -22.27
C PRO B 424 -18.10 -11.64 -23.25
N PHE B 425 -17.20 -10.94 -23.94
CA PHE B 425 -17.63 -10.03 -24.99
C PHE B 425 -18.23 -10.77 -26.17
N HIS B 426 -17.75 -11.98 -26.45
CA HIS B 426 -18.33 -12.80 -27.52
C HIS B 426 -19.75 -13.24 -27.20
N VAL B 427 -20.01 -13.62 -25.94
CA VAL B 427 -21.37 -14.07 -25.62
C VAL B 427 -22.33 -12.88 -25.51
N ILE B 428 -21.82 -11.69 -25.11
CA ILE B 428 -22.64 -10.47 -25.16
C ILE B 428 -23.00 -10.08 -26.59
N ILE B 429 -22.04 -10.15 -27.52
CA ILE B 429 -22.32 -9.80 -28.92
C ILE B 429 -23.25 -10.81 -29.57
N ILE B 430 -23.11 -12.10 -29.21
CA ILE B 430 -23.98 -13.16 -29.72
C ILE B 430 -25.42 -12.97 -29.23
N THR B 431 -25.60 -12.67 -27.94
CA THR B 431 -26.96 -12.48 -27.45
C THR B 431 -27.54 -11.14 -27.87
N TYR B 432 -26.70 -10.15 -28.21
CA TYR B 432 -27.20 -8.90 -28.80
C TYR B 432 -27.79 -9.16 -30.18
N ALA B 433 -27.09 -9.94 -31.01
CA ALA B 433 -27.61 -10.27 -32.33
C ALA B 433 -28.87 -11.14 -32.24
N SER B 434 -28.92 -12.03 -31.25
CA SER B 434 -30.11 -12.85 -31.01
C SER B 434 -31.30 -12.00 -30.59
N LEU B 435 -31.07 -10.98 -29.76
CA LEU B 435 -32.16 -10.10 -29.33
C LEU B 435 -32.64 -9.19 -30.46
N VAL B 436 -31.72 -8.80 -31.37
CA VAL B 436 -32.13 -8.00 -32.53
C VAL B 436 -32.96 -8.82 -33.49
N LEU B 437 -32.60 -10.09 -33.72
CA LEU B 437 -33.40 -10.95 -34.57
C LEU B 437 -34.73 -11.31 -33.92
N LEU B 438 -34.77 -11.44 -32.60
CA LEU B 438 -36.02 -11.62 -31.87
C LEU B 438 -36.91 -10.38 -31.98
N THR B 439 -36.30 -9.19 -31.98
CA THR B 439 -37.04 -7.95 -32.16
C THR B 439 -37.62 -7.86 -33.57
N MET B 440 -36.87 -8.34 -34.57
CA MET B 440 -37.39 -8.38 -35.95
C MET B 440 -38.55 -9.35 -36.09
N VAL B 441 -38.47 -10.50 -35.41
CA VAL B 441 -39.59 -11.45 -35.38
C VAL B 441 -40.80 -10.85 -34.68
N MET B 442 -40.56 -10.09 -33.60
CA MET B 442 -41.63 -9.40 -32.88
C MET B 442 -42.27 -8.30 -33.74
N ARG B 443 -41.47 -7.63 -34.56
CA ARG B 443 -41.98 -6.56 -35.39
C ARG B 443 -42.78 -7.09 -36.57
N LEU B 444 -42.32 -8.20 -37.17
CA LEU B 444 -43.02 -8.75 -38.32
C LEU B 444 -44.31 -9.46 -37.94
N THR B 445 -44.42 -9.94 -36.70
CA THR B 445 -45.59 -10.68 -36.24
C THR B 445 -46.47 -9.87 -35.30
N ASN B 446 -46.22 -8.56 -35.18
CA ASN B 446 -47.02 -7.60 -34.39
C ASN B 446 -47.13 -7.98 -32.92
N MET B 447 -46.03 -8.48 -32.34
CA MET B 447 -46.02 -8.87 -30.95
C MET B 447 -45.82 -7.66 -30.05
N ASN B 448 -46.72 -7.48 -29.10
CA ASN B 448 -46.59 -6.41 -28.11
C ASN B 448 -45.51 -6.77 -27.10
N GLY B 449 -44.82 -5.74 -26.61
CA GLY B 449 -43.75 -5.97 -25.66
C GLY B 449 -42.38 -5.93 -26.28
N GLU B 450 -42.13 -5.04 -27.23
CA GLU B 450 -40.83 -4.94 -27.87
C GLU B 450 -39.83 -4.16 -27.06
N VAL B 451 -40.24 -3.60 -25.92
CA VAL B 451 -39.37 -2.83 -25.04
C VAL B 451 -38.29 -3.73 -24.44
N VAL B 452 -38.65 -4.97 -24.13
CA VAL B 452 -37.78 -5.96 -23.49
C VAL B 452 -36.56 -6.33 -24.34
N PRO B 453 -36.66 -6.86 -25.59
CA PRO B 453 -35.40 -7.21 -26.28
C PRO B 453 -34.66 -6.00 -26.81
N LEU B 454 -35.35 -4.88 -27.02
CA LEU B 454 -34.71 -3.65 -27.49
C LEU B 454 -33.90 -3.00 -26.38
N SER B 455 -34.41 -3.04 -25.14
CA SER B 455 -33.68 -2.48 -24.00
C SER B 455 -32.46 -3.32 -23.65
N PHE B 456 -32.63 -4.66 -23.62
CA PHE B 456 -31.45 -5.52 -23.43
C PHE B 456 -30.46 -5.39 -24.58
N ALA B 457 -30.95 -5.22 -25.81
CA ALA B 457 -30.06 -5.09 -26.96
C ALA B 457 -29.28 -3.78 -26.94
N LEU B 458 -29.92 -2.68 -26.49
CA LEU B 458 -29.22 -1.40 -26.37
C LEU B 458 -28.12 -1.46 -25.31
N VAL B 459 -28.43 -2.05 -24.14
CA VAL B 459 -27.46 -2.16 -23.06
C VAL B 459 -26.28 -3.05 -23.46
N LEU B 460 -26.58 -4.24 -24.00
CA LEU B 460 -25.54 -5.19 -24.35
C LEU B 460 -24.74 -4.74 -25.57
N GLY B 461 -25.39 -4.05 -26.51
CA GLY B 461 -24.68 -3.54 -27.66
C GLY B 461 -23.73 -2.40 -27.33
N TRP B 462 -24.14 -1.47 -26.48
CA TRP B 462 -23.20 -0.40 -26.16
C TRP B 462 -22.16 -0.86 -25.13
N CYS B 463 -22.44 -1.91 -24.36
CA CYS B 463 -21.40 -2.50 -23.56
C CYS B 463 -20.45 -3.36 -24.37
N SER B 464 -20.86 -3.78 -25.58
CA SER B 464 -19.97 -4.49 -26.49
C SER B 464 -18.92 -3.61 -27.12
N VAL B 465 -19.04 -2.28 -27.02
CA VAL B 465 -18.05 -1.36 -27.54
C VAL B 465 -16.76 -1.40 -26.71
N MET B 466 -16.83 -1.87 -25.46
CA MET B 466 -15.64 -2.05 -24.64
C MET B 466 -14.74 -3.19 -25.09
N TYR B 467 -15.20 -4.03 -26.03
CA TYR B 467 -14.32 -5.01 -26.65
C TYR B 467 -13.20 -4.35 -27.43
N PHE B 468 -13.46 -3.19 -28.00
CA PHE B 468 -12.48 -2.46 -28.79
C PHE B 468 -11.59 -1.59 -27.94
N ALA B 469 -11.77 -1.59 -26.62
CA ALA B 469 -10.85 -0.92 -25.71
C ALA B 469 -9.54 -1.66 -25.59
N ARG B 470 -9.49 -2.94 -25.97
CA ARG B 470 -8.26 -3.71 -25.91
C ARG B 470 -7.27 -3.35 -27.00
N GLY B 471 -7.67 -2.56 -27.98
CA GLY B 471 -6.75 -2.09 -29.01
C GLY B 471 -5.85 -0.95 -28.60
N PHE B 472 -6.06 -0.41 -27.40
CA PHE B 472 -5.29 0.72 -26.90
C PHE B 472 -4.73 0.34 -25.54
N GLN B 473 -3.48 0.76 -25.28
CA GLN B 473 -2.82 0.41 -24.03
C GLN B 473 -3.44 1.17 -22.86
N MET B 474 -3.97 2.37 -23.13
CA MET B 474 -4.41 3.26 -22.06
C MET B 474 -5.72 2.80 -21.43
N LEU B 475 -6.56 2.08 -22.17
CA LEU B 475 -7.81 1.57 -21.63
C LEU B 475 -8.02 0.09 -21.92
N GLY B 476 -6.96 -0.64 -22.25
CA GLY B 476 -6.98 -2.07 -22.44
C GLY B 476 -7.28 -2.89 -21.20
N PRO B 477 -6.41 -2.83 -20.18
CA PRO B 477 -6.67 -3.60 -18.95
C PRO B 477 -7.79 -3.08 -18.07
N PHE B 478 -8.45 -1.98 -18.44
CA PHE B 478 -9.58 -1.46 -17.67
C PHE B 478 -10.75 -2.43 -17.75
N THR B 479 -10.98 -3.01 -18.94
CA THR B 479 -12.05 -3.99 -19.09
C THR B 479 -11.67 -5.33 -18.48
N ILE B 480 -10.37 -5.62 -18.37
CA ILE B 480 -9.91 -6.78 -17.60
C ILE B 480 -10.21 -6.59 -16.12
N MET B 481 -10.00 -5.37 -15.60
CA MET B 481 -10.40 -5.03 -14.24
C MET B 481 -11.91 -5.14 -14.04
N ILE B 482 -12.69 -4.69 -15.03
CA ILE B 482 -14.15 -4.75 -14.94
C ILE B 482 -14.64 -6.20 -14.95
N GLN B 483 -14.03 -7.05 -15.78
CA GLN B 483 -14.36 -8.47 -15.82
C GLN B 483 -13.96 -9.17 -14.52
N LYS B 484 -12.79 -8.83 -13.97
CA LYS B 484 -12.34 -9.43 -12.73
C LYS B 484 -13.08 -8.87 -11.51
N MET B 485 -13.83 -7.79 -11.65
CA MET B 485 -14.75 -7.38 -10.60
C MET B 485 -16.15 -7.95 -10.79
N ILE B 486 -16.54 -8.27 -12.02
CA ILE B 486 -17.85 -8.88 -12.24
C ILE B 486 -17.83 -10.34 -11.80
N PHE B 487 -16.89 -11.12 -12.34
CA PHE B 487 -16.88 -12.54 -12.01
C PHE B 487 -15.98 -12.88 -10.84
N GLY B 488 -15.08 -11.98 -10.46
CA GLY B 488 -14.23 -12.23 -9.32
C GLY B 488 -14.83 -11.79 -8.00
N ASP B 489 -15.16 -10.50 -7.86
CA ASP B 489 -15.58 -9.98 -6.57
C ASP B 489 -17.08 -10.04 -6.36
N LEU B 490 -17.85 -9.79 -7.42
CA LEU B 490 -19.29 -9.63 -7.28
C LEU B 490 -19.99 -10.97 -7.08
N MET B 491 -19.44 -12.03 -7.69
CA MET B 491 -20.07 -13.34 -7.60
C MET B 491 -19.90 -13.98 -6.23
N ARG B 492 -18.91 -13.55 -5.46
CA ARG B 492 -18.76 -14.05 -4.10
C ARG B 492 -19.51 -13.19 -3.08
N PHE B 493 -19.47 -11.88 -3.23
CA PHE B 493 -20.12 -10.99 -2.27
C PHE B 493 -21.60 -10.81 -2.52
N CYS B 494 -22.11 -11.27 -3.68
CA CYS B 494 -23.52 -11.12 -3.99
C CYS B 494 -24.40 -11.99 -3.10
N TRP B 495 -23.86 -13.09 -2.57
CA TRP B 495 -24.63 -13.95 -1.67
C TRP B 495 -24.82 -13.32 -0.30
N LEU B 496 -23.75 -12.72 0.24
CA LEU B 496 -23.84 -12.04 1.53
C LEU B 496 -24.69 -10.79 1.44
N MET B 497 -24.51 -10.03 0.35
CA MET B 497 -25.34 -8.86 0.09
C MET B 497 -26.80 -9.26 -0.14
N ALA B 498 -27.03 -10.41 -0.78
CA ALA B 498 -28.37 -10.89 -1.04
C ALA B 498 -29.09 -11.31 0.23
N VAL B 499 -28.40 -11.99 1.16
CA VAL B 499 -29.09 -12.41 2.37
C VAL B 499 -29.34 -11.23 3.31
N VAL B 500 -28.48 -10.19 3.25
CA VAL B 500 -28.75 -8.96 3.99
C VAL B 500 -29.96 -8.23 3.41
N ILE B 501 -30.06 -8.19 2.07
CA ILE B 501 -31.21 -7.58 1.39
C ILE B 501 -32.50 -8.34 1.69
N LEU B 502 -32.45 -9.68 1.72
CA LEU B 502 -33.63 -10.48 2.05
C LEU B 502 -34.10 -10.27 3.48
N GLY B 503 -33.17 -10.25 4.43
CA GLY B 503 -33.56 -10.04 5.82
C GLY B 503 -34.11 -8.66 6.11
N PHE B 504 -33.41 -7.63 5.64
CA PHE B 504 -33.88 -6.29 5.92
C PHE B 504 -35.07 -5.92 5.05
N ALA B 505 -35.19 -6.48 3.84
CA ALA B 505 -36.35 -6.23 3.01
C ALA B 505 -37.60 -6.90 3.58
N SER B 506 -37.44 -8.10 4.15
CA SER B 506 -38.55 -8.77 4.80
C SER B 506 -39.00 -8.04 6.05
N ALA B 507 -38.03 -7.55 6.86
CA ALA B 507 -38.38 -6.78 8.04
C ALA B 507 -39.00 -5.43 7.69
N PHE B 508 -38.49 -4.78 6.65
CA PHE B 508 -39.03 -3.50 6.20
C PHE B 508 -40.42 -3.66 5.62
N HIS B 509 -40.69 -4.79 4.97
CA HIS B 509 -42.02 -5.01 4.42
C HIS B 509 -43.02 -5.32 5.51
N ILE B 510 -42.65 -6.16 6.49
CA ILE B 510 -43.64 -6.51 7.50
C ILE B 510 -43.80 -5.43 8.55
N THR B 511 -42.85 -4.49 8.67
CA THR B 511 -43.11 -3.36 9.57
C THR B 511 -43.96 -2.28 8.89
N PHE B 512 -44.17 -2.38 7.58
CA PHE B 512 -45.02 -1.46 6.84
C PHE B 512 -46.23 -2.15 6.23
N GLN B 513 -46.49 -3.40 6.61
CA GLN B 513 -47.67 -4.10 6.13
C GLN B 513 -48.94 -3.54 6.75
N THR B 514 -48.85 -2.98 7.94
CA THR B 514 -49.99 -2.43 8.66
C THR B 514 -50.22 -0.95 8.38
N GLU B 515 -49.40 -0.34 7.54
CA GLU B 515 -49.42 1.11 7.37
C GLU B 515 -50.11 1.47 6.05
N ASP B 516 -50.40 2.76 5.90
CA ASP B 516 -50.94 3.27 4.66
C ASP B 516 -49.83 3.34 3.62
N PRO B 517 -49.99 2.72 2.45
CA PRO B 517 -48.92 2.77 1.44
C PRO B 517 -48.81 4.12 0.73
N ASN B 518 -49.77 5.02 0.91
CA ASN B 518 -49.68 6.34 0.29
C ASN B 518 -48.63 7.21 0.98
N ASN B 519 -48.50 7.07 2.29
CA ASN B 519 -47.58 7.91 3.05
C ASN B 519 -46.13 7.46 2.90
N LEU B 520 -45.89 6.16 2.75
CA LEU B 520 -44.54 5.65 2.51
C LEU B 520 -44.69 4.43 1.62
N GLY B 521 -44.44 4.60 0.33
CA GLY B 521 -44.63 3.55 -0.65
C GLY B 521 -43.41 2.72 -0.97
N GLU B 522 -42.33 2.84 -0.21
CA GLU B 522 -41.09 2.14 -0.54
C GLU B 522 -41.18 0.65 -0.29
N PHE B 523 -41.98 0.22 0.69
CA PHE B 523 -42.06 -1.17 1.10
C PHE B 523 -43.50 -1.66 1.07
N SER B 524 -44.25 -1.30 0.03
CA SER B 524 -45.68 -1.59 0.00
C SER B 524 -45.96 -3.06 -0.29
N ASP B 525 -45.24 -3.65 -1.23
CA ASP B 525 -45.27 -5.07 -1.49
C ASP B 525 -43.85 -5.62 -1.45
N TYR B 526 -43.74 -6.95 -1.45
CA TYR B 526 -42.45 -7.59 -1.28
C TYR B 526 -41.44 -7.37 -2.42
N PRO B 527 -41.80 -7.40 -3.73
CA PRO B 527 -40.79 -7.01 -4.73
C PRO B 527 -40.34 -5.56 -4.68
N THR B 528 -41.23 -4.60 -4.38
CA THR B 528 -40.75 -3.23 -4.28
C THR B 528 -40.01 -2.98 -2.98
N ALA B 529 -40.26 -3.79 -1.94
CA ALA B 529 -39.45 -3.72 -0.73
C ALA B 529 -38.06 -4.29 -0.97
N LEU B 530 -37.97 -5.36 -1.77
CA LEU B 530 -36.69 -5.92 -2.17
C LEU B 530 -35.88 -4.94 -3.01
N PHE B 531 -36.55 -4.28 -3.96
CA PHE B 531 -35.87 -3.31 -4.82
C PHE B 531 -35.45 -2.07 -4.05
N SER B 532 -36.31 -1.60 -3.12
CA SER B 532 -35.97 -0.46 -2.28
C SER B 532 -34.83 -0.76 -1.33
N THR B 533 -34.78 -1.99 -0.80
CA THR B 533 -33.68 -2.35 0.09
C THR B 533 -32.37 -2.55 -0.69
N PHE B 534 -32.45 -3.00 -1.94
CA PHE B 534 -31.27 -3.05 -2.80
C PHE B 534 -30.72 -1.66 -3.11
N GLU B 535 -31.62 -0.72 -3.42
CA GLU B 535 -31.21 0.65 -3.70
C GLU B 535 -30.72 1.37 -2.44
N LEU B 536 -31.27 1.01 -1.28
CA LEU B 536 -30.81 1.60 -0.03
C LEU B 536 -29.48 0.98 0.40
N PHE B 537 -29.22 -0.27 0.02
CA PHE B 537 -27.90 -0.87 0.17
C PHE B 537 -26.88 -0.09 -0.64
N LEU B 538 -27.21 0.23 -1.89
CA LEU B 538 -26.24 0.91 -2.73
C LEU B 538 -26.23 2.42 -2.51
N THR B 539 -27.09 2.94 -1.62
CA THR B 539 -27.27 4.36 -1.29
C THR B 539 -27.52 5.21 -2.54
N ILE B 540 -28.36 4.71 -3.44
CA ILE B 540 -28.71 5.45 -4.65
C ILE B 540 -30.08 6.09 -4.55
N ILE B 541 -30.89 5.71 -3.57
CA ILE B 541 -32.10 6.45 -3.22
C ILE B 541 -31.97 6.88 -1.77
N ASP B 542 -32.76 7.88 -1.40
CA ASP B 542 -32.73 8.37 -0.03
C ASP B 542 -33.43 7.39 0.89
N GLY B 543 -33.11 7.50 2.18
CA GLY B 543 -33.84 6.81 3.21
C GLY B 543 -35.27 7.31 3.23
N PRO B 544 -36.23 6.39 3.39
CA PRO B 544 -37.64 6.80 3.41
C PRO B 544 -37.97 7.63 4.65
N ALA B 545 -38.49 8.82 4.42
CA ALA B 545 -38.76 9.73 5.52
C ALA B 545 -39.98 10.55 5.21
N ASN B 546 -41.04 10.34 5.99
CA ASN B 546 -42.22 11.20 5.97
C ASN B 546 -42.33 11.84 7.34
N TYR B 547 -42.10 13.14 7.41
CA TYR B 547 -42.16 13.85 8.67
C TYR B 547 -43.54 14.42 8.95
N SER B 548 -44.49 14.23 8.04
CA SER B 548 -45.88 14.62 8.25
C SER B 548 -46.69 13.54 8.93
N VAL B 549 -46.19 12.30 8.96
CA VAL B 549 -46.79 11.20 9.71
C VAL B 549 -45.72 10.67 10.64
N ASP B 550 -46.15 9.87 11.62
CA ASP B 550 -45.19 9.21 12.50
C ASP B 550 -45.06 7.74 12.10
N LEU B 551 -43.87 7.38 11.64
CA LEU B 551 -43.56 6.05 11.16
C LEU B 551 -43.47 5.08 12.32
N PRO B 552 -43.53 3.77 12.07
CA PRO B 552 -43.20 2.80 13.13
C PRO B 552 -41.77 2.97 13.62
N PHE B 553 -41.57 2.76 14.92
CA PHE B 553 -40.24 2.91 15.51
C PHE B 553 -39.32 1.76 15.10
N MET B 554 -39.90 0.64 14.70
CA MET B 554 -39.11 -0.47 14.23
C MET B 554 -38.55 -0.21 12.83
N TYR B 555 -39.17 0.69 12.07
CA TYR B 555 -38.53 1.21 10.87
C TYR B 555 -37.24 1.95 11.21
N CYS B 556 -37.26 2.76 12.28
CA CYS B 556 -36.06 3.50 12.67
C CYS B 556 -34.99 2.58 13.22
N ILE B 557 -35.38 1.57 14.01
CA ILE B 557 -34.43 0.63 14.58
C ILE B 557 -33.79 -0.23 13.49
N THR B 558 -34.62 -0.81 12.61
CA THR B 558 -34.10 -1.67 11.55
C THR B 558 -33.37 -0.87 10.48
N TYR B 559 -33.75 0.39 10.25
CA TYR B 559 -33.00 1.19 9.28
C TYR B 559 -31.68 1.69 9.86
N ALA B 560 -31.60 1.96 11.15
CA ALA B 560 -30.31 2.27 11.77
C ALA B 560 -29.38 1.07 11.73
N ALA B 561 -29.92 -0.13 12.01
CA ALA B 561 -29.13 -1.36 11.90
C ALA B 561 -28.71 -1.64 10.47
N PHE B 562 -29.60 -1.41 9.50
CA PHE B 562 -29.31 -1.59 8.08
C PHE B 562 -28.25 -0.60 7.60
N ALA B 563 -28.35 0.65 8.05
CA ALA B 563 -27.40 1.67 7.64
C ALA B 563 -26.03 1.43 8.25
N ILE B 564 -25.98 0.82 9.42
CA ILE B 564 -24.69 0.44 10.00
C ILE B 564 -24.09 -0.75 9.25
N ILE B 565 -24.88 -1.82 9.05
CA ILE B 565 -24.26 -3.05 8.55
C ILE B 565 -24.12 -3.01 7.03
N ALA B 566 -25.06 -2.42 6.30
CA ALA B 566 -25.07 -2.63 4.86
C ALA B 566 -24.46 -1.46 4.11
N THR B 567 -24.94 -0.24 4.38
CA THR B 567 -24.44 0.92 3.67
C THR B 567 -23.04 1.28 4.13
N LEU B 568 -22.72 1.03 5.38
CA LEU B 568 -21.45 1.48 5.93
C LEU B 568 -20.41 0.38 5.89
N LEU B 569 -20.74 -0.83 6.35
CA LEU B 569 -19.72 -1.85 6.52
C LEU B 569 -19.47 -2.67 5.26
N MET B 570 -20.51 -3.36 4.76
CA MET B 570 -20.29 -4.33 3.68
C MET B 570 -20.09 -3.66 2.33
N LEU B 571 -20.67 -2.48 2.12
CA LEU B 571 -20.49 -1.78 0.85
C LEU B 571 -19.07 -1.28 0.70
N ASN B 572 -18.51 -0.70 1.76
CA ASN B 572 -17.13 -0.23 1.69
C ASN B 572 -16.15 -1.39 1.74
N LEU B 573 -16.55 -2.53 2.33
CA LEU B 573 -15.74 -3.75 2.25
C LEU B 573 -15.64 -4.26 0.82
N PHE B 574 -16.76 -4.24 0.10
CA PHE B 574 -16.78 -4.60 -1.32
C PHE B 574 -15.96 -3.62 -2.15
N ILE B 575 -16.03 -2.33 -1.80
CA ILE B 575 -15.24 -1.29 -2.50
C ILE B 575 -13.74 -1.50 -2.27
N ALA B 576 -13.36 -1.87 -1.04
CA ALA B 576 -11.94 -2.08 -0.71
C ALA B 576 -11.37 -3.32 -1.38
N MET B 577 -12.14 -4.41 -1.46
CA MET B 577 -11.60 -5.57 -2.13
C MET B 577 -11.70 -5.46 -3.65
N MET B 578 -12.61 -4.63 -4.16
CA MET B 578 -12.54 -4.21 -5.55
C MET B 578 -11.28 -3.41 -5.82
N GLY B 579 -10.87 -2.59 -4.84
CA GLY B 579 -9.65 -1.81 -4.98
C GLY B 579 -8.40 -2.66 -5.04
N ASP B 580 -8.31 -3.68 -4.19
CA ASP B 580 -7.08 -4.48 -4.30
C ASP B 580 -7.16 -5.52 -5.43
N THR B 581 -8.37 -5.86 -5.92
CA THR B 581 -8.47 -6.55 -7.20
C THR B 581 -7.95 -5.70 -8.35
N HIS B 582 -8.30 -4.41 -8.35
CA HIS B 582 -7.77 -3.45 -9.32
C HIS B 582 -6.25 -3.31 -9.21
N TRP B 583 -5.73 -3.34 -7.98
CA TRP B 583 -4.28 -3.32 -7.75
C TRP B 583 -3.61 -4.56 -8.33
N ARG B 584 -4.21 -5.74 -8.15
CA ARG B 584 -3.64 -6.98 -8.68
C ARG B 584 -3.63 -7.01 -10.20
N VAL B 585 -4.69 -6.49 -10.83
CA VAL B 585 -4.68 -6.40 -12.30
C VAL B 585 -3.70 -5.33 -12.78
N ALA B 586 -3.57 -4.22 -12.04
CA ALA B 586 -2.67 -3.15 -12.44
C ALA B 586 -1.19 -3.50 -12.25
N GLN B 587 -0.87 -4.51 -11.44
CA GLN B 587 0.52 -4.99 -11.41
C GLN B 587 0.89 -5.71 -12.70
N GLU B 588 -0.04 -6.46 -13.29
CA GLU B 588 0.21 -7.22 -14.51
C GLU B 588 -0.42 -6.57 -15.74
N ARG B 589 -0.36 -5.23 -15.82
CA ARG B 589 -1.12 -4.48 -16.81
C ARG B 589 -0.54 -4.65 -18.22
N ASP B 590 0.79 -4.56 -18.34
CA ASP B 590 1.43 -4.63 -19.65
C ASP B 590 1.39 -6.04 -20.22
N GLU B 591 1.52 -7.06 -19.37
CA GLU B 591 1.47 -8.45 -19.82
C GLU B 591 0.07 -8.84 -20.28
N LEU B 592 -0.95 -8.38 -19.56
CA LEU B 592 -2.33 -8.67 -19.94
C LEU B 592 -2.74 -7.94 -21.20
N TRP B 593 -2.28 -6.69 -21.36
CA TRP B 593 -2.57 -5.96 -22.58
C TRP B 593 -1.83 -6.55 -23.78
N ARG B 594 -0.59 -7.00 -23.57
CA ARG B 594 0.15 -7.68 -24.62
C ARG B 594 -0.51 -8.99 -25.03
N ALA B 595 -1.02 -9.76 -24.06
CA ALA B 595 -1.72 -11.01 -24.37
C ALA B 595 -3.02 -10.76 -25.13
N GLN B 596 -3.77 -9.73 -24.75
CA GLN B 596 -5.01 -9.49 -25.47
C GLN B 596 -4.81 -8.84 -26.84
N VAL B 597 -3.74 -8.08 -27.07
CA VAL B 597 -3.49 -7.65 -28.44
C VAL B 597 -2.91 -8.79 -29.30
N VAL B 598 -2.30 -9.80 -28.66
CA VAL B 598 -1.93 -11.02 -29.40
C VAL B 598 -3.16 -11.78 -29.84
N ALA B 599 -4.14 -11.92 -28.94
CA ALA B 599 -5.39 -12.60 -29.28
C ALA B 599 -6.17 -11.83 -30.35
N THR B 600 -6.15 -10.49 -30.27
CA THR B 600 -6.74 -9.65 -31.29
C THR B 600 -6.03 -9.80 -32.64
N THR B 601 -4.69 -9.88 -32.61
CA THR B 601 -3.91 -9.99 -33.84
C THR B 601 -4.15 -11.34 -34.53
N VAL B 602 -4.20 -12.43 -33.75
CA VAL B 602 -4.40 -13.74 -34.37
C VAL B 602 -5.85 -13.92 -34.80
N MET B 603 -6.79 -13.25 -34.11
CA MET B 603 -8.18 -13.23 -34.54
C MET B 603 -8.35 -12.48 -35.85
N LEU B 604 -7.68 -11.33 -35.99
CA LEU B 604 -7.80 -10.54 -37.20
C LEU B 604 -7.07 -11.19 -38.37
N GLU B 605 -5.97 -11.88 -38.11
CA GLU B 605 -5.26 -12.57 -39.17
C GLU B 605 -6.02 -13.82 -39.61
N ARG B 606 -6.71 -14.47 -38.67
CA ARG B 606 -7.50 -15.65 -39.01
C ARG B 606 -8.78 -15.29 -39.76
N LYS B 607 -9.43 -14.19 -39.39
CA LYS B 607 -10.76 -13.90 -39.91
C LYS B 607 -10.74 -13.10 -41.21
N MET B 608 -9.88 -12.09 -41.31
CA MET B 608 -9.89 -11.18 -42.44
C MET B 608 -9.30 -11.85 -43.69
N PRO B 609 -9.59 -11.33 -44.89
CA PRO B 609 -8.99 -11.92 -46.10
C PRO B 609 -7.47 -11.81 -46.17
N ARG B 610 -6.89 -12.70 -46.96
CA ARG B 610 -5.44 -12.89 -46.99
C ARG B 610 -4.73 -11.74 -47.70
N PHE B 611 -5.42 -11.02 -48.57
CA PHE B 611 -4.77 -9.90 -49.25
C PHE B 611 -4.61 -8.70 -48.33
N LEU B 612 -5.44 -8.57 -47.30
CA LEU B 612 -5.30 -7.49 -46.34
C LEU B 612 -4.23 -7.76 -45.31
N TRP B 613 -3.83 -9.02 -45.14
CA TRP B 613 -2.80 -9.42 -44.17
C TRP B 613 -1.69 -10.12 -44.94
N PRO B 614 -0.67 -9.39 -45.40
CA PRO B 614 0.48 -10.04 -46.03
C PRO B 614 1.31 -10.82 -45.02
N ARG B 615 2.12 -11.74 -45.55
CA ARG B 615 2.92 -12.61 -44.69
C ARG B 615 4.05 -11.84 -44.02
N SER B 616 4.17 -12.03 -42.72
CA SER B 616 5.08 -11.26 -41.90
C SER B 616 6.50 -11.76 -42.02
N GLY B 617 7.45 -10.84 -41.86
CA GLY B 617 8.85 -11.20 -41.91
C GLY B 617 9.47 -11.04 -43.28
N ILE B 618 10.78 -11.26 -43.31
CA ILE B 618 11.56 -11.14 -44.54
C ILE B 618 11.37 -12.39 -45.37
N CYS B 619 11.15 -12.21 -46.68
CA CYS B 619 10.79 -13.33 -47.56
C CYS B 619 11.93 -14.33 -47.72
N GLY B 620 13.14 -13.85 -47.97
CA GLY B 620 14.31 -14.69 -47.89
C GLY B 620 14.67 -15.50 -49.12
N TYR B 621 13.71 -15.70 -50.03
CA TYR B 621 13.99 -16.48 -51.22
C TYR B 621 14.85 -15.71 -52.21
N GLU B 622 14.69 -14.38 -52.25
CA GLU B 622 15.51 -13.56 -53.13
C GLU B 622 16.92 -13.33 -52.58
N TYR B 623 17.17 -13.68 -51.32
CA TYR B 623 18.49 -13.57 -50.72
C TYR B 623 19.21 -14.90 -50.65
N GLY B 624 18.79 -15.88 -51.44
CA GLY B 624 19.46 -17.16 -51.49
C GLY B 624 19.10 -18.13 -50.38
N LEU B 625 18.16 -17.78 -49.51
CA LEU B 625 17.79 -18.65 -48.40
C LEU B 625 16.54 -19.43 -48.80
N GLY B 626 16.56 -20.74 -48.58
CA GLY B 626 15.60 -21.59 -49.26
C GLY B 626 14.26 -21.79 -48.60
N ASP B 627 13.28 -20.98 -49.04
CA ASP B 627 11.84 -21.13 -48.76
C ASP B 627 11.58 -21.05 -47.26
N ARG B 628 12.22 -20.08 -46.61
CA ARG B 628 12.04 -19.83 -45.20
C ARG B 628 11.88 -18.34 -44.99
N TRP B 629 11.06 -17.97 -44.01
CA TRP B 629 10.80 -16.57 -43.71
C TRP B 629 11.42 -16.21 -42.38
N PHE B 630 11.99 -15.01 -42.30
CA PHE B 630 12.85 -14.61 -41.20
C PHE B 630 12.43 -13.25 -40.67
N LEU B 631 12.77 -13.00 -39.41
CA LEU B 631 12.57 -11.71 -38.78
C LEU B 631 13.93 -11.20 -38.31
N ARG B 632 14.33 -10.02 -38.76
CA ARG B 632 15.62 -9.45 -38.38
C ARG B 632 15.44 -8.58 -37.16
N VAL B 633 16.24 -8.83 -36.13
CA VAL B 633 16.21 -8.08 -34.87
C VAL B 633 17.59 -7.49 -34.65
N GLU B 634 17.64 -6.16 -34.50
CA GLU B 634 18.85 -5.45 -34.14
C GLU B 634 18.72 -5.01 -32.69
N ASN B 635 19.69 -5.38 -31.86
CA ASN B 635 19.62 -5.02 -30.45
C ASN B 635 20.98 -4.56 -29.94
N HIS B 636 20.93 -3.76 -28.89
CA HIS B 636 22.07 -3.05 -28.34
C HIS B 636 22.45 -3.66 -27.00
N HIS B 637 23.73 -4.01 -26.84
CA HIS B 637 24.21 -4.66 -25.63
C HIS B 637 25.57 -4.08 -25.28
N ASP B 638 26.28 -4.76 -24.40
CA ASP B 638 27.63 -4.34 -24.00
C ASP B 638 28.65 -4.73 -25.06
N TRP C 29 22.72 36.27 8.93
CA TRP C 29 21.93 35.82 7.79
C TRP C 29 22.82 35.87 6.54
N GLU C 30 22.26 35.47 5.39
CA GLU C 30 23.07 34.88 4.32
C GLU C 30 23.95 35.90 3.62
N GLN C 31 23.40 37.08 3.29
CA GLN C 31 24.17 38.05 2.52
C GLN C 31 25.23 38.73 3.37
N TYR C 32 24.97 38.89 4.66
CA TYR C 32 25.99 39.43 5.56
C TYR C 32 27.16 38.46 5.73
N ARG C 33 26.86 37.17 5.86
CA ARG C 33 27.91 36.15 5.95
C ARG C 33 28.70 36.05 4.65
N ASP C 34 28.02 36.20 3.51
CA ASP C 34 28.70 36.18 2.21
C ASP C 34 29.62 37.39 2.05
N ARG C 35 29.14 38.58 2.46
CA ARG C 35 29.95 39.79 2.42
C ARG C 35 31.18 39.67 3.31
N VAL C 36 31.01 39.09 4.51
CA VAL C 36 32.11 38.87 5.45
C VAL C 36 33.12 37.89 4.87
N ASN C 37 32.64 36.82 4.21
CA ASN C 37 33.55 35.80 3.68
C ASN C 37 34.36 36.31 2.48
N MET C 38 33.72 37.03 1.54
CA MET C 38 34.52 37.57 0.43
C MET C 38 35.41 38.73 0.87
N LEU C 39 35.02 39.50 1.88
CA LEU C 39 35.92 40.53 2.41
C LEU C 39 37.11 39.90 3.12
N GLN C 40 36.88 38.79 3.84
CA GLN C 40 37.95 38.10 4.54
C GLN C 40 38.94 37.46 3.56
N GLN C 41 38.40 36.86 2.48
CA GLN C 41 39.27 36.29 1.45
C GLN C 41 40.01 37.37 0.68
N GLU C 42 39.39 38.55 0.50
CA GLU C 42 40.06 39.68 -0.14
C GLU C 42 41.21 40.21 0.71
N ARG C 43 40.99 40.35 2.03
CA ARG C 43 42.05 40.88 2.88
C ARG C 43 43.15 39.86 3.11
N ILE C 44 42.85 38.57 2.96
CA ILE C 44 43.91 37.57 2.89
C ILE C 44 44.71 37.72 1.59
N ARG C 45 43.99 37.89 0.47
CA ARG C 45 44.58 37.81 -0.86
C ARG C 45 45.45 39.03 -1.17
N ASP C 46 45.00 40.24 -0.80
CA ASP C 46 45.78 41.44 -1.09
C ASP C 46 47.01 41.55 -0.20
N SER C 47 46.90 41.12 1.05
CA SER C 47 48.03 41.20 1.96
C SER C 47 49.02 40.08 1.66
N PRO C 48 50.30 40.40 1.41
CA PRO C 48 51.26 39.33 1.08
C PRO C 48 51.64 38.46 2.27
N LEU C 49 51.58 39.03 3.48
CA LEU C 49 51.81 38.25 4.69
C LEU C 49 50.72 37.22 4.90
N LEU C 50 49.46 37.64 4.74
CA LEU C 50 48.33 36.72 4.92
C LEU C 50 48.23 35.73 3.76
N GLN C 51 48.64 36.14 2.56
CA GLN C 51 48.68 35.22 1.43
C GLN C 51 49.76 34.16 1.60
N ALA C 52 50.93 34.55 2.11
CA ALA C 52 52.00 33.59 2.37
C ALA C 52 51.64 32.68 3.55
N ALA C 53 50.84 33.18 4.49
CA ALA C 53 50.31 32.31 5.54
C ALA C 53 49.25 31.37 5.00
N LYS C 54 48.52 31.79 3.96
CA LYS C 54 47.46 30.94 3.39
C LYS C 54 48.05 29.81 2.56
N GLU C 55 48.91 30.12 1.60
CA GLU C 55 49.33 29.12 0.62
C GLU C 55 50.66 28.46 0.97
N ASN C 56 51.23 28.78 2.15
CA ASN C 56 52.35 28.06 2.77
C ASN C 56 53.62 28.07 1.92
N ASP C 57 54.15 29.28 1.71
CA ASP C 57 55.40 29.44 0.97
C ASP C 57 56.55 29.57 1.97
N LEU C 58 57.49 28.65 1.89
CA LEU C 58 58.73 28.77 2.64
C LEU C 58 59.79 29.55 1.87
N ARG C 59 59.61 29.72 0.56
CA ARG C 59 60.39 30.72 -0.18
C ARG C 59 60.03 32.12 0.31
N LEU C 60 58.75 32.37 0.52
CA LEU C 60 58.29 33.59 1.18
C LEU C 60 58.31 33.34 2.69
N LEU C 61 57.75 34.30 3.45
CA LEU C 61 57.54 34.27 4.90
C LEU C 61 58.85 34.16 5.69
N LYS C 62 59.98 34.47 5.07
CA LYS C 62 61.26 34.68 5.73
C LYS C 62 61.87 36.01 5.35
N ILE C 63 61.70 36.43 4.09
CA ILE C 63 62.09 37.77 3.66
C ILE C 63 61.16 38.80 4.27
N LEU C 64 59.86 38.49 4.34
CA LEU C 64 58.89 39.42 4.90
C LEU C 64 59.01 39.51 6.41
N LEU C 65 59.33 38.39 7.07
CA LEU C 65 59.42 38.39 8.52
C LEU C 65 60.76 38.94 9.02
N LEU C 66 61.76 39.06 8.13
CA LEU C 66 63.03 39.63 8.55
C LEU C 66 63.00 41.16 8.56
N ASN C 67 61.97 41.75 7.95
CA ASN C 67 61.81 43.19 7.99
C ASN C 67 61.30 43.60 9.38
N GLN C 68 62.05 44.51 10.02
CA GLN C 68 61.63 45.00 11.33
C GLN C 68 60.51 46.02 11.24
N SER C 69 60.28 46.59 10.06
CA SER C 69 59.16 47.51 9.86
C SER C 69 57.90 46.82 9.39
N CYS C 70 57.95 45.51 9.13
CA CYS C 70 56.77 44.78 8.70
C CYS C 70 55.83 44.58 9.89
N ASP C 71 54.54 44.81 9.66
CA ASP C 71 53.53 44.73 10.71
C ASP C 71 53.06 43.28 10.81
N PHE C 72 53.51 42.59 11.85
CA PHE C 72 53.00 41.25 12.15
C PHE C 72 51.63 41.30 12.81
N GLN C 73 51.20 42.45 13.29
CA GLN C 73 49.86 42.65 13.83
C GLN C 73 48.86 43.10 12.76
N GLN C 74 49.14 42.83 11.49
CA GLN C 74 48.23 43.18 10.41
C GLN C 74 47.01 42.28 10.45
N ARG C 75 45.82 42.88 10.39
CA ARG C 75 44.58 42.16 10.58
C ARG C 75 43.81 42.07 9.26
N GLY C 76 42.94 41.07 9.18
CA GLY C 76 42.11 40.88 8.01
C GLY C 76 40.82 41.67 8.08
N ALA C 77 39.77 41.20 7.41
CA ALA C 77 38.50 41.91 7.44
C ALA C 77 37.79 41.71 8.77
N VAL C 78 37.93 40.53 9.37
CA VAL C 78 37.28 40.23 10.63
C VAL C 78 38.22 40.46 11.81
N GLY C 79 39.37 41.09 11.59
CA GLY C 79 40.32 41.32 12.65
C GLY C 79 41.23 40.16 12.95
N GLU C 80 41.19 39.12 12.13
CA GLU C 80 42.01 37.93 12.36
C GLU C 80 43.46 38.19 11.94
N THR C 81 44.39 37.55 12.64
CA THR C 81 45.81 37.74 12.38
C THR C 81 46.26 36.85 11.22
N ALA C 82 47.57 36.82 10.98
CA ALA C 82 48.13 35.87 10.03
C ALA C 82 48.19 34.48 10.63
N LEU C 83 48.22 34.38 11.96
CA LEU C 83 48.21 33.07 12.62
C LEU C 83 46.86 32.39 12.49
N HIS C 84 45.77 33.19 12.46
CA HIS C 84 44.44 32.64 12.16
C HIS C 84 44.38 32.08 10.75
N VAL C 85 45.03 32.75 9.80
CA VAL C 85 45.07 32.30 8.42
C VAL C 85 45.91 31.03 8.30
N ALA C 86 47.02 30.96 9.04
CA ALA C 86 47.87 29.76 9.02
C ALA C 86 47.19 28.59 9.71
N ALA C 87 46.38 28.86 10.74
CA ALA C 87 45.62 27.79 11.39
C ALA C 87 44.42 27.37 10.56
N LEU C 88 43.89 28.26 9.72
CA LEU C 88 42.69 27.96 8.94
C LEU C 88 43.00 27.02 7.78
N TYR C 89 44.16 27.19 7.13
CA TYR C 89 44.52 26.39 5.97
C TYR C 89 45.50 25.29 6.31
N ASP C 90 45.60 24.91 7.60
CA ASP C 90 46.39 23.80 8.12
C ASP C 90 47.87 23.91 7.80
N ASN C 91 48.39 25.14 7.79
CA ASN C 91 49.82 25.38 7.55
C ASN C 91 50.52 25.40 8.90
N LEU C 92 51.13 24.27 9.26
CA LEU C 92 51.77 24.13 10.55
C LEU C 92 53.08 24.91 10.61
N GLU C 93 53.96 24.69 9.64
CA GLU C 93 55.30 25.28 9.68
C GLU C 93 55.27 26.78 9.43
N ALA C 94 54.31 27.25 8.64
CA ALA C 94 54.09 28.69 8.47
C ALA C 94 53.62 29.32 9.78
N ALA C 95 52.82 28.59 10.55
CA ALA C 95 52.40 29.06 11.86
C ALA C 95 53.55 29.06 12.84
N THR C 96 54.51 28.13 12.69
CA THR C 96 55.70 28.15 13.55
C THR C 96 56.59 29.35 13.25
N LEU C 97 56.75 29.70 11.96
CA LEU C 97 57.51 30.91 11.62
C LEU C 97 56.79 32.18 12.08
N LEU C 98 55.45 32.20 11.99
CA LEU C 98 54.68 33.34 12.48
C LEU C 98 54.74 33.44 14.00
N MET C 99 54.85 32.31 14.68
CA MET C 99 54.94 32.33 16.14
C MET C 99 56.33 32.74 16.61
N GLU C 100 57.39 32.31 15.91
CA GLU C 100 58.73 32.68 16.35
C GLU C 100 59.08 34.10 15.88
N ALA C 101 58.38 34.63 14.89
CA ALA C 101 58.56 36.03 14.52
C ALA C 101 57.95 36.94 15.58
N ALA C 102 56.77 36.60 16.07
CA ALA C 102 56.10 37.35 17.12
C ALA C 102 55.26 36.38 17.95
N PRO C 103 55.59 36.18 19.23
CA PRO C 103 54.85 35.20 20.04
C PRO C 103 53.50 35.69 20.53
N GLU C 104 53.16 36.95 20.30
CA GLU C 104 51.91 37.52 20.80
C GLU C 104 50.73 37.27 19.90
N LEU C 105 50.92 36.58 18.77
CA LEU C 105 49.81 36.26 17.88
C LEU C 105 48.89 35.20 18.46
N ALA C 106 49.36 34.42 19.43
CA ALA C 106 48.48 33.47 20.12
C ALA C 106 47.53 34.19 21.08
N LYS C 107 47.94 35.33 21.63
CA LYS C 107 47.10 36.05 22.57
C LYS C 107 46.02 36.88 21.90
N GLU C 108 46.13 37.13 20.60
CA GLU C 108 45.23 38.06 19.93
C GLU C 108 44.04 37.32 19.34
N PRO C 109 42.81 37.66 19.72
CA PRO C 109 41.64 37.16 19.01
C PRO C 109 41.22 38.11 17.89
N ALA C 110 40.24 37.64 17.10
CA ALA C 110 39.67 38.49 16.06
C ALA C 110 38.68 39.47 16.68
N LEU C 111 38.37 40.54 15.94
CA LEU C 111 37.67 41.68 16.50
C LEU C 111 36.30 41.96 15.91
N CYS C 112 36.03 41.63 14.66
CA CYS C 112 34.76 42.03 14.08
C CYS C 112 33.67 41.01 14.39
N GLU C 113 32.42 41.43 14.13
CA GLU C 113 31.24 40.90 14.82
C GLU C 113 30.94 39.40 14.67
N PRO C 114 31.02 38.75 13.47
CA PRO C 114 30.74 37.30 13.48
C PRO C 114 31.83 36.44 14.11
N PHE C 115 33.02 36.98 14.35
CA PHE C 115 34.11 36.24 14.98
C PHE C 115 34.77 37.07 16.07
N VAL C 116 33.96 37.62 16.98
CA VAL C 116 34.39 38.74 17.84
C VAL C 116 35.29 38.25 18.98
N GLY C 117 35.39 36.94 19.17
CA GLY C 117 36.30 36.43 20.18
C GLY C 117 37.17 35.27 19.76
N GLN C 118 37.16 34.93 18.48
CA GLN C 118 37.83 33.72 18.02
C GLN C 118 39.34 33.90 17.95
N THR C 119 40.06 32.98 18.60
CA THR C 119 41.52 32.95 18.55
C THR C 119 41.97 31.93 17.51
N ALA C 120 43.29 31.86 17.32
CA ALA C 120 43.85 30.86 16.42
C ALA C 120 43.82 29.47 17.04
N LEU C 121 43.71 29.41 18.37
CA LEU C 121 43.59 28.14 19.08
C LEU C 121 42.28 27.44 18.74
N HIS C 122 41.18 28.21 18.59
CA HIS C 122 39.89 27.64 18.21
C HIS C 122 39.94 27.01 16.82
N ILE C 123 40.62 27.68 15.88
CA ILE C 123 40.73 27.18 14.52
C ILE C 123 41.64 25.96 14.48
N ALA C 124 42.71 25.95 15.28
CA ALA C 124 43.59 24.79 15.33
C ALA C 124 42.92 23.59 15.97
N VAL C 125 42.06 23.84 16.96
CA VAL C 125 41.28 22.77 17.59
C VAL C 125 40.23 22.21 16.64
N MET C 126 39.51 23.08 15.90
CA MET C 126 38.54 22.58 14.91
C MET C 126 39.20 21.85 13.76
N ASN C 127 40.39 22.28 13.34
CA ASN C 127 41.10 21.59 12.28
C ASN C 127 41.76 20.30 12.75
N GLN C 128 41.85 20.09 14.07
CA GLN C 128 42.47 18.93 14.72
C GLN C 128 43.92 18.73 14.32
N ASN C 129 44.63 19.84 14.13
CA ASN C 129 46.06 19.80 13.85
C ASN C 129 46.74 19.86 15.22
N LEU C 130 47.06 18.67 15.74
CA LEU C 130 47.40 18.51 17.15
C LEU C 130 48.79 19.07 17.46
N ASN C 131 49.70 19.01 16.48
CA ASN C 131 51.01 19.63 16.65
C ASN C 131 50.91 21.14 16.68
N LEU C 132 49.92 21.70 15.97
CA LEU C 132 49.66 23.13 16.05
C LEU C 132 49.05 23.50 17.41
N VAL C 133 48.26 22.59 17.99
CA VAL C 133 47.73 22.84 19.33
C VAL C 133 48.84 22.81 20.37
N ARG C 134 49.80 21.88 20.22
CA ARG C 134 50.98 21.89 21.10
C ARG C 134 51.85 23.12 20.88
N ALA C 135 51.96 23.58 19.64
CA ALA C 135 52.78 24.76 19.35
C ALA C 135 52.13 26.04 19.88
N LEU C 136 50.80 26.09 19.87
CA LEU C 136 50.10 27.23 20.44
C LEU C 136 50.13 27.20 21.96
N LEU C 137 49.98 26.02 22.56
CA LEU C 137 49.99 25.93 24.01
C LEU C 137 51.40 26.01 24.59
N ALA C 138 52.43 25.81 23.76
CA ALA C 138 53.79 26.12 24.20
C ALA C 138 53.97 27.63 24.35
N ARG C 139 53.30 28.41 23.51
CA ARG C 139 53.22 29.84 23.68
C ARG C 139 52.08 30.18 24.65
N GLY C 140 51.80 31.48 24.79
CA GLY C 140 50.80 31.91 25.75
C GLY C 140 49.40 32.02 25.19
N ALA C 141 48.91 30.96 24.55
CA ALA C 141 47.55 30.92 24.04
C ALA C 141 46.61 30.62 25.20
N SER C 142 45.61 31.49 25.39
CA SER C 142 44.68 31.31 26.50
C SER C 142 43.69 30.19 26.20
N VAL C 143 43.50 29.31 27.19
CA VAL C 143 42.53 28.22 27.07
C VAL C 143 41.15 28.62 27.53
N SER C 144 41.01 29.77 28.20
CA SER C 144 39.73 30.28 28.65
C SER C 144 39.15 31.30 27.67
N ALA C 145 39.60 31.28 26.42
CA ALA C 145 39.14 32.25 25.44
C ALA C 145 37.73 31.94 24.98
N ARG C 146 36.90 32.98 24.90
CA ARG C 146 35.50 32.87 24.55
C ARG C 146 35.32 33.38 23.13
N ALA C 147 35.01 32.48 22.20
CA ALA C 147 34.76 32.84 20.80
C ALA C 147 33.30 33.22 20.63
N THR C 148 32.95 34.37 21.20
CA THR C 148 31.56 34.79 21.37
C THR C 148 30.97 35.53 20.16
N GLY C 149 31.46 35.24 18.95
CA GLY C 149 30.89 35.82 17.75
C GLY C 149 29.58 35.18 17.35
N ALA C 150 28.94 35.78 16.35
CA ALA C 150 27.65 35.29 15.87
C ALA C 150 27.76 34.04 15.01
N ALA C 151 28.96 33.67 14.58
CA ALA C 151 29.16 32.42 13.84
C ALA C 151 29.34 31.22 14.75
N PHE C 152 29.33 31.42 16.06
CA PHE C 152 29.50 30.35 17.02
C PHE C 152 28.29 30.18 17.93
N ARG C 153 27.25 30.99 17.75
CA ARG C 153 26.03 30.85 18.53
C ARG C 153 25.22 29.66 18.06
N ARG C 154 24.26 29.26 18.89
CA ARG C 154 23.29 28.23 18.51
C ARG C 154 22.16 28.94 17.78
N SER C 155 22.17 28.85 16.46
CA SER C 155 21.18 29.51 15.61
C SER C 155 20.89 28.60 14.44
N PRO C 156 19.74 28.77 13.78
CA PRO C 156 19.54 28.09 12.48
C PRO C 156 20.45 28.60 11.37
N HIS C 157 21.03 29.79 11.52
CA HIS C 157 22.00 30.29 10.54
C HIS C 157 23.28 29.47 10.57
N ASN C 158 23.80 29.22 11.77
CA ASN C 158 25.03 28.45 11.92
C ASN C 158 24.75 26.96 11.73
N LEU C 159 25.59 26.31 10.93
CA LEU C 159 25.40 24.90 10.64
C LEU C 159 25.83 24.00 11.78
N ILE C 160 26.74 24.47 12.65
CA ILE C 160 27.15 23.72 13.82
C ILE C 160 26.94 24.60 15.06
N TYR C 161 26.98 23.95 16.22
CA TYR C 161 27.07 24.64 17.50
C TYR C 161 28.09 23.89 18.33
N TYR C 162 29.27 24.48 18.48
CA TYR C 162 30.34 23.85 19.23
C TYR C 162 30.66 24.59 20.52
N GLY C 163 30.13 25.79 20.70
CA GLY C 163 30.41 26.58 21.87
C GLY C 163 31.27 27.78 21.59
N GLU C 164 31.95 28.23 22.64
CA GLU C 164 32.89 29.34 22.61
C GLU C 164 34.25 29.04 23.20
N HIS C 165 34.36 28.04 24.06
CA HIS C 165 35.64 27.67 24.62
C HIS C 165 36.30 26.58 23.77
N PRO C 166 37.63 26.54 23.73
CA PRO C 166 38.31 25.49 22.94
C PRO C 166 38.15 24.08 23.49
N LEU C 167 37.80 23.94 24.77
CA LEU C 167 37.57 22.62 25.34
C LEU C 167 36.29 21.99 24.79
N SER C 168 35.23 22.79 24.68
CA SER C 168 34.00 22.32 24.04
C SER C 168 34.19 22.08 22.55
N PHE C 169 35.08 22.86 21.93
CA PHE C 169 35.44 22.66 20.53
C PHE C 169 36.13 21.31 20.34
N ALA C 170 37.06 20.97 21.25
CA ALA C 170 37.79 19.71 21.16
C ALA C 170 36.92 18.53 21.54
N ALA C 171 35.94 18.74 22.42
CA ALA C 171 34.98 17.69 22.71
C ALA C 171 34.06 17.44 21.52
N CYS C 172 33.68 18.49 20.81
CA CYS C 172 32.72 18.34 19.72
C CYS C 172 33.35 17.87 18.41
N VAL C 173 34.64 18.14 18.19
CA VAL C 173 35.27 17.59 16.98
C VAL C 173 35.65 16.13 17.17
N GLY C 174 35.67 15.65 18.41
CA GLY C 174 35.87 14.25 18.67
C GLY C 174 37.30 13.79 18.86
N SER C 175 38.23 14.70 19.10
CA SER C 175 39.63 14.34 19.30
C SER C 175 39.92 14.24 20.79
N GLU C 176 40.42 13.08 21.22
CA GLU C 176 40.59 12.80 22.64
C GLU C 176 41.82 13.50 23.19
N GLU C 177 42.89 13.53 22.40
CA GLU C 177 44.20 13.94 22.90
C GLU C 177 44.28 15.45 23.04
N ILE C 178 43.54 16.20 22.21
CA ILE C 178 43.48 17.66 22.37
C ILE C 178 42.73 18.01 23.65
N VAL C 179 41.71 17.21 24.00
CA VAL C 179 40.97 17.39 25.26
C VAL C 179 41.90 17.15 26.45
N ARG C 180 42.69 16.07 26.40
CA ARG C 180 43.65 15.78 27.47
C ARG C 180 44.76 16.83 27.54
N LEU C 181 45.19 17.36 26.39
CA LEU C 181 46.24 18.36 26.36
C LEU C 181 45.75 19.71 26.86
N LEU C 182 44.47 20.03 26.63
CA LEU C 182 43.88 21.22 27.21
C LEU C 182 43.68 21.08 28.72
N ILE C 183 43.39 19.85 29.17
CA ILE C 183 43.33 19.58 30.61
C ILE C 183 44.71 19.74 31.25
N GLU C 184 45.78 19.39 30.51
CA GLU C 184 47.14 19.55 31.02
C GLU C 184 47.54 21.01 31.22
N HIS C 185 46.90 21.95 30.53
CA HIS C 185 47.14 23.38 30.72
C HIS C 185 45.79 24.08 30.92
N GLY C 186 45.32 24.11 32.17
CA GLY C 186 44.11 24.86 32.49
C GLY C 186 42.87 24.17 31.97
N ALA C 187 41.95 24.99 31.44
CA ALA C 187 40.71 24.59 30.75
C ALA C 187 39.81 23.76 31.67
N ASP C 188 39.25 24.46 32.65
CA ASP C 188 38.31 23.85 33.59
C ASP C 188 37.06 23.38 32.86
N ILE C 189 36.48 22.29 33.38
CA ILE C 189 35.34 21.66 32.71
C ILE C 189 34.09 22.52 32.87
N ARG C 190 33.89 23.07 34.07
CA ARG C 190 32.68 23.82 34.40
C ARG C 190 32.70 25.23 33.84
N ALA C 191 32.63 25.35 32.52
CA ALA C 191 32.61 26.66 31.87
C ALA C 191 31.25 26.83 31.20
N GLN C 192 30.54 27.89 31.59
CA GLN C 192 29.22 28.20 31.04
C GLN C 192 29.34 29.36 30.06
N ASP C 193 28.63 29.23 28.96
CA ASP C 193 28.68 30.20 27.87
C ASP C 193 27.56 31.23 27.99
N SER C 194 27.28 31.92 26.87
CA SER C 194 26.19 32.88 26.82
C SER C 194 24.83 32.21 26.95
N LEU C 195 24.70 30.97 26.48
CA LEU C 195 23.51 30.17 26.71
C LEU C 195 23.54 29.44 28.04
N GLY C 196 24.63 29.55 28.80
CA GLY C 196 24.79 28.84 30.05
C GLY C 196 25.21 27.40 29.89
N ASN C 197 25.49 26.95 28.67
CA ASN C 197 25.76 25.55 28.42
C ASN C 197 27.17 25.18 28.87
N THR C 198 27.27 24.11 29.64
CA THR C 198 28.51 23.44 29.97
C THR C 198 28.87 22.57 28.75
N VAL C 199 30.12 22.06 28.71
CA VAL C 199 30.60 21.19 27.64
C VAL C 199 29.76 19.90 27.54
N LEU C 200 29.17 19.44 28.66
CA LEU C 200 28.24 18.32 28.64
C LEU C 200 26.96 18.64 27.88
N HIS C 201 26.43 19.87 28.05
CA HIS C 201 25.24 20.31 27.31
C HIS C 201 25.48 20.32 25.81
N ILE C 202 26.59 20.93 25.39
CA ILE C 202 26.92 21.05 23.97
C ILE C 202 27.23 19.69 23.37
N LEU C 203 27.85 18.81 24.17
CA LEU C 203 28.12 17.44 23.72
C LEU C 203 26.85 16.63 23.58
N ILE C 204 25.82 16.92 24.38
CA ILE C 204 24.51 16.31 24.20
C ILE C 204 23.85 16.85 22.93
N LEU C 205 24.02 18.15 22.64
CA LEU C 205 23.40 18.76 21.46
C LEU C 205 24.01 18.34 20.13
N GLN C 206 25.13 17.61 20.14
CA GLN C 206 25.76 17.17 18.90
C GLN C 206 24.94 16.07 18.21
N PRO C 207 24.98 16.00 16.87
CA PRO C 207 24.21 14.96 16.17
C PRO C 207 24.76 13.54 16.34
N ASN C 208 26.07 13.38 16.34
CA ASN C 208 26.68 12.07 16.57
C ASN C 208 26.72 11.78 18.07
N LYS C 209 25.99 10.73 18.47
CA LYS C 209 25.80 10.47 19.90
C LYS C 209 26.74 9.38 20.41
N THR C 210 26.85 8.28 19.68
CA THR C 210 27.75 7.19 20.08
C THR C 210 29.22 7.60 19.93
N PHE C 211 29.50 8.54 19.03
CA PHE C 211 30.86 9.06 18.89
C PHE C 211 31.20 10.03 20.03
N ALA C 212 30.18 10.60 20.68
CA ALA C 212 30.37 11.57 21.75
C ALA C 212 30.17 10.99 23.15
N CYS C 213 29.69 9.75 23.27
CA CYS C 213 29.55 9.12 24.57
C CYS C 213 30.90 8.85 25.23
N GLN C 214 31.90 8.50 24.42
CA GLN C 214 33.26 8.30 24.94
C GLN C 214 33.86 9.60 25.42
N MET C 215 33.59 10.70 24.71
CA MET C 215 34.00 12.01 25.17
C MET C 215 33.27 12.44 26.45
N TYR C 216 32.01 12.04 26.59
CA TYR C 216 31.27 12.33 27.81
C TYR C 216 31.86 11.56 29.00
N ASN C 217 32.27 10.31 28.76
CA ASN C 217 32.98 9.52 29.77
C ASN C 217 34.30 10.17 30.17
N LEU C 218 35.09 10.62 29.20
CA LEU C 218 36.40 11.15 29.55
C LEU C 218 36.29 12.56 30.13
N LEU C 219 35.22 13.28 29.82
CA LEU C 219 34.99 14.57 30.44
C LEU C 219 34.47 14.41 31.87
N LEU C 220 33.71 13.34 32.13
CA LEU C 220 33.32 13.04 33.50
C LEU C 220 34.46 12.44 34.31
N SER C 221 35.48 11.91 33.62
CA SER C 221 36.64 11.34 34.30
C SER C 221 37.47 12.39 35.03
N TYR C 222 37.44 13.65 34.59
CA TYR C 222 38.16 14.72 35.25
C TYR C 222 37.28 15.56 36.17
N ASP C 223 36.30 14.95 36.81
CA ASP C 223 35.38 15.66 37.70
C ASP C 223 35.87 15.52 39.14
N GLU C 224 36.09 16.66 39.79
CA GLU C 224 36.53 16.70 41.18
C GLU C 224 35.49 17.26 42.12
N HIS C 225 34.34 17.69 41.60
CA HIS C 225 33.18 18.22 42.33
C HIS C 225 33.50 19.41 43.23
N GLN C 230 27.77 20.89 44.83
CA GLN C 230 27.28 21.03 43.46
C GLN C 230 28.15 20.24 42.50
N SER C 231 27.55 19.30 41.79
CA SER C 231 28.28 18.47 40.86
C SER C 231 28.37 19.11 39.48
N LEU C 232 29.21 18.52 38.64
CA LEU C 232 29.29 18.92 37.23
C LEU C 232 28.03 18.56 36.46
N GLU C 233 27.47 17.38 36.75
CA GLU C 233 26.31 16.90 36.03
C GLU C 233 25.03 17.65 36.37
N LEU C 234 24.94 18.23 37.57
CA LEU C 234 23.69 18.84 38.03
C LEU C 234 23.60 20.34 37.82
N VAL C 235 24.60 20.98 37.23
CA VAL C 235 24.53 22.43 37.04
C VAL C 235 23.70 22.73 35.80
N PRO C 236 22.74 23.65 35.85
CA PRO C 236 21.89 23.93 34.70
C PRO C 236 22.42 25.07 33.83
N ASN C 237 21.77 25.23 32.67
CA ASN C 237 22.01 26.36 31.80
C ASN C 237 21.05 27.49 32.13
N HIS C 238 20.96 28.49 31.24
CA HIS C 238 20.06 29.62 31.45
C HIS C 238 18.60 29.28 31.23
N GLN C 239 18.30 28.16 30.59
CA GLN C 239 16.94 27.63 30.52
C GLN C 239 16.60 26.76 31.72
N GLY C 240 17.54 26.58 32.65
CA GLY C 240 17.34 25.73 33.79
C GLY C 240 17.53 24.26 33.53
N LEU C 241 17.99 23.87 32.35
CA LEU C 241 18.05 22.47 32.00
C LEU C 241 19.37 21.84 32.44
N THR C 242 19.25 20.76 33.20
CA THR C 242 20.31 19.81 33.51
C THR C 242 20.68 19.07 32.23
N PRO C 243 21.92 18.56 32.12
CA PRO C 243 22.24 17.64 31.02
C PRO C 243 21.37 16.39 30.94
N PHE C 244 20.86 15.90 32.07
CA PHE C 244 19.82 14.88 32.06
C PHE C 244 18.55 15.39 31.39
N LYS C 245 18.13 16.61 31.76
CA LYS C 245 16.93 17.20 31.19
C LYS C 245 17.13 17.59 29.73
N LEU C 246 18.34 18.00 29.37
CA LEU C 246 18.62 18.34 27.98
C LEU C 246 18.71 17.09 27.11
N ALA C 247 19.20 15.98 27.67
CA ALA C 247 19.19 14.73 26.93
C ALA C 247 17.77 14.20 26.76
N GLY C 248 16.90 14.44 27.74
CA GLY C 248 15.51 14.09 27.58
C GLY C 248 14.77 14.97 26.57
N VAL C 249 15.04 16.28 26.58
CA VAL C 249 14.33 17.22 25.71
C VAL C 249 14.75 17.05 24.25
N GLU C 250 16.04 16.92 24.00
CA GLU C 250 16.57 16.88 22.64
C GLU C 250 16.40 15.52 21.97
N GLY C 251 15.87 14.51 22.65
CA GLY C 251 15.69 13.23 22.01
C GLY C 251 16.92 12.38 21.96
N ASN C 252 17.94 12.70 22.75
CA ASN C 252 19.20 11.96 22.74
C ASN C 252 19.01 10.70 23.56
N THR C 253 18.49 9.66 22.89
CA THR C 253 18.18 8.40 23.57
C THR C 253 19.44 7.63 23.92
N VAL C 254 20.47 7.76 23.09
CA VAL C 254 21.76 7.12 23.35
C VAL C 254 22.41 7.72 24.60
N MET C 255 22.38 9.05 24.70
CA MET C 255 22.94 9.71 25.86
C MET C 255 22.06 9.52 27.09
N PHE C 256 20.75 9.37 26.90
CA PHE C 256 19.86 9.05 28.02
C PHE C 256 20.14 7.67 28.59
N GLN C 257 20.36 6.68 27.71
CA GLN C 257 20.72 5.34 28.16
C GLN C 257 22.09 5.34 28.83
N HIS C 258 23.03 6.13 28.31
CA HIS C 258 24.34 6.25 28.92
C HIS C 258 24.27 6.92 30.30
N LEU C 259 23.40 7.92 30.45
CA LEU C 259 23.24 8.57 31.74
C LEU C 259 22.50 7.69 32.73
N MET C 260 21.65 6.78 32.25
CA MET C 260 21.00 5.85 33.17
C MET C 260 21.77 4.56 33.42
N GLN C 261 22.89 4.34 32.72
CA GLN C 261 23.80 3.29 33.19
C GLN C 261 24.43 3.64 34.53
N LYS C 262 24.71 4.91 34.77
CA LYS C 262 25.30 5.36 36.03
C LYS C 262 24.26 5.64 37.10
N ARG C 263 22.97 5.62 36.77
CA ARG C 263 21.91 5.82 37.73
C ARG C 263 21.17 4.54 38.06
N LYS C 264 21.70 3.39 37.67
CA LYS C 264 21.06 2.12 37.95
C LYS C 264 21.99 1.23 38.76
N HIS C 265 21.39 0.29 39.48
CA HIS C 265 22.14 -0.68 40.29
C HIS C 265 21.45 -2.03 40.11
N VAL C 266 22.19 -3.02 39.63
CA VAL C 266 21.64 -4.35 39.46
C VAL C 266 21.56 -5.00 40.84
N GLN C 267 20.33 -5.27 41.31
CA GLN C 267 20.14 -5.94 42.58
C GLN C 267 20.63 -7.37 42.53
N TRP C 268 20.17 -8.12 41.53
CA TRP C 268 20.67 -9.48 41.32
C TRP C 268 20.44 -9.87 39.87
N THR C 269 21.14 -10.91 39.46
CA THR C 269 20.84 -11.64 38.24
C THR C 269 20.74 -13.11 38.59
N CYS C 270 19.84 -13.82 37.90
CA CYS C 270 19.65 -15.24 38.09
C CYS C 270 19.22 -15.82 36.75
N GLY C 271 20.16 -16.53 36.11
CA GLY C 271 19.92 -17.19 34.85
C GLY C 271 19.54 -16.25 33.73
N PRO C 272 18.27 -16.32 33.31
CA PRO C 272 17.81 -15.40 32.27
C PRO C 272 17.30 -14.07 32.80
N LEU C 273 16.92 -13.96 34.07
CA LEU C 273 16.20 -12.78 34.52
C LEU C 273 16.99 -12.04 35.58
N THR C 274 16.99 -10.72 35.50
CA THR C 274 17.71 -9.87 36.44
C THR C 274 16.81 -8.78 36.97
N SER C 275 17.04 -8.41 38.22
CA SER C 275 16.35 -7.31 38.88
C SER C 275 17.35 -6.20 39.14
N THR C 276 17.01 -5.00 38.67
CA THR C 276 17.86 -3.83 38.77
C THR C 276 17.05 -2.63 39.26
N LEU C 277 17.71 -1.75 39.99
CA LEU C 277 17.05 -0.62 40.64
C LEU C 277 17.48 0.66 39.95
N TYR C 278 16.52 1.40 39.40
CA TYR C 278 16.84 2.66 38.76
C TYR C 278 16.57 3.81 39.73
N ASP C 279 17.52 4.73 39.81
CA ASP C 279 17.31 5.96 40.56
C ASP C 279 16.28 6.82 39.85
N LEU C 280 15.29 7.28 40.59
CA LEU C 280 14.13 7.96 40.03
C LEU C 280 14.13 9.43 40.40
N THR C 281 15.24 9.95 40.91
CA THR C 281 15.32 11.34 41.37
C THR C 281 15.29 12.32 40.20
N GLU C 282 16.09 12.05 39.16
CA GLU C 282 16.15 12.94 38.02
C GLU C 282 14.96 12.78 37.08
N ILE C 283 14.21 11.69 37.19
CA ILE C 283 13.11 11.42 36.27
C ILE C 283 11.77 11.86 36.84
N ASP C 284 11.50 11.54 38.11
CA ASP C 284 10.20 11.84 38.70
C ASP C 284 10.03 13.33 38.97
N SER C 285 11.10 13.98 39.48
CA SER C 285 11.21 15.42 39.71
C SER C 285 10.12 15.94 40.64
N TRP C 286 10.23 15.49 41.89
CA TRP C 286 9.18 15.68 42.89
C TRP C 286 9.02 17.14 43.29
N GLY C 287 10.08 17.75 43.83
CA GLY C 287 9.98 19.13 44.27
C GLY C 287 10.00 20.16 43.18
N GLU C 288 10.35 19.75 41.95
CA GLU C 288 10.45 20.68 40.85
C GLU C 288 9.07 21.06 40.32
N GLU C 289 8.89 22.35 40.01
CA GLU C 289 7.62 22.80 39.46
C GLU C 289 7.47 22.38 38.01
N LEU C 290 8.53 22.48 37.23
CA LEU C 290 8.58 21.96 35.87
C LEU C 290 9.36 20.65 35.92
N SER C 291 8.62 19.54 35.83
CA SER C 291 9.22 18.23 36.01
C SER C 291 9.95 17.79 34.75
N PHE C 292 10.66 16.67 34.86
CA PHE C 292 11.43 16.14 33.74
C PHE C 292 10.51 15.60 32.65
N LEU C 293 9.47 14.86 33.05
CA LEU C 293 8.55 14.25 32.09
C LEU C 293 7.72 15.30 31.37
N GLU C 294 7.35 16.37 32.07
CA GLU C 294 6.65 17.50 31.46
C GLU C 294 7.57 18.24 30.48
N LEU C 295 8.86 18.31 30.79
CA LEU C 295 9.82 18.92 29.87
C LEU C 295 10.01 18.08 28.62
N VAL C 296 9.98 16.76 28.77
CA VAL C 296 10.20 15.89 27.62
C VAL C 296 8.96 15.86 26.72
N VAL C 297 7.76 15.78 27.31
CA VAL C 297 6.57 15.57 26.50
C VAL C 297 6.13 16.87 25.81
N SER C 298 6.49 18.03 26.35
CA SER C 298 6.13 19.32 25.76
C SER C 298 7.29 19.94 25.00
N SER C 299 8.25 19.14 24.57
CA SER C 299 9.40 19.63 23.83
C SER C 299 9.08 19.69 22.34
N LYS C 300 9.68 20.67 21.67
CA LYS C 300 9.48 20.84 20.23
C LYS C 300 10.18 19.76 19.41
N LYS C 301 11.25 19.18 19.94
CA LYS C 301 11.96 18.13 19.21
C LYS C 301 11.16 16.84 19.21
N ARG C 302 11.12 16.19 18.05
CA ARG C 302 10.17 15.11 17.85
C ARG C 302 10.70 13.82 18.47
N GLU C 303 12.02 13.63 18.39
CA GLU C 303 12.72 12.42 18.84
C GLU C 303 12.67 12.23 20.35
N ALA C 304 12.27 13.25 21.11
CA ALA C 304 12.00 13.11 22.54
C ALA C 304 10.89 12.11 22.84
N ARG C 305 9.98 11.86 21.88
CA ARG C 305 9.01 10.78 22.04
C ARG C 305 9.67 9.42 22.16
N GLN C 306 10.80 9.19 21.46
CA GLN C 306 11.54 7.94 21.67
C GLN C 306 12.26 7.91 23.02
N ILE C 307 12.45 9.07 23.67
CA ILE C 307 12.87 9.12 25.08
C ILE C 307 11.85 8.43 25.96
N LEU C 308 10.57 8.44 25.57
CA LEU C 308 9.56 7.80 26.38
C LEU C 308 9.61 6.29 26.24
N GLU C 309 10.30 5.76 25.23
CA GLU C 309 10.39 4.32 25.03
C GLU C 309 11.48 3.68 25.88
N GLN C 310 12.39 4.48 26.43
CA GLN C 310 13.46 3.99 27.29
C GLN C 310 12.89 3.52 28.63
N THR C 311 13.63 2.62 29.29
CA THR C 311 12.99 1.68 30.22
C THR C 311 12.43 2.28 31.51
N PRO C 312 13.21 2.99 32.39
CA PRO C 312 12.60 3.35 33.70
C PRO C 312 11.54 4.43 33.60
N VAL C 313 11.62 5.26 32.56
CA VAL C 313 10.56 6.18 32.20
C VAL C 313 9.31 5.42 31.80
N LYS C 314 9.48 4.33 31.03
CA LYS C 314 8.35 3.56 30.52
C LYS C 314 7.61 2.81 31.63
N GLU C 315 8.35 2.15 32.53
CA GLU C 315 7.65 1.51 33.65
C GLU C 315 7.17 2.50 34.69
N LEU C 316 7.79 3.70 34.76
CA LEU C 316 7.29 4.74 35.67
C LEU C 316 5.94 5.27 35.22
N VAL C 317 5.80 5.57 33.92
CA VAL C 317 4.51 6.04 33.42
C VAL C 317 3.49 4.91 33.40
N SER C 318 3.92 3.67 33.15
CA SER C 318 2.99 2.53 33.19
C SER C 318 2.43 2.31 34.59
N PHE C 319 3.28 2.47 35.62
CA PHE C 319 2.81 2.40 36.99
C PHE C 319 1.91 3.58 37.34
N LYS C 320 2.27 4.79 36.90
CA LYS C 320 1.48 5.98 37.22
C LYS C 320 0.13 5.98 36.52
N TRP C 321 0.07 5.45 35.30
CA TRP C 321 -1.15 5.46 34.52
C TRP C 321 -2.08 4.33 34.93
N LYS C 322 -1.53 3.12 35.13
CA LYS C 322 -2.37 2.00 35.52
C LYS C 322 -2.81 2.12 36.97
N LYS C 323 -1.93 2.63 37.83
CA LYS C 323 -2.26 2.70 39.25
C LYS C 323 -3.17 3.88 39.56
N TYR C 324 -2.89 5.04 38.97
CA TYR C 324 -3.66 6.24 39.32
C TYR C 324 -4.26 6.97 38.14
N GLY C 325 -3.55 7.02 37.01
CA GLY C 325 -3.93 7.96 35.95
C GLY C 325 -5.19 7.58 35.20
N ARG C 326 -5.30 6.31 34.81
CA ARG C 326 -6.50 5.80 34.14
C ARG C 326 -7.78 5.83 34.98
N PRO C 327 -7.83 5.45 36.28
CA PRO C 327 -9.10 5.62 37.01
C PRO C 327 -9.51 7.06 37.23
N TYR C 328 -8.55 7.96 37.47
CA TYR C 328 -8.87 9.37 37.66
C TYR C 328 -9.34 10.00 36.35
N PHE C 329 -8.71 9.62 35.23
CA PHE C 329 -9.16 10.10 33.93
C PHE C 329 -10.51 9.53 33.55
N CYS C 330 -10.81 8.29 33.98
CA CYS C 330 -12.10 7.69 33.68
C CYS C 330 -13.23 8.32 34.50
N VAL C 331 -12.97 8.64 35.77
CA VAL C 331 -14.03 9.29 36.55
C VAL C 331 -14.20 10.74 36.13
N LEU C 332 -13.12 11.39 35.65
CA LEU C 332 -13.27 12.73 35.09
C LEU C 332 -14.02 12.71 33.77
N ALA C 333 -13.81 11.66 32.96
CA ALA C 333 -14.53 11.49 31.71
C ALA C 333 -16.01 11.26 31.94
N SER C 334 -16.36 10.42 32.91
CA SER C 334 -17.76 10.15 33.22
C SER C 334 -18.43 11.37 33.84
N LEU C 335 -17.69 12.14 34.65
CA LEU C 335 -18.24 13.34 35.25
C LEU C 335 -18.47 14.43 34.20
N TYR C 336 -17.57 14.54 33.22
CA TYR C 336 -17.79 15.48 32.12
C TYR C 336 -18.91 15.05 31.20
N ILE C 337 -19.11 13.74 31.01
CA ILE C 337 -20.23 13.25 30.21
C ILE C 337 -21.56 13.54 30.89
N LEU C 338 -21.62 13.36 32.22
CA LEU C 338 -22.83 13.72 32.97
C LEU C 338 -23.07 15.22 32.98
N TYR C 339 -22.00 16.02 32.98
CA TYR C 339 -22.14 17.46 32.90
C TYR C 339 -22.65 17.91 31.53
N MET C 340 -22.18 17.26 30.46
CA MET C 340 -22.76 17.48 29.12
C MET C 340 -24.22 17.06 29.03
N ILE C 341 -24.60 15.97 29.71
CA ILE C 341 -25.98 15.51 29.67
C ILE C 341 -26.89 16.51 30.39
N CYS C 342 -26.41 17.07 31.51
CA CYS C 342 -27.15 18.11 32.23
C CYS C 342 -27.27 19.41 31.41
N PHE C 343 -26.18 19.80 30.73
CA PHE C 343 -26.20 20.97 29.87
C PHE C 343 -27.13 20.77 28.67
N THR C 344 -27.11 19.59 28.07
CA THR C 344 -27.97 19.29 26.93
C THR C 344 -29.44 19.26 27.35
N THR C 345 -29.74 18.71 28.53
CA THR C 345 -31.12 18.66 29.01
C THR C 345 -31.64 20.05 29.35
N CYS C 346 -30.79 20.92 29.89
CA CYS C 346 -31.25 22.29 30.11
C CYS C 346 -31.22 23.13 28.83
N CYS C 347 -30.56 22.66 27.77
CA CYS C 347 -30.72 23.23 26.43
C CYS C 347 -32.01 22.83 25.73
N ILE C 348 -32.46 21.59 25.91
CA ILE C 348 -33.68 21.13 25.24
C ILE C 348 -34.90 21.81 25.85
N TYR C 349 -34.93 21.91 27.18
CA TYR C 349 -36.08 22.41 27.91
C TYR C 349 -36.03 23.90 28.17
N ARG C 350 -35.34 24.66 27.31
CA ARG C 350 -35.15 26.09 27.49
C ARG C 350 -36.48 26.84 27.34
N PRO C 351 -36.67 27.96 28.05
CA PRO C 351 -37.99 28.60 28.09
C PRO C 351 -38.34 29.29 26.77
N LEU C 352 -39.42 28.83 26.16
CA LEU C 352 -39.91 29.37 24.90
C LEU C 352 -41.41 29.55 24.96
N LYS C 353 -41.90 30.63 24.37
CA LYS C 353 -43.32 30.95 24.38
C LYS C 353 -43.77 31.30 22.97
N LEU C 354 -45.07 31.20 22.72
CA LEU C 354 -45.63 31.55 21.42
C LEU C 354 -45.49 33.05 21.16
N ARG C 355 -45.12 33.40 19.93
CA ARG C 355 -44.81 34.78 19.61
C ARG C 355 -46.09 35.62 19.54
N ASP C 356 -46.01 36.83 20.10
CA ASP C 356 -47.17 37.71 20.15
C ASP C 356 -47.43 38.36 18.79
N ASP C 357 -46.38 38.76 18.09
CA ASP C 357 -46.55 39.37 16.79
C ASP C 357 -46.91 38.35 15.71
N ASN C 358 -47.63 38.82 14.70
CA ASN C 358 -48.09 37.95 13.64
C ASN C 358 -47.02 37.77 12.56
N ARG C 359 -47.21 36.74 11.73
CA ARG C 359 -46.18 36.34 10.77
C ARG C 359 -46.23 37.22 9.52
N THR C 360 -47.34 37.18 8.78
CA THR C 360 -47.65 38.02 7.59
C THR C 360 -46.59 37.93 6.51
N ASP C 361 -46.01 36.75 6.34
CA ASP C 361 -44.98 36.48 5.36
C ASP C 361 -45.00 34.99 5.08
N PRO C 362 -45.20 34.57 3.82
CA PRO C 362 -45.18 33.13 3.51
C PRO C 362 -43.82 32.49 3.67
N ARG C 363 -42.74 33.27 3.56
CA ARG C 363 -41.42 32.74 3.83
C ARG C 363 -41.12 32.61 5.32
N ASP C 364 -41.83 33.37 6.16
CA ASP C 364 -41.56 33.34 7.60
C ASP C 364 -42.01 32.02 8.21
N ILE C 365 -41.17 31.48 9.08
CA ILE C 365 -41.29 30.10 9.56
C ILE C 365 -41.34 30.01 11.08
N THR C 366 -40.84 31.01 11.81
CA THR C 366 -40.83 30.98 13.26
C THR C 366 -42.23 31.13 13.83
N ILE C 367 -42.65 30.15 14.62
CA ILE C 367 -43.97 30.17 15.24
C ILE C 367 -43.92 30.53 16.71
N LEU C 368 -42.74 30.52 17.33
CA LEU C 368 -42.60 30.84 18.74
C LEU C 368 -41.21 31.43 18.96
N GLN C 369 -41.05 32.10 20.11
CA GLN C 369 -39.88 32.92 20.40
C GLN C 369 -39.39 32.63 21.81
N GLN C 370 -38.34 33.35 22.19
CA GLN C 370 -37.77 33.20 23.53
C GLN C 370 -38.69 33.77 24.59
N LYS C 371 -38.61 33.19 25.78
CA LYS C 371 -39.43 33.63 26.90
C LYS C 371 -38.66 34.65 27.72
N LEU C 372 -39.40 35.59 28.32
CA LEU C 372 -38.80 36.61 29.16
C LEU C 372 -38.34 35.99 30.48
N LEU C 373 -37.39 36.69 31.12
CA LEU C 373 -36.79 36.18 32.35
C LEU C 373 -37.78 36.22 33.53
N GLN C 374 -38.74 37.14 33.48
CA GLN C 374 -39.73 37.26 34.54
C GLN C 374 -40.71 36.10 34.51
N GLU C 375 -40.95 35.53 33.32
CA GLU C 375 -41.85 34.40 33.17
C GLU C 375 -41.13 33.09 32.85
N ALA C 376 -39.79 33.08 32.90
CA ALA C 376 -39.05 31.86 32.57
C ALA C 376 -39.12 30.83 33.69
N TYR C 377 -39.24 31.29 34.94
CA TYR C 377 -39.20 30.42 36.11
C TYR C 377 -40.46 30.63 36.92
N VAL C 378 -41.54 29.92 36.58
CA VAL C 378 -42.81 30.04 37.28
C VAL C 378 -43.30 28.69 37.77
N THR C 379 -42.75 27.60 37.23
CA THR C 379 -43.23 26.26 37.55
C THR C 379 -42.12 25.43 38.20
N HIS C 380 -42.47 24.19 38.52
CA HIS C 380 -41.53 23.28 39.18
C HIS C 380 -40.48 22.76 38.21
N GLN C 381 -40.88 22.47 36.97
CA GLN C 381 -39.94 22.01 35.95
C GLN C 381 -38.98 23.10 35.55
N ASP C 382 -39.42 24.36 35.62
CA ASP C 382 -38.51 25.48 35.37
C ASP C 382 -37.52 25.65 36.52
N ASN C 383 -37.90 25.23 37.73
CA ASN C 383 -36.95 25.24 38.85
C ASN C 383 -35.94 24.10 38.71
N ILE C 384 -36.36 22.95 38.18
CA ILE C 384 -35.43 21.87 37.87
C ILE C 384 -34.45 22.29 36.78
N ARG C 385 -34.95 23.01 35.76
CA ARG C 385 -34.05 23.58 34.77
C ARG C 385 -33.17 24.68 35.36
N LEU C 386 -33.64 25.39 36.39
CA LEU C 386 -32.83 26.40 37.05
C LEU C 386 -31.66 25.78 37.81
N VAL C 387 -31.89 24.67 38.52
CA VAL C 387 -30.77 24.03 39.23
C VAL C 387 -29.84 23.33 38.24
N GLY C 388 -30.37 22.87 37.09
CA GLY C 388 -29.49 22.38 36.03
C GLY C 388 -28.64 23.46 35.39
N GLU C 389 -29.21 24.65 35.21
CA GLU C 389 -28.47 25.78 34.66
C GLU C 389 -27.43 26.31 35.64
N LEU C 390 -27.75 26.25 36.94
CA LEU C 390 -26.79 26.64 37.97
C LEU C 390 -25.61 25.67 38.02
N VAL C 391 -25.89 24.37 37.87
CA VAL C 391 -24.84 23.36 37.74
C VAL C 391 -24.01 23.61 36.49
N THR C 392 -24.65 24.02 35.39
CA THR C 392 -23.97 24.32 34.14
C THR C 392 -23.01 25.51 34.26
N VAL C 393 -23.48 26.62 34.83
CA VAL C 393 -22.61 27.80 34.94
C VAL C 393 -21.55 27.59 36.02
N THR C 394 -21.84 26.77 37.04
CA THR C 394 -20.81 26.41 38.02
C THR C 394 -19.72 25.56 37.38
N GLY C 395 -20.11 24.64 36.50
CA GLY C 395 -19.12 23.85 35.77
C GLY C 395 -18.29 24.68 34.81
N ALA C 396 -18.90 25.69 34.19
CA ALA C 396 -18.16 26.59 33.31
C ALA C 396 -17.15 27.45 34.08
N VAL C 397 -17.55 27.93 35.26
CA VAL C 397 -16.63 28.67 36.13
C VAL C 397 -15.50 27.76 36.64
N ILE C 398 -15.83 26.49 36.92
CA ILE C 398 -14.83 25.50 37.34
C ILE C 398 -13.83 25.21 36.22
N ILE C 399 -14.32 25.10 34.99
CA ILE C 399 -13.48 24.94 33.80
C ILE C 399 -12.54 26.13 33.61
N LEU C 400 -13.07 27.35 33.77
CA LEU C 400 -12.26 28.55 33.60
C LEU C 400 -11.21 28.67 34.71
N LEU C 401 -11.57 28.31 35.94
CA LEU C 401 -10.61 28.36 37.04
C LEU C 401 -9.55 27.28 36.92
N LEU C 402 -9.88 26.13 36.31
CA LEU C 402 -8.88 25.11 36.09
C LEU C 402 -7.97 25.39 34.91
N GLU C 403 -8.47 26.05 33.86
CA GLU C 403 -7.67 26.16 32.64
C GLU C 403 -7.10 27.54 32.36
N ILE C 404 -7.52 28.58 33.08
CA ILE C 404 -6.92 29.91 32.87
C ILE C 404 -5.52 30.06 33.46
N PRO C 405 -5.22 29.65 34.72
CA PRO C 405 -3.82 29.80 35.19
C PRO C 405 -2.80 28.91 34.50
N ASP C 406 -3.20 27.81 33.88
CA ASP C 406 -2.26 26.99 33.13
C ASP C 406 -2.01 27.51 31.72
N ILE C 407 -2.79 28.49 31.26
CA ILE C 407 -2.37 29.27 30.10
C ILE C 407 -1.20 30.16 30.49
N PHE C 408 -1.27 30.80 31.65
CA PHE C 408 -0.26 31.75 32.09
C PHE C 408 0.99 31.09 32.67
N ARG C 409 0.91 29.82 33.11
CA ARG C 409 2.08 29.21 33.72
C ARG C 409 3.06 28.72 32.65
N VAL C 410 2.61 28.64 31.41
CA VAL C 410 3.44 28.17 30.31
C VAL C 410 3.30 29.24 29.22
N GLY C 411 3.93 29.03 28.07
CA GLY C 411 3.72 29.86 26.90
C GLY C 411 2.29 29.81 26.41
N ALA C 412 1.73 30.97 26.06
CA ALA C 412 0.35 31.03 25.58
C ALA C 412 0.21 30.38 24.21
N SER C 413 1.22 30.53 23.36
CA SER C 413 1.23 29.78 22.11
C SER C 413 1.61 28.32 22.35
N ARG C 414 2.40 28.06 23.40
CA ARG C 414 2.87 26.70 23.67
C ARG C 414 1.75 25.84 24.24
N TYR C 415 0.81 26.47 24.95
CA TYR C 415 -0.32 25.73 25.53
C TYR C 415 -1.27 25.22 24.47
N PHE C 416 -1.58 26.04 23.47
CA PHE C 416 -2.53 25.66 22.44
C PHE C 416 -1.85 25.01 21.23
N GLY C 417 -0.54 25.16 21.07
CA GLY C 417 0.10 24.65 19.87
C GLY C 417 0.43 23.18 19.93
N GLN C 418 0.37 22.59 21.13
CA GLN C 418 0.80 21.20 21.30
C GLN C 418 -0.31 20.23 20.92
N THR C 419 0.02 19.29 20.04
CA THR C 419 -0.94 18.25 19.65
C THR C 419 -1.04 17.15 20.69
N ILE C 420 -0.07 17.08 21.61
CA ILE C 420 -0.03 15.98 22.57
C ILE C 420 -0.68 16.42 23.87
N LEU C 421 -0.43 17.66 24.29
CA LEU C 421 -0.99 18.19 25.54
C LEU C 421 -2.49 18.50 25.43
N GLY C 422 -3.08 18.44 24.24
CA GLY C 422 -4.50 18.67 24.08
C GLY C 422 -4.85 20.13 23.92
N GLY C 423 -3.97 20.86 23.25
CA GLY C 423 -4.12 22.28 23.01
C GLY C 423 -5.34 22.75 22.23
N PRO C 424 -5.63 22.14 21.07
CA PRO C 424 -6.93 22.39 20.42
C PRO C 424 -8.13 22.01 21.27
N PHE C 425 -8.04 20.93 22.04
CA PHE C 425 -9.11 20.61 22.97
C PHE C 425 -9.19 21.63 24.10
N HIS C 426 -8.06 22.20 24.51
CA HIS C 426 -8.06 23.24 25.53
C HIS C 426 -8.74 24.50 25.04
N VAL C 427 -8.51 24.90 23.78
CA VAL C 427 -9.14 26.13 23.32
C VAL C 427 -10.63 25.92 23.02
N ILE C 428 -11.02 24.69 22.62
CA ILE C 428 -12.45 24.35 22.51
C ILE C 428 -13.16 24.39 23.87
N ILE C 429 -12.55 23.83 24.92
CA ILE C 429 -13.16 23.83 26.24
C ILE C 429 -13.23 25.25 26.83
N ILE C 430 -12.20 26.07 26.55
CA ILE C 430 -12.17 27.47 27.00
C ILE C 430 -13.27 28.28 26.31
N THR C 431 -13.44 28.12 25.00
CA THR C 431 -14.49 28.88 24.33
C THR C 431 -15.88 28.32 24.60
N TYR C 432 -15.98 27.04 24.99
CA TYR C 432 -17.27 26.51 25.44
C TYR C 432 -17.71 27.16 26.75
N ALA C 433 -16.77 27.30 27.71
CA ALA C 433 -17.09 27.96 28.96
C ALA C 433 -17.40 29.44 28.76
N SER C 434 -16.69 30.08 27.81
CA SER C 434 -16.97 31.47 27.47
C SER C 434 -18.35 31.64 26.85
N LEU C 435 -18.77 30.70 26.01
CA LEU C 435 -20.10 30.79 25.40
C LEU C 435 -21.21 30.50 26.41
N VAL C 436 -20.93 29.64 27.40
CA VAL C 436 -21.92 29.39 28.46
C VAL C 436 -22.09 30.61 29.35
N LEU C 437 -20.99 31.30 29.67
CA LEU C 437 -21.09 32.52 30.47
C LEU C 437 -21.74 33.66 29.67
N LEU C 438 -21.49 33.71 28.35
CA LEU C 438 -22.18 34.66 27.49
C LEU C 438 -23.67 34.36 27.41
N THR C 439 -24.04 33.08 27.43
CA THR C 439 -25.45 32.68 27.44
C THR C 439 -26.12 33.08 28.75
N MET C 440 -25.39 32.97 29.87
CA MET C 440 -25.91 33.42 31.16
C MET C 440 -26.11 34.93 31.20
N VAL C 441 -25.19 35.69 30.60
CA VAL C 441 -25.34 37.14 30.47
C VAL C 441 -26.54 37.48 29.58
N MET C 442 -26.73 36.71 28.50
CA MET C 442 -27.87 36.90 27.61
C MET C 442 -29.19 36.58 28.29
N ARG C 443 -29.19 35.58 29.17
CA ARG C 443 -30.41 35.18 29.87
C ARG C 443 -30.78 36.18 30.95
N LEU C 444 -29.77 36.69 31.68
CA LEU C 444 -30.04 37.61 32.78
C LEU C 444 -30.44 39.00 32.26
N THR C 445 -30.00 39.39 31.07
CA THR C 445 -30.28 40.70 30.51
C THR C 445 -31.34 40.66 29.43
N ASN C 446 -32.04 39.53 29.26
CA ASN C 446 -33.17 39.33 28.33
C ASN C 446 -32.80 39.61 26.87
N MET C 447 -31.60 39.18 26.47
CA MET C 447 -31.14 39.40 25.12
C MET C 447 -31.70 38.33 24.18
N ASN C 448 -32.35 38.76 23.11
CA ASN C 448 -32.82 37.85 22.08
C ASN C 448 -31.65 37.37 21.24
N GLY C 449 -31.78 36.15 20.73
CA GLY C 449 -30.70 35.54 19.98
C GLY C 449 -29.86 34.60 20.79
N GLU C 450 -30.48 33.87 21.72
CA GLU C 450 -29.76 32.96 22.60
C GLU C 450 -29.46 31.62 21.92
N VAL C 451 -29.98 31.41 20.70
CA VAL C 451 -29.75 30.19 19.93
C VAL C 451 -28.28 30.08 19.52
N VAL C 452 -27.65 31.20 19.20
CA VAL C 452 -26.27 31.29 18.71
C VAL C 452 -25.23 30.77 19.71
N PRO C 453 -25.08 31.29 20.96
CA PRO C 453 -24.02 30.72 21.80
C PRO C 453 -24.38 29.36 22.36
N LEU C 454 -25.66 29.04 22.43
CA LEU C 454 -26.11 27.74 22.91
C LEU C 454 -25.82 26.64 21.89
N SER C 455 -26.00 26.95 20.60
CA SER C 455 -25.70 25.98 19.54
C SER C 455 -24.21 25.75 19.39
N PHE C 456 -23.41 26.84 19.40
CA PHE C 456 -21.96 26.68 19.41
C PHE C 456 -21.48 25.96 20.67
N ALA C 457 -22.10 26.21 21.82
CA ALA C 457 -21.69 25.58 23.06
C ALA C 457 -22.02 24.09 23.07
N LEU C 458 -23.16 23.71 22.49
CA LEU C 458 -23.52 22.29 22.40
C LEU C 458 -22.56 21.52 21.50
N VAL C 459 -22.23 22.11 20.34
CA VAL C 459 -21.31 21.45 19.39
C VAL C 459 -19.91 21.34 19.98
N LEU C 460 -19.39 22.44 20.55
CA LEU C 460 -18.03 22.44 21.07
C LEU C 460 -17.93 21.63 22.36
N GLY C 461 -18.99 21.61 23.17
CA GLY C 461 -18.97 20.81 24.38
C GLY C 461 -19.00 19.32 24.12
N TRP C 462 -19.83 18.87 23.17
CA TRP C 462 -19.83 17.44 22.92
C TRP C 462 -18.65 17.01 22.06
N CYS C 463 -18.04 17.93 21.32
CA CYS C 463 -16.77 17.61 20.67
C CYS C 463 -15.61 17.63 21.65
N SER C 464 -15.77 18.28 22.82
CA SER C 464 -14.76 18.24 23.87
C SER C 464 -14.69 16.91 24.59
N VAL C 465 -15.67 16.02 24.40
CA VAL C 465 -15.65 14.69 25.01
C VAL C 465 -14.58 13.81 24.36
N MET C 466 -14.16 14.14 23.13
CA MET C 466 -13.07 13.41 22.47
C MET C 466 -11.70 13.65 23.10
N TYR C 467 -11.58 14.63 24.02
CA TYR C 467 -10.36 14.79 24.80
C TYR C 467 -10.11 13.57 25.68
N PHE C 468 -11.16 12.94 26.15
CA PHE C 468 -11.05 11.78 27.02
C PHE C 468 -10.89 10.48 26.25
N ALA C 469 -10.85 10.55 24.92
CA ALA C 469 -10.53 9.39 24.11
C ALA C 469 -9.06 9.02 24.19
N ARG C 470 -8.20 9.94 24.64
CA ARG C 470 -6.78 9.66 24.78
C ARG C 470 -6.45 8.78 25.97
N GLY C 471 -7.42 8.53 26.86
CA GLY C 471 -7.20 7.61 27.96
C GLY C 471 -7.27 6.15 27.61
N PHE C 472 -7.64 5.83 26.37
CA PHE C 472 -7.78 4.46 25.92
C PHE C 472 -6.94 4.29 24.67
N GLN C 473 -6.29 3.12 24.55
CA GLN C 473 -5.42 2.86 23.41
C GLN C 473 -6.23 2.66 22.14
N MET C 474 -7.46 2.16 22.28
CA MET C 474 -8.24 1.75 21.12
C MET C 474 -8.80 2.95 20.35
N LEU C 475 -9.03 4.09 21.02
CA LEU C 475 -9.51 5.28 20.34
C LEU C 475 -8.68 6.53 20.67
N GLY C 476 -7.46 6.34 21.16
CA GLY C 476 -6.53 7.42 21.43
C GLY C 476 -6.03 8.16 20.20
N PRO C 477 -5.31 7.46 19.30
CA PRO C 477 -4.80 8.14 18.09
C PRO C 477 -5.86 8.48 17.04
N PHE C 478 -7.13 8.14 17.27
CA PHE C 478 -8.19 8.50 16.33
C PHE C 478 -8.39 10.01 16.31
N THR C 479 -8.32 10.64 17.48
CA THR C 479 -8.43 12.09 17.55
C THR C 479 -7.17 12.78 17.06
N ILE C 480 -6.02 12.10 17.13
CA ILE C 480 -4.80 12.60 16.50
C ILE C 480 -4.95 12.58 14.98
N MET C 481 -5.58 11.53 14.44
CA MET C 481 -5.91 11.48 13.01
C MET C 481 -6.89 12.58 12.63
N ILE C 482 -7.90 12.83 13.47
CA ILE C 482 -8.90 13.87 13.21
C ILE C 482 -8.26 15.26 13.23
N GLN C 483 -7.35 15.50 14.18
CA GLN C 483 -6.62 16.78 14.25
C GLN C 483 -5.69 16.95 13.05
N LYS C 484 -5.01 15.88 12.64
CA LYS C 484 -4.12 15.93 11.49
C LYS C 484 -4.87 15.95 10.16
N MET C 485 -6.17 15.72 10.16
CA MET C 485 -6.98 15.99 8.98
C MET C 485 -7.62 17.37 9.02
N ILE C 486 -7.83 17.94 10.21
CA ILE C 486 -8.40 19.28 10.29
C ILE C 486 -7.34 20.33 9.94
N PHE C 487 -6.21 20.32 10.65
CA PHE C 487 -5.18 21.31 10.35
C PHE C 487 -4.11 20.81 9.40
N GLY C 488 -4.12 19.52 9.06
CA GLY C 488 -3.18 19.04 8.07
C GLY C 488 -3.71 19.10 6.66
N ASP C 489 -4.81 18.41 6.37
CA ASP C 489 -5.28 18.25 5.00
C ASP C 489 -6.30 19.30 4.60
N LEU C 490 -7.16 19.70 5.55
CA LEU C 490 -8.30 20.55 5.21
C LEU C 490 -7.85 21.99 4.99
N MET C 491 -6.83 22.43 5.72
CA MET C 491 -6.37 23.81 5.61
C MET C 491 -5.62 24.09 4.30
N ARG C 492 -5.11 23.04 3.65
CA ARG C 492 -4.48 23.22 2.35
C ARG C 492 -5.47 23.06 1.19
N PHE C 493 -6.37 22.08 1.28
CA PHE C 493 -7.32 21.83 0.20
C PHE C 493 -8.54 22.73 0.25
N CYS C 494 -8.73 23.47 1.35
CA CYS C 494 -9.89 24.34 1.47
C CYS C 494 -9.81 25.52 0.52
N TRP C 495 -8.60 25.95 0.12
CA TRP C 495 -8.47 27.05 -0.82
C TRP C 495 -8.86 26.65 -2.23
N LEU C 496 -8.42 25.47 -2.67
CA LEU C 496 -8.77 24.96 -3.99
C LEU C 496 -10.26 24.62 -4.07
N MET C 497 -10.78 23.99 -3.01
CA MET C 497 -12.21 23.72 -2.91
C MET C 497 -13.02 25.01 -2.86
N ALA C 498 -12.50 26.04 -2.20
CA ALA C 498 -13.18 27.32 -2.08
C ALA C 498 -13.25 28.05 -3.41
N VAL C 499 -12.17 28.04 -4.21
CA VAL C 499 -12.22 28.75 -5.49
C VAL C 499 -13.08 27.99 -6.50
N VAL C 500 -13.18 26.66 -6.37
CA VAL C 500 -14.12 25.91 -7.21
C VAL C 500 -15.57 26.23 -6.82
N ILE C 501 -15.85 26.33 -5.52
CA ILE C 501 -17.19 26.72 -5.04
C ILE C 501 -17.54 28.15 -5.47
N LEU C 502 -16.58 29.08 -5.41
CA LEU C 502 -16.84 30.45 -5.85
C LEU C 502 -17.13 30.55 -7.34
N GLY C 503 -16.36 29.84 -8.17
CA GLY C 503 -16.59 29.89 -9.61
C GLY C 503 -17.90 29.24 -10.03
N PHE C 504 -18.16 28.03 -9.53
CA PHE C 504 -19.37 27.35 -9.93
C PHE C 504 -20.61 27.94 -9.25
N ALA C 505 -20.46 28.50 -8.05
CA ALA C 505 -21.58 29.16 -7.37
C ALA C 505 -21.94 30.45 -8.07
N SER C 506 -20.93 31.20 -8.55
CA SER C 506 -21.19 32.42 -9.30
C SER C 506 -21.86 32.11 -10.64
N ALA C 507 -21.39 31.07 -11.33
CA ALA C 507 -22.00 30.67 -12.59
C ALA C 507 -23.42 30.13 -12.40
N PHE C 508 -23.63 29.36 -11.33
CA PHE C 508 -24.95 28.81 -11.02
C PHE C 508 -25.92 29.91 -10.61
N HIS C 509 -25.42 30.95 -9.95
CA HIS C 509 -26.30 32.04 -9.57
C HIS C 509 -26.67 32.90 -10.76
N ILE C 510 -25.71 33.21 -11.63
CA ILE C 510 -26.05 34.09 -12.74
C ILE C 510 -26.77 33.35 -13.87
N THR C 511 -26.71 32.01 -13.91
CA THR C 511 -27.55 31.32 -14.88
C THR C 511 -28.98 31.14 -14.38
N PHE C 512 -29.23 31.43 -13.11
CA PHE C 512 -30.57 31.37 -12.53
C PHE C 512 -31.05 32.73 -12.04
N GLN C 513 -30.34 33.81 -12.39
CA GLN C 513 -30.77 35.15 -12.03
C GLN C 513 -31.99 35.57 -12.84
N THR C 514 -32.15 35.03 -14.04
CA THR C 514 -33.26 35.38 -14.92
C THR C 514 -34.46 34.46 -14.76
N GLU C 515 -34.40 33.50 -13.85
CA GLU C 515 -35.42 32.47 -13.76
C GLU C 515 -36.34 32.73 -12.57
N ASP C 516 -37.44 31.99 -12.52
CA ASP C 516 -38.34 32.06 -11.38
C ASP C 516 -37.73 31.31 -10.21
N PRO C 517 -37.56 31.93 -9.04
CA PRO C 517 -36.96 31.22 -7.90
C PRO C 517 -37.89 30.19 -7.26
N ASN C 518 -39.17 30.18 -7.60
CA ASN C 518 -40.08 29.18 -7.05
C ASN C 518 -39.83 27.80 -7.64
N ASN C 519 -39.48 27.75 -8.91
CA ASN C 519 -39.29 26.47 -9.59
C ASN C 519 -37.95 25.81 -9.23
N LEU C 520 -36.92 26.60 -8.99
CA LEU C 520 -35.63 26.06 -8.54
C LEU C 520 -35.02 27.12 -7.62
N GLY C 521 -35.12 26.88 -6.32
CA GLY C 521 -34.67 27.83 -5.32
C GLY C 521 -33.27 27.62 -4.80
N GLU C 522 -32.47 26.76 -5.42
CA GLU C 522 -31.14 26.45 -4.90
C GLU C 522 -30.16 27.58 -5.08
N PHE C 523 -30.32 28.39 -6.13
CA PHE C 523 -29.38 29.43 -6.47
C PHE C 523 -30.08 30.78 -6.61
N SER C 524 -31.01 31.08 -5.70
CA SER C 524 -31.84 32.27 -5.84
C SER C 524 -31.08 33.55 -5.52
N ASP C 525 -30.28 33.53 -4.45
CA ASP C 525 -29.37 34.61 -4.13
C ASP C 525 -27.98 34.05 -3.95
N TYR C 526 -26.99 34.94 -3.86
CA TYR C 526 -25.59 34.52 -3.84
C TYR C 526 -25.17 33.73 -2.59
N PRO C 527 -25.57 34.06 -1.33
CA PRO C 527 -25.24 33.14 -0.22
C PRO C 527 -25.90 31.77 -0.30
N THR C 528 -27.15 31.66 -0.76
CA THR C 528 -27.73 30.33 -0.87
C THR C 528 -27.18 29.58 -2.08
N ALA C 529 -26.68 30.29 -3.09
CA ALA C 529 -25.99 29.61 -4.19
C ALA C 529 -24.63 29.10 -3.75
N LEU C 530 -23.95 29.87 -2.89
CA LEU C 530 -22.69 29.43 -2.29
C LEU C 530 -22.88 28.21 -1.41
N PHE C 531 -23.94 28.22 -0.59
CA PHE C 531 -24.22 27.09 0.30
C PHE C 531 -24.67 25.86 -0.48
N SER C 532 -25.47 26.05 -1.54
CA SER C 532 -25.91 24.95 -2.37
C SER C 532 -24.75 24.35 -3.15
N THR C 533 -23.82 25.17 -3.61
CA THR C 533 -22.66 24.65 -4.33
C THR C 533 -21.68 23.94 -3.38
N PHE C 534 -21.60 24.39 -2.13
CA PHE C 534 -20.81 23.68 -1.12
C PHE C 534 -21.41 22.30 -0.82
N GLU C 535 -22.74 22.24 -0.68
CA GLU C 535 -23.41 20.97 -0.41
C GLU C 535 -23.38 20.06 -1.63
N LEU C 536 -23.39 20.62 -2.83
CA LEU C 536 -23.29 19.81 -4.04
C LEU C 536 -21.86 19.33 -4.26
N PHE C 537 -20.86 20.10 -3.80
CA PHE C 537 -19.48 19.62 -3.73
C PHE C 537 -19.40 18.40 -2.84
N LEU C 538 -20.01 18.47 -1.66
CA LEU C 538 -19.89 17.34 -0.74
C LEU C 538 -20.88 16.22 -1.04
N THR C 539 -21.73 16.38 -2.06
CA THR C 539 -22.80 15.45 -2.48
C THR C 539 -23.71 15.06 -1.32
N ILE C 540 -24.09 16.05 -0.50
CA ILE C 540 -25.01 15.81 0.60
C ILE C 540 -26.42 16.27 0.30
N ILE C 541 -26.62 17.05 -0.76
CA ILE C 541 -27.94 17.31 -1.30
C ILE C 541 -27.96 16.83 -2.74
N ASP C 542 -29.16 16.61 -3.27
CA ASP C 542 -29.30 16.17 -4.64
C ASP C 542 -29.01 17.32 -5.59
N GLY C 543 -28.69 16.96 -6.84
CA GLY C 543 -28.61 17.91 -7.91
C GLY C 543 -29.98 18.51 -8.15
N PRO C 544 -30.03 19.83 -8.37
CA PRO C 544 -31.32 20.49 -8.60
C PRO C 544 -31.96 20.04 -9.92
N ALA C 545 -33.18 19.54 -9.82
CA ALA C 545 -33.85 19.00 -10.99
C ALA C 545 -35.33 19.25 -10.88
N ASN C 546 -35.85 20.08 -11.78
CA ASN C 546 -37.28 20.26 -11.95
C ASN C 546 -37.62 19.80 -13.36
N TYR C 547 -38.33 18.68 -13.46
CA TYR C 547 -38.70 18.15 -14.76
C TYR C 547 -40.04 18.66 -15.24
N SER C 548 -40.71 19.49 -14.45
CA SER C 548 -41.96 20.14 -14.86
C SER C 548 -41.72 21.45 -15.58
N VAL C 549 -40.51 22.01 -15.49
CA VAL C 549 -40.10 23.18 -16.25
C VAL C 549 -38.84 22.80 -17.01
N ASP C 550 -38.48 23.61 -17.99
CA ASP C 550 -37.23 23.40 -18.70
C ASP C 550 -36.18 24.40 -18.22
N LEU C 551 -35.14 23.88 -17.59
CA LEU C 551 -34.07 24.67 -17.00
C LEU C 551 -33.19 25.26 -18.09
N PRO C 552 -32.37 26.27 -17.79
CA PRO C 552 -31.34 26.69 -18.75
C PRO C 552 -30.36 25.57 -19.05
N PHE C 553 -29.91 25.52 -20.30
CA PHE C 553 -28.97 24.48 -20.72
C PHE C 553 -27.59 24.71 -20.13
N MET C 554 -27.28 25.96 -19.77
CA MET C 554 -26.02 26.25 -19.12
C MET C 554 -25.98 25.74 -17.69
N TYR C 555 -27.14 25.54 -17.06
CA TYR C 555 -27.19 24.79 -15.81
C TYR C 555 -26.72 23.35 -16.03
N CYS C 556 -27.15 22.71 -17.12
CA CYS C 556 -26.74 21.34 -17.39
C CYS C 556 -25.25 21.26 -17.76
N ILE C 557 -24.76 22.22 -18.54
CA ILE C 557 -23.35 22.23 -18.93
C ILE C 557 -22.45 22.49 -17.73
N THR C 558 -22.77 23.52 -16.93
CA THR C 558 -21.95 23.85 -15.77
C THR C 558 -22.10 22.83 -14.66
N TYR C 559 -23.26 22.17 -14.54
CA TYR C 559 -23.39 21.13 -13.53
C TYR C 559 -22.71 19.83 -13.94
N ALA C 560 -22.66 19.51 -15.24
CA ALA C 560 -21.87 18.38 -15.69
C ALA C 560 -20.37 18.62 -15.47
N ALA C 561 -19.92 19.85 -15.75
CA ALA C 561 -18.53 20.22 -15.49
C ALA C 561 -18.21 20.20 -13.99
N PHE C 562 -19.14 20.71 -13.17
CA PHE C 562 -18.99 20.70 -11.72
C PHE C 562 -18.97 19.29 -11.15
N ALA C 563 -19.84 18.42 -11.66
CA ALA C 563 -19.90 17.05 -11.19
C ALA C 563 -18.67 16.26 -11.60
N ILE C 564 -18.06 16.62 -12.73
CA ILE C 564 -16.80 15.98 -13.10
C ILE C 564 -15.65 16.49 -12.24
N ILE C 565 -15.52 17.81 -12.08
CA ILE C 565 -14.30 18.32 -11.44
C ILE C 565 -14.41 18.28 -9.92
N ALA C 566 -15.59 18.50 -9.35
CA ALA C 566 -15.64 18.73 -7.91
C ALA C 566 -16.10 17.50 -7.15
N THR C 567 -17.24 16.93 -7.55
CA THR C 567 -17.77 15.77 -6.84
C THR C 567 -16.94 14.53 -7.13
N LEU C 568 -16.39 14.44 -8.33
CA LEU C 568 -15.70 13.21 -8.74
C LEU C 568 -14.20 13.32 -8.50
N LEU C 569 -13.57 14.40 -8.94
CA LEU C 569 -12.11 14.44 -8.93
C LEU C 569 -11.55 14.94 -7.61
N MET C 570 -11.90 16.17 -7.20
CA MET C 570 -11.22 16.78 -6.07
C MET C 570 -11.69 16.22 -4.73
N LEU C 571 -12.94 15.79 -4.64
CA LEU C 571 -13.46 15.22 -3.40
C LEU C 571 -12.79 13.89 -3.09
N ASN C 572 -12.63 13.03 -4.10
CA ASN C 572 -11.97 11.75 -3.88
C ASN C 572 -10.47 11.92 -3.75
N LEU C 573 -9.90 13.00 -4.32
CA LEU C 573 -8.50 13.34 -4.07
C LEU C 573 -8.27 13.72 -2.62
N PHE C 574 -9.18 14.51 -2.05
CA PHE C 574 -9.13 14.85 -0.64
C PHE C 574 -9.32 13.62 0.25
N ILE C 575 -10.20 12.71 -0.17
CA ILE C 575 -10.42 11.46 0.56
C ILE C 575 -9.18 10.57 0.54
N ALA C 576 -8.49 10.51 -0.61
CA ALA C 576 -7.29 9.68 -0.73
C ALA C 576 -6.12 10.24 0.07
N MET C 577 -5.94 11.55 0.09
CA MET C 577 -4.85 12.08 0.89
C MET C 577 -5.19 12.14 2.37
N MET C 578 -6.47 12.18 2.72
CA MET C 578 -6.89 11.90 4.09
C MET C 578 -6.56 10.47 4.48
N GLY C 579 -6.70 9.54 3.52
CA GLY C 579 -6.37 8.15 3.77
C GLY C 579 -4.90 7.92 4.04
N ASP C 580 -4.02 8.56 3.26
CA ASP C 580 -2.61 8.32 3.57
C ASP C 580 -2.11 9.19 4.73
N THR C 581 -2.81 10.28 5.09
CA THR C 581 -2.58 10.93 6.37
C THR C 581 -2.93 10.01 7.54
N HIS C 582 -4.06 9.30 7.42
CA HIS C 582 -4.45 8.28 8.40
C HIS C 582 -3.44 7.15 8.48
N TRP C 583 -2.89 6.75 7.33
CA TRP C 583 -1.83 5.74 7.29
C TRP C 583 -0.58 6.21 8.02
N ARG C 584 -0.18 7.47 7.82
CA ARG C 584 1.01 8.02 8.48
C ARG C 584 0.84 8.11 9.99
N VAL C 585 -0.37 8.49 10.45
CA VAL C 585 -0.59 8.49 11.90
C VAL C 585 -0.68 7.07 12.44
N ALA C 586 -1.25 6.13 11.67
CA ALA C 586 -1.38 4.75 12.14
C ALA C 586 -0.06 4.00 12.16
N GLN C 587 0.97 4.47 11.44
CA GLN C 587 2.29 3.88 11.61
C GLN C 587 2.90 4.22 12.98
N GLU C 588 2.66 5.43 13.48
CA GLU C 588 3.20 5.87 14.76
C GLU C 588 2.14 5.89 15.85
N ARG C 589 1.27 4.88 15.88
CA ARG C 589 0.08 4.90 16.74
C ARG C 589 0.44 4.71 18.21
N ASP C 590 1.32 3.74 18.49
CA ASP C 590 1.65 3.41 19.89
C ASP C 590 2.49 4.50 20.53
N GLU C 591 3.41 5.11 19.76
CA GLU C 591 4.26 6.17 20.29
C GLU C 591 3.46 7.43 20.57
N LEU C 592 2.51 7.76 19.69
CA LEU C 592 1.67 8.93 19.89
C LEU C 592 0.69 8.74 21.05
N TRP C 593 0.15 7.53 21.20
CA TRP C 593 -0.73 7.25 22.34
C TRP C 593 0.06 7.25 23.65
N ARG C 594 1.30 6.72 23.63
CA ARG C 594 2.15 6.76 24.80
C ARG C 594 2.51 8.20 25.19
N ALA C 595 2.80 9.05 24.20
CA ALA C 595 3.11 10.45 24.49
C ALA C 595 1.90 11.20 25.06
N GLN C 596 0.70 10.94 24.53
CA GLN C 596 -0.45 11.65 25.06
C GLN C 596 -0.93 11.11 26.41
N VAL C 597 -0.70 9.84 26.74
CA VAL C 597 -0.99 9.43 28.12
C VAL C 597 0.09 9.90 29.08
N VAL C 598 1.30 10.19 28.59
CA VAL C 598 2.30 10.86 29.43
C VAL C 598 1.87 12.28 29.75
N ALA C 599 1.39 13.01 28.74
CA ALA C 599 0.90 14.37 28.95
C ALA C 599 -0.32 14.40 29.86
N THR C 600 -1.21 13.40 29.71
CA THR C 600 -2.34 13.25 30.61
C THR C 600 -1.90 12.94 32.04
N THR C 601 -0.88 12.08 32.19
CA THR C 601 -0.40 11.70 33.52
C THR C 601 0.26 12.88 34.24
N VAL C 602 1.07 13.67 33.52
CA VAL C 602 1.73 14.80 34.17
C VAL C 602 0.75 15.93 34.41
N MET C 603 -0.29 16.05 33.58
CA MET C 603 -1.36 17.01 33.82
C MET C 603 -2.16 16.65 35.07
N LEU C 604 -2.48 15.35 35.23
CA LEU C 604 -3.26 14.92 36.38
C LEU C 604 -2.44 14.95 37.65
N GLU C 605 -1.15 14.70 37.57
CA GLU C 605 -0.31 14.78 38.76
C GLU C 605 -0.05 16.23 39.16
N ARG C 606 0.01 17.13 38.17
CA ARG C 606 0.21 18.54 38.46
C ARG C 606 -1.06 19.19 39.01
N LYS C 607 -2.23 18.80 38.51
CA LYS C 607 -3.46 19.53 38.84
C LYS C 607 -4.15 19.00 40.09
N MET C 608 -4.23 17.68 40.25
CA MET C 608 -5.02 17.07 41.31
C MET C 608 -4.29 17.22 42.66
N PRO C 609 -5.00 17.09 43.79
CA PRO C 609 -4.34 17.19 45.09
C PRO C 609 -3.32 16.08 45.35
N ARG C 610 -2.39 16.37 46.26
CA ARG C 610 -1.23 15.52 46.48
C ARG C 610 -1.59 14.24 47.22
N PHE C 611 -2.70 14.23 47.96
CA PHE C 611 -3.08 13.00 48.66
C PHE C 611 -3.66 11.97 47.71
N LEU C 612 -4.21 12.40 46.57
CA LEU C 612 -4.73 11.46 45.59
C LEU C 612 -3.63 10.87 44.71
N TRP C 613 -2.47 11.52 44.67
CA TRP C 613 -1.32 11.06 43.87
C TRP C 613 -0.14 10.85 44.80
N PRO C 614 0.03 9.65 45.34
CA PRO C 614 1.22 9.38 46.16
C PRO C 614 2.48 9.32 45.31
N ARG C 615 3.62 9.47 45.98
CA ARG C 615 4.91 9.52 45.29
C ARG C 615 5.27 8.14 44.73
N SER C 616 5.68 8.14 43.46
CA SER C 616 5.89 6.91 42.73
C SER C 616 7.25 6.31 43.05
N GLY C 617 7.33 5.00 42.96
CA GLY C 617 8.57 4.29 43.20
C GLY C 617 8.73 3.83 44.63
N ILE C 618 9.82 3.09 44.84
CA ILE C 618 10.15 2.53 46.14
C ILE C 618 10.75 3.62 47.01
N CYS C 619 10.32 3.69 48.27
CA CYS C 619 10.69 4.81 49.16
C CYS C 619 12.18 4.79 49.50
N GLY C 620 12.73 3.63 49.81
CA GLY C 620 14.17 3.50 49.93
C GLY C 620 14.78 3.87 51.26
N TYR C 621 14.11 4.73 52.04
CA TYR C 621 14.67 5.20 53.30
C TYR C 621 14.67 4.10 54.35
N GLU C 622 13.64 3.25 54.36
CA GLU C 622 13.56 2.18 55.33
C GLU C 622 14.48 1.00 55.00
N TYR C 623 15.07 0.97 53.81
CA TYR C 623 16.00 -0.06 53.41
C TYR C 623 17.45 0.38 53.55
N GLY C 624 17.71 1.49 54.23
CA GLY C 624 19.06 1.97 54.43
C GLY C 624 19.60 2.84 53.32
N LEU C 625 18.84 3.05 52.25
CA LEU C 625 19.28 3.88 51.14
C LEU C 625 18.89 5.33 51.43
N GLY C 626 19.82 6.25 51.24
CA GLY C 626 19.66 7.57 51.82
C GLY C 626 18.87 8.58 51.02
N ASP C 627 17.58 8.71 51.37
CA ASP C 627 16.68 9.79 50.95
C ASP C 627 16.52 9.85 49.42
N ARG C 628 16.48 8.69 48.80
CA ARG C 628 16.33 8.59 47.35
C ARG C 628 15.23 7.60 47.04
N TRP C 629 14.51 7.84 45.96
CA TRP C 629 13.40 7.00 45.55
C TRP C 629 13.79 6.24 44.29
N PHE C 630 13.39 4.97 44.22
CA PHE C 630 13.88 4.05 43.21
C PHE C 630 12.73 3.30 42.57
N LEU C 631 12.97 2.82 41.36
CA LEU C 631 12.02 1.97 40.64
C LEU C 631 12.72 0.65 40.31
N ARG C 632 12.15 -0.45 40.77
CA ARG C 632 12.74 -1.77 40.51
C ARG C 632 12.17 -2.34 39.23
N VAL C 633 13.04 -2.75 38.33
CA VAL C 633 12.67 -3.35 37.05
C VAL C 633 13.29 -4.73 36.97
N GLU C 634 12.44 -5.73 36.76
CA GLU C 634 12.88 -7.10 36.52
C GLU C 634 12.66 -7.41 35.05
N ASN C 635 13.73 -7.85 34.37
CA ASN C 635 13.62 -8.13 32.94
C ASN C 635 14.35 -9.42 32.60
N HIS C 636 13.90 -10.03 31.50
CA HIS C 636 14.31 -11.35 31.08
C HIS C 636 15.18 -11.23 29.83
N HIS C 637 16.35 -11.85 29.86
CA HIS C 637 17.30 -11.76 28.76
C HIS C 637 17.94 -13.13 28.56
N ASP C 638 19.04 -13.17 27.81
CA ASP C 638 19.76 -14.41 27.57
C ASP C 638 20.63 -14.77 28.77
N TRP D 29 2.03 -9.77 42.67
CA TRP D 29 1.85 -8.57 41.87
C TRP D 29 2.94 -7.58 42.26
N GLU D 30 2.96 -6.41 41.61
CA GLU D 30 4.21 -5.68 41.39
C GLU D 30 4.79 -5.08 42.67
N GLN D 31 3.93 -4.46 43.49
CA GLN D 31 4.44 -3.78 44.69
C GLN D 31 4.83 -4.77 45.78
N TYR D 32 4.14 -5.91 45.83
CA TYR D 32 4.52 -6.97 46.76
C TYR D 32 5.86 -7.59 46.41
N ARG D 33 6.10 -7.82 45.11
CA ARG D 33 7.39 -8.34 44.65
C ARG D 33 8.50 -7.33 44.90
N ASP D 34 8.20 -6.04 44.72
CA ASP D 34 9.19 -4.99 44.99
C ASP D 34 9.53 -4.92 46.48
N ARG D 35 8.51 -5.02 47.35
CA ARG D 35 8.73 -5.02 48.80
C ARG D 35 9.55 -6.23 49.24
N VAL D 36 9.26 -7.40 48.66
CA VAL D 36 10.01 -8.62 48.94
C VAL D 36 11.46 -8.50 48.50
N ASN D 37 11.69 -7.89 47.32
CA ASN D 37 13.05 -7.77 46.80
C ASN D 37 13.90 -6.77 47.59
N MET D 38 13.34 -5.60 47.96
CA MET D 38 14.12 -4.68 48.78
C MET D 38 14.29 -5.17 50.21
N LEU D 39 13.33 -5.93 50.75
CA LEU D 39 13.53 -6.54 52.07
C LEU D 39 14.60 -7.62 52.03
N GLN D 40 14.65 -8.39 50.94
CA GLN D 40 15.65 -9.43 50.78
C GLN D 40 17.05 -8.84 50.63
N GLN D 41 17.17 -7.76 49.85
CA GLN D 41 18.44 -7.07 49.70
C GLN D 41 18.87 -6.38 51.00
N GLU D 42 17.89 -5.88 51.78
CA GLU D 42 18.18 -5.29 53.07
C GLU D 42 18.71 -6.33 54.06
N ARG D 43 18.09 -7.51 54.09
CA ARG D 43 18.53 -8.53 55.05
C ARG D 43 19.84 -9.17 54.61
N ILE D 44 20.16 -9.14 53.31
CA ILE D 44 21.50 -9.52 52.88
C ILE D 44 22.51 -8.47 53.31
N ARG D 45 22.17 -7.19 53.11
CA ARG D 45 23.12 -6.10 53.32
C ARG D 45 23.42 -5.85 54.81
N ASP D 46 22.41 -5.97 55.67
CA ASP D 46 22.62 -5.74 57.10
C ASP D 46 23.39 -6.90 57.74
N SER D 47 23.12 -8.13 57.34
CA SER D 47 23.80 -9.28 57.92
C SER D 47 25.20 -9.41 57.34
N PRO D 48 26.24 -9.48 58.17
CA PRO D 48 27.62 -9.55 57.63
C PRO D 48 27.95 -10.89 57.00
N LEU D 49 27.32 -11.97 57.48
CA LEU D 49 27.51 -13.29 56.87
C LEU D 49 26.91 -13.35 55.47
N LEU D 50 25.69 -12.80 55.32
CA LEU D 50 25.04 -12.79 54.01
C LEU D 50 25.71 -11.81 53.07
N GLN D 51 26.25 -10.71 53.61
CA GLN D 51 27.01 -9.76 52.80
C GLN D 51 28.32 -10.38 52.29
N ALA D 52 29.00 -11.13 53.16
CA ALA D 52 30.24 -11.80 52.75
C ALA D 52 29.96 -12.94 51.78
N ALA D 53 28.78 -13.55 51.89
CA ALA D 53 28.37 -14.54 50.88
C ALA D 53 28.00 -13.85 49.57
N LYS D 54 27.51 -12.62 49.63
CA LYS D 54 27.11 -11.90 48.42
C LYS D 54 28.33 -11.42 47.64
N GLU D 55 29.23 -10.69 48.29
CA GLU D 55 30.31 -10.02 47.57
C GLU D 55 31.62 -10.80 47.55
N ASN D 56 31.62 -12.04 48.08
CA ASN D 56 32.68 -13.04 47.92
C ASN D 56 34.03 -12.58 48.48
N ASP D 57 34.05 -12.36 49.79
CA ASP D 57 35.28 -11.97 50.49
C ASP D 57 35.91 -13.21 51.11
N LEU D 58 37.12 -13.53 50.66
CA LEU D 58 37.91 -14.57 51.33
C LEU D 58 38.72 -14.01 52.48
N ARG D 59 38.89 -12.69 52.55
CA ARG D 59 39.37 -12.06 53.77
C ARG D 59 38.35 -12.22 54.89
N LEU D 60 37.08 -12.02 54.59
CA LEU D 60 36.01 -12.31 55.51
C LEU D 60 35.64 -13.79 55.36
N LEU D 61 34.59 -14.21 56.09
CA LEU D 61 33.94 -15.52 56.01
C LEU D 61 34.88 -16.67 56.38
N LYS D 62 35.97 -16.38 57.08
CA LYS D 62 36.77 -17.35 57.80
C LYS D 62 36.90 -16.98 59.26
N ILE D 63 36.95 -15.68 59.56
CA ILE D 63 36.85 -15.20 60.94
C ILE D 63 35.43 -15.42 61.46
N LEU D 64 34.43 -15.17 60.61
CA LEU D 64 33.04 -15.31 61.03
C LEU D 64 32.65 -16.78 61.17
N LEU D 65 33.17 -17.65 60.32
CA LEU D 65 32.81 -19.06 60.37
C LEU D 65 33.60 -19.81 61.44
N LEU D 66 34.66 -19.22 61.97
CA LEU D 66 35.40 -19.88 63.05
C LEU D 66 34.74 -19.65 64.40
N ASN D 67 33.80 -18.71 64.48
CA ASN D 67 33.04 -18.51 65.71
C ASN D 67 32.03 -19.64 65.87
N GLN D 68 32.09 -20.35 67.00
CA GLN D 68 31.14 -21.42 67.26
C GLN D 68 29.79 -20.89 67.70
N SER D 69 29.70 -19.62 68.11
CA SER D 69 28.43 -19.01 68.45
C SER D 69 27.77 -18.31 67.27
N CYS D 70 28.44 -18.26 66.12
CA CYS D 70 27.84 -17.63 64.95
C CYS D 70 26.76 -18.53 64.36
N ASP D 71 25.63 -17.92 64.02
CA ASP D 71 24.48 -18.65 63.50
C ASP D 71 24.64 -18.83 62.00
N PHE D 72 25.00 -20.04 61.58
CA PHE D 72 25.01 -20.38 60.17
C PHE D 72 23.62 -20.62 59.61
N GLN D 73 22.62 -20.80 60.47
CA GLN D 73 21.23 -20.92 60.07
C GLN D 73 20.52 -19.57 60.03
N GLN D 74 21.28 -18.47 59.90
CA GLN D 74 20.69 -17.15 59.81
C GLN D 74 20.01 -16.97 58.46
N ARG D 75 18.77 -16.52 58.48
CA ARG D 75 17.93 -16.45 57.29
C ARG D 75 17.60 -15.01 56.94
N GLY D 76 17.35 -14.77 55.66
CA GLY D 76 17.04 -13.44 55.17
C GLY D 76 15.57 -13.10 55.30
N ALA D 77 15.08 -12.26 54.39
CA ALA D 77 13.67 -11.84 54.47
C ALA D 77 12.75 -12.94 53.98
N VAL D 78 13.17 -13.70 52.98
CA VAL D 78 12.35 -14.76 52.42
C VAL D 78 12.69 -16.12 53.04
N GLY D 79 13.49 -16.13 54.09
CA GLY D 79 13.91 -17.36 54.71
C GLY D 79 15.07 -18.04 54.04
N GLU D 80 15.71 -17.39 53.08
CA GLU D 80 16.85 -17.97 52.39
C GLU D 80 18.10 -17.89 53.26
N THR D 81 18.95 -18.91 53.16
CA THR D 81 20.15 -18.97 53.97
C THR D 81 21.29 -18.23 53.27
N ALA D 82 22.50 -18.35 53.83
CA ALA D 82 23.67 -17.75 53.21
C ALA D 82 24.11 -18.53 51.98
N LEU D 83 23.79 -19.82 51.91
CA LEU D 83 24.13 -20.62 50.74
C LEU D 83 23.27 -20.24 49.54
N HIS D 84 22.03 -19.80 49.78
CA HIS D 84 21.20 -19.24 48.71
C HIS D 84 21.79 -17.95 48.17
N VAL D 85 22.35 -17.12 49.06
CA VAL D 85 22.99 -15.87 48.66
C VAL D 85 24.26 -16.14 47.87
N ALA D 86 25.03 -17.16 48.29
CA ALA D 86 26.25 -17.53 47.57
C ALA D 86 25.94 -18.16 46.22
N ALA D 87 24.83 -18.89 46.12
CA ALA D 87 24.42 -19.46 44.84
C ALA D 87 23.81 -18.40 43.93
N LEU D 88 23.23 -17.33 44.50
CA LEU D 88 22.57 -16.31 43.70
C LEU D 88 23.56 -15.41 42.98
N TYR D 89 24.68 -15.10 43.63
CA TYR D 89 25.67 -14.19 43.05
C TYR D 89 26.87 -14.93 42.48
N ASP D 90 26.71 -16.23 42.20
CA ASP D 90 27.71 -17.10 41.53
C ASP D 90 29.03 -17.19 42.28
N ASN D 91 28.97 -17.16 43.61
CA ASN D 91 30.16 -17.28 44.44
C ASN D 91 30.34 -18.75 44.77
N LEU D 92 31.23 -19.40 44.01
CA LEU D 92 31.44 -20.84 44.17
C LEU D 92 32.24 -21.14 45.43
N GLU D 93 33.38 -20.48 45.61
CA GLU D 93 34.28 -20.80 46.71
C GLU D 93 33.71 -20.35 48.05
N ALA D 94 32.92 -19.27 48.06
CA ALA D 94 32.19 -18.86 49.25
C ALA D 94 31.14 -19.90 49.63
N ALA D 95 30.51 -20.51 48.63
CA ALA D 95 29.57 -21.58 48.88
C ALA D 95 30.27 -22.83 49.39
N THR D 96 31.52 -23.07 48.97
CA THR D 96 32.27 -24.20 49.51
C THR D 96 32.64 -24.00 50.97
N LEU D 97 33.03 -22.76 51.35
CA LEU D 97 33.27 -22.48 52.77
C LEU D 97 32.00 -22.54 53.60
N LEU D 98 30.87 -22.10 53.04
CA LEU D 98 29.59 -22.19 53.74
C LEU D 98 29.13 -23.65 53.87
N MET D 99 29.49 -24.48 52.90
CA MET D 99 29.12 -25.89 52.96
C MET D 99 30.01 -26.65 53.94
N GLU D 100 31.30 -26.34 53.99
CA GLU D 100 32.17 -27.08 54.91
C GLU D 100 32.04 -26.54 56.34
N ALA D 101 31.51 -25.33 56.51
CA ALA D 101 31.20 -24.85 57.85
C ALA D 101 30.00 -25.58 58.43
N ALA D 102 28.97 -25.79 57.61
CA ALA D 102 27.78 -26.51 58.01
C ALA D 102 27.18 -27.20 56.79
N PRO D 103 27.18 -28.54 56.75
CA PRO D 103 26.70 -29.23 55.54
C PRO D 103 25.18 -29.27 55.41
N GLU D 104 24.43 -28.83 56.41
CA GLU D 104 22.98 -28.90 56.39
C GLU D 104 22.33 -27.75 55.65
N LEU D 105 23.12 -26.81 55.12
CA LEU D 105 22.56 -25.68 54.37
C LEU D 105 22.02 -26.11 53.01
N ALA D 106 22.46 -27.26 52.49
CA ALA D 106 21.88 -27.79 51.25
C ALA D 106 20.49 -28.35 51.48
N LYS D 107 20.20 -28.84 52.69
CA LYS D 107 18.89 -29.42 52.98
C LYS D 107 17.83 -28.37 53.25
N GLU D 108 18.21 -27.12 53.52
CA GLU D 108 17.26 -26.12 53.97
C GLU D 108 16.72 -25.33 52.78
N PRO D 109 15.41 -25.32 52.55
CA PRO D 109 14.83 -24.39 51.59
C PRO D 109 14.43 -23.07 52.24
N ALA D 110 14.01 -22.13 51.40
CA ALA D 110 13.50 -20.87 51.91
C ALA D 110 12.05 -21.05 52.38
N LEU D 111 11.58 -20.09 53.19
CA LEU D 111 10.35 -20.28 53.95
C LEU D 111 9.21 -19.33 53.60
N CYS D 112 9.49 -18.10 53.18
CA CYS D 112 8.41 -17.16 52.99
C CYS D 112 7.79 -17.29 51.60
N GLU D 113 6.62 -16.65 51.43
CA GLU D 113 5.61 -17.05 50.45
C GLU D 113 6.03 -17.03 48.97
N PRO D 114 6.72 -16.02 48.41
CA PRO D 114 7.07 -16.14 46.99
C PRO D 114 8.18 -17.14 46.68
N PHE D 115 8.90 -17.64 47.68
CA PHE D 115 9.96 -18.61 47.49
C PHE D 115 9.84 -19.73 48.53
N VAL D 116 8.64 -20.30 48.69
CA VAL D 116 8.29 -21.08 49.88
C VAL D 116 8.92 -22.48 49.84
N GLY D 117 9.48 -22.86 48.69
CA GLY D 117 10.16 -24.14 48.64
C GLY D 117 11.52 -24.14 47.96
N GLN D 118 12.04 -22.96 47.64
CA GLN D 118 13.25 -22.86 46.84
C GLN D 118 14.49 -23.19 47.66
N THR D 119 15.29 -24.13 47.15
CA THR D 119 16.58 -24.48 47.73
C THR D 119 17.70 -23.75 47.00
N ALA D 120 18.93 -23.92 47.50
CA ALA D 120 20.09 -23.35 46.84
C ALA D 120 20.45 -24.12 45.58
N LEU D 121 19.99 -25.38 45.49
CA LEU D 121 20.18 -26.19 44.30
C LEU D 121 19.45 -25.60 43.10
N HIS D 122 18.24 -25.06 43.32
CA HIS D 122 17.47 -24.43 42.24
C HIS D 122 18.18 -23.20 41.69
N ILE D 123 18.78 -22.41 42.59
CA ILE D 123 19.50 -21.21 42.18
C ILE D 123 20.79 -21.57 41.46
N ALA D 124 21.47 -22.62 41.92
CA ALA D 124 22.69 -23.07 41.27
C ALA D 124 22.41 -23.66 39.89
N VAL D 125 21.27 -24.34 39.74
CA VAL D 125 20.86 -24.88 38.44
C VAL D 125 20.46 -23.76 37.48
N MET D 126 19.71 -22.74 37.95
CA MET D 126 19.38 -21.61 37.09
C MET D 126 20.60 -20.78 36.70
N ASN D 127 21.57 -20.65 37.61
CA ASN D 127 22.79 -19.92 37.28
C ASN D 127 23.75 -20.72 36.40
N GLN D 128 23.51 -22.03 36.26
CA GLN D 128 24.32 -22.98 35.47
C GLN D 128 25.78 -23.01 35.93
N ASN D 129 25.99 -22.88 37.24
CA ASN D 129 27.32 -23.00 37.82
C ASN D 129 27.47 -24.48 38.17
N LEU D 130 28.08 -25.22 37.24
CA LEU D 130 28.01 -26.68 37.25
C LEU D 130 28.89 -27.28 38.34
N ASN D 131 29.99 -26.60 38.69
CA ASN D 131 30.81 -27.03 39.82
C ASN D 131 30.08 -26.84 41.13
N LEU D 132 29.21 -25.82 41.21
CA LEU D 132 28.37 -25.65 42.39
C LEU D 132 27.29 -26.73 42.45
N VAL D 133 26.83 -27.20 41.28
CA VAL D 133 25.88 -28.32 41.26
C VAL D 133 26.56 -29.60 41.74
N ARG D 134 27.82 -29.84 41.34
CA ARG D 134 28.57 -30.97 41.86
C ARG D 134 28.86 -30.83 43.36
N ALA D 135 29.13 -29.61 43.83
CA ALA D 135 29.42 -29.40 45.24
C ALA D 135 28.18 -29.56 46.09
N LEU D 136 27.01 -29.18 45.56
CA LEU D 136 25.76 -29.38 46.29
C LEU D 136 25.35 -30.84 46.28
N LEU D 137 25.53 -31.54 45.16
CA LEU D 137 25.14 -32.95 45.09
C LEU D 137 26.16 -33.86 45.77
N ALA D 138 27.36 -33.37 46.04
CA ALA D 138 28.27 -34.09 46.93
C ALA D 138 27.75 -34.10 48.35
N ARG D 139 27.10 -33.00 48.76
CA ARG D 139 26.38 -32.96 50.03
C ARG D 139 24.98 -33.53 49.85
N GLY D 140 24.16 -33.40 50.89
CA GLY D 140 22.83 -33.98 50.86
C GLY D 140 21.75 -33.06 50.34
N ALA D 141 21.95 -32.47 49.17
CA ALA D 141 20.95 -31.61 48.54
C ALA D 141 19.91 -32.51 47.88
N SER D 142 18.65 -32.31 48.24
CA SER D 142 17.57 -33.13 47.69
C SER D 142 17.27 -32.73 46.25
N VAL D 143 17.17 -33.73 45.37
CA VAL D 143 16.82 -33.50 43.98
C VAL D 143 15.32 -33.52 43.74
N SER D 144 14.53 -33.99 44.70
CA SER D 144 13.08 -33.98 44.61
C SER D 144 12.46 -32.75 45.27
N ALA D 145 13.24 -31.69 45.45
CA ALA D 145 12.74 -30.50 46.12
C ALA D 145 11.80 -29.73 45.23
N ARG D 146 10.69 -29.28 45.81
CA ARG D 146 9.63 -28.58 45.09
C ARG D 146 9.70 -27.11 45.47
N ALA D 147 10.09 -26.27 44.51
CA ALA D 147 10.15 -24.82 44.73
C ALA D 147 8.77 -24.20 44.44
N THR D 148 7.83 -24.50 45.33
CA THR D 148 6.42 -24.23 45.11
C THR D 148 5.98 -22.80 45.53
N GLY D 149 6.89 -21.83 45.46
CA GLY D 149 6.53 -20.45 45.73
C GLY D 149 5.78 -19.81 44.58
N ALA D 150 5.28 -18.60 44.84
CA ALA D 150 4.52 -17.86 43.85
C ALA D 150 5.38 -17.24 42.76
N ALA D 151 6.70 -17.20 42.94
CA ALA D 151 7.60 -16.71 41.90
C ALA D 151 7.97 -17.79 40.90
N PHE D 152 7.49 -19.01 41.09
CA PHE D 152 7.79 -20.12 40.20
C PHE D 152 6.54 -20.68 39.52
N ARG D 153 5.37 -20.12 39.80
CA ARG D 153 4.14 -20.55 39.16
C ARG D 153 4.07 -20.04 37.73
N ARG D 154 3.16 -20.63 36.96
CA ARG D 154 2.86 -20.15 35.62
C ARG D 154 1.82 -19.05 35.76
N SER D 155 2.26 -17.80 35.68
CA SER D 155 1.40 -16.64 35.84
C SER D 155 1.88 -15.57 34.89
N PRO D 156 1.02 -14.60 34.54
CA PRO D 156 1.51 -13.40 33.83
C PRO D 156 2.42 -12.52 34.68
N HIS D 157 2.40 -12.66 36.01
CA HIS D 157 3.31 -11.92 36.87
C HIS D 157 4.74 -12.41 36.68
N ASN D 158 4.94 -13.73 36.69
CA ASN D 158 6.27 -14.30 36.53
C ASN D 158 6.69 -14.25 35.06
N LEU D 159 7.92 -13.80 34.83
CA LEU D 159 8.42 -13.66 33.48
C LEU D 159 8.83 -14.99 32.86
N ILE D 160 9.13 -16.00 33.68
CA ILE D 160 9.45 -17.33 33.19
C ILE D 160 8.54 -18.34 33.91
N TYR D 161 8.47 -19.54 33.33
CA TYR D 161 7.88 -20.69 34.00
C TYR D 161 8.82 -21.86 33.77
N TYR D 162 9.57 -22.23 34.81
CA TYR D 162 10.51 -23.32 34.70
C TYR D 162 10.08 -24.53 35.51
N GLY D 163 9.09 -24.40 36.36
CA GLY D 163 8.64 -25.49 37.20
C GLY D 163 8.98 -25.28 38.67
N GLU D 164 9.06 -26.41 39.37
CA GLU D 164 9.41 -26.50 40.78
C GLU D 164 10.53 -27.48 41.09
N HIS D 165 10.77 -28.45 40.24
CA HIS D 165 11.86 -29.38 40.46
C HIS D 165 13.13 -28.89 39.76
N PRO D 166 14.32 -29.24 40.30
CA PRO D 166 15.56 -28.80 39.64
C PRO D 166 15.82 -29.46 38.30
N LEU D 167 15.20 -30.61 38.03
CA LEU D 167 15.37 -31.27 36.74
C LEU D 167 14.70 -30.49 35.62
N SER D 168 13.49 -29.98 35.88
CA SER D 168 12.82 -29.10 34.92
C SER D 168 13.54 -27.77 34.78
N PHE D 169 14.17 -27.31 35.87
CA PHE D 169 15.00 -26.10 35.83
C PHE D 169 16.20 -26.30 34.91
N ALA D 170 16.86 -27.45 35.01
CA ALA D 170 18.03 -27.74 34.19
C ALA D 170 17.64 -28.01 32.74
N ALA D 171 16.44 -28.56 32.53
CA ALA D 171 15.95 -28.73 31.17
C ALA D 171 15.62 -27.39 30.53
N CYS D 172 15.07 -26.46 31.31
CA CYS D 172 14.62 -25.20 30.73
C CYS D 172 15.74 -24.19 30.58
N VAL D 173 16.82 -24.29 31.37
CA VAL D 173 17.96 -23.42 31.09
C VAL D 173 18.79 -23.97 29.94
N GLY D 174 18.61 -25.24 29.60
CA GLY D 174 19.25 -25.82 28.45
C GLY D 174 20.64 -26.38 28.68
N SER D 175 21.01 -26.67 29.92
CA SER D 175 22.31 -27.22 30.24
C SER D 175 22.21 -28.74 30.28
N GLU D 176 23.02 -29.40 29.46
CA GLU D 176 22.87 -30.83 29.24
C GLU D 176 23.49 -31.63 30.38
N GLU D 177 24.64 -31.17 30.86
CA GLU D 177 25.44 -31.94 31.82
C GLU D 177 24.83 -31.89 33.22
N ILE D 178 24.14 -30.79 33.55
CA ILE D 178 23.42 -30.73 34.83
C ILE D 178 22.23 -31.69 34.82
N VAL D 179 21.59 -31.85 33.66
CA VAL D 179 20.52 -32.84 33.48
C VAL D 179 21.06 -34.26 33.68
N ARG D 180 22.22 -34.55 33.07
CA ARG D 180 22.84 -35.87 33.24
C ARG D 180 23.32 -36.10 34.66
N LEU D 181 23.79 -35.06 35.33
CA LEU D 181 24.25 -35.17 36.71
C LEU D 181 23.08 -35.37 37.68
N LEU D 182 21.94 -34.74 37.39
CA LEU D 182 20.75 -34.97 38.21
C LEU D 182 20.19 -36.36 37.98
N ILE D 183 20.33 -36.89 36.75
CA ILE D 183 19.98 -38.29 36.50
C ILE D 183 20.92 -39.23 37.25
N GLU D 184 22.19 -38.85 37.38
CA GLU D 184 23.14 -39.64 38.15
C GLU D 184 22.84 -39.67 39.65
N HIS D 185 22.07 -38.71 40.15
CA HIS D 185 21.68 -38.67 41.56
C HIS D 185 20.17 -38.49 41.65
N GLY D 186 19.43 -39.60 41.53
CA GLY D 186 17.99 -39.56 41.68
C GLY D 186 17.29 -38.86 40.52
N ALA D 187 16.31 -38.01 40.87
CA ALA D 187 15.62 -37.07 39.99
C ALA D 187 14.91 -37.79 38.83
N ASP D 188 13.84 -38.50 39.21
CA ASP D 188 13.00 -39.21 38.24
C ASP D 188 12.34 -38.23 37.28
N ILE D 189 12.14 -38.70 36.05
CA ILE D 189 11.63 -37.83 34.98
C ILE D 189 10.15 -37.53 35.23
N ARG D 190 9.38 -38.53 35.64
CA ARG D 190 7.94 -38.42 35.78
C ARG D 190 7.55 -37.70 37.05
N ALA D 191 7.84 -36.41 37.13
CA ALA D 191 7.49 -35.59 38.29
C ALA D 191 6.44 -34.58 37.86
N GLN D 192 5.28 -34.61 38.51
CA GLN D 192 4.19 -33.70 38.22
C GLN D 192 4.11 -32.64 39.29
N ASP D 193 3.88 -31.41 38.87
CA ASP D 193 3.86 -30.26 39.76
C ASP D 193 2.44 -29.92 40.21
N SER D 194 2.25 -28.70 40.71
CA SER D 194 0.92 -28.22 41.10
C SER D 194 -0.01 -28.07 39.91
N LEU D 195 0.54 -27.76 38.73
CA LEU D 195 -0.23 -27.76 37.50
C LEU D 195 -0.31 -29.13 36.86
N GLY D 196 0.35 -30.14 37.44
CA GLY D 196 0.41 -31.46 36.86
C GLY D 196 1.41 -31.63 35.74
N ASN D 197 2.20 -30.60 35.46
CA ASN D 197 3.10 -30.63 34.31
C ASN D 197 4.32 -31.49 34.60
N THR D 198 4.61 -32.39 33.67
CA THR D 198 5.85 -33.13 33.61
C THR D 198 6.89 -32.19 32.98
N VAL D 199 8.18 -32.56 33.05
CA VAL D 199 9.27 -31.79 32.46
C VAL D 199 9.11 -31.63 30.94
N LEU D 200 8.45 -32.60 30.29
CA LEU D 200 8.13 -32.48 28.87
C LEU D 200 7.12 -31.38 28.60
N HIS D 201 6.12 -31.23 29.49
CA HIS D 201 5.12 -30.16 29.37
C HIS D 201 5.77 -28.77 29.47
N ILE D 202 6.61 -28.59 30.49
CA ILE D 202 7.27 -27.31 30.74
C ILE D 202 8.28 -27.00 29.64
N LEU D 203 8.92 -28.05 29.11
CA LEU D 203 9.86 -27.88 28.00
C LEU D 203 9.14 -27.50 26.71
N ILE D 204 7.90 -27.96 26.55
CA ILE D 204 7.06 -27.50 25.44
C ILE D 204 6.65 -26.05 25.64
N LEU D 205 6.36 -25.66 26.87
CA LEU D 205 5.90 -24.30 27.17
C LEU D 205 7.00 -23.23 27.06
N GLN D 206 8.26 -23.62 26.88
CA GLN D 206 9.33 -22.65 26.72
C GLN D 206 9.23 -21.93 25.38
N PRO D 207 9.60 -20.63 25.33
CA PRO D 207 9.44 -19.86 24.08
C PRO D 207 10.44 -20.23 23.00
N ASN D 208 11.66 -20.58 23.39
CA ASN D 208 12.71 -20.95 22.45
C ASN D 208 12.70 -22.47 22.30
N LYS D 209 12.42 -22.93 21.08
CA LYS D 209 11.98 -24.31 20.91
C LYS D 209 13.08 -25.23 20.37
N THR D 210 13.86 -24.74 19.39
CA THR D 210 14.81 -25.60 18.68
C THR D 210 15.99 -26.01 19.54
N PHE D 211 16.39 -25.15 20.48
CA PHE D 211 17.43 -25.52 21.42
C PHE D 211 16.91 -26.43 22.52
N ALA D 212 15.58 -26.43 22.74
CA ALA D 212 14.94 -27.33 23.69
C ALA D 212 14.55 -28.68 23.08
N CYS D 213 14.59 -28.81 21.76
CA CYS D 213 14.27 -30.09 21.13
C CYS D 213 15.32 -31.17 21.44
N GLN D 214 16.59 -30.77 21.51
CA GLN D 214 17.64 -31.73 21.90
C GLN D 214 17.52 -32.11 23.36
N MET D 215 17.03 -31.19 24.20
CA MET D 215 16.77 -31.51 25.60
C MET D 215 15.58 -32.46 25.72
N TYR D 216 14.59 -32.31 24.86
CA TYR D 216 13.47 -33.25 24.78
C TYR D 216 13.95 -34.64 24.35
N ASN D 217 14.90 -34.68 23.41
CA ASN D 217 15.51 -35.95 22.98
C ASN D 217 16.25 -36.62 24.12
N LEU D 218 17.01 -35.85 24.91
CA LEU D 218 17.76 -36.43 26.02
C LEU D 218 16.83 -36.87 27.14
N LEU D 219 15.74 -36.13 27.36
CA LEU D 219 14.82 -36.48 28.43
C LEU D 219 13.98 -37.69 28.04
N LEU D 220 13.72 -37.89 26.75
CA LEU D 220 13.10 -39.12 26.30
C LEU D 220 14.09 -40.27 26.26
N SER D 221 15.39 -39.98 26.22
CA SER D 221 16.40 -41.05 26.17
C SER D 221 16.49 -41.86 27.46
N TYR D 222 16.14 -41.29 28.62
CA TYR D 222 16.12 -42.05 29.86
C TYR D 222 14.73 -42.53 30.24
N ASP D 223 13.93 -42.95 29.27
CA ASP D 223 12.58 -43.44 29.53
C ASP D 223 12.61 -44.96 29.64
N GLU D 224 12.18 -45.48 30.79
CA GLU D 224 12.13 -46.92 31.04
C GLU D 224 10.71 -47.45 31.11
N HIS D 225 9.71 -46.57 30.98
CA HIS D 225 8.27 -46.89 30.97
C HIS D 225 7.78 -47.67 32.19
N GLN D 230 1.78 -47.42 31.04
CA GLN D 230 1.71 -45.97 30.95
C GLN D 230 3.08 -45.39 30.61
N SER D 231 3.15 -44.67 29.49
CA SER D 231 4.40 -44.11 29.05
C SER D 231 4.63 -42.73 29.67
N LEU D 232 5.85 -42.24 29.50
CA LEU D 232 6.19 -40.87 29.90
C LEU D 232 5.49 -39.85 29.02
N GLU D 233 5.40 -40.12 27.72
CA GLU D 233 4.83 -39.15 26.79
C GLU D 233 3.32 -39.05 26.91
N LEU D 234 2.64 -40.09 27.39
CA LEU D 234 1.18 -40.11 27.40
C LEU D 234 0.54 -39.68 28.71
N VAL D 235 1.31 -39.31 29.72
CA VAL D 235 0.70 -38.92 31.00
C VAL D 235 0.24 -37.46 30.90
N PRO D 236 -0.98 -37.14 31.33
CA PRO D 236 -1.47 -35.77 31.20
C PRO D 236 -1.22 -34.93 32.45
N ASN D 237 -1.50 -33.63 32.31
CA ASN D 237 -1.49 -32.72 33.44
C ASN D 237 -2.88 -32.62 34.06
N HIS D 238 -3.10 -31.61 34.90
CA HIS D 238 -4.40 -31.42 35.54
C HIS D 238 -5.45 -30.85 34.60
N GLN D 239 -5.05 -30.31 33.45
CA GLN D 239 -5.99 -29.96 32.39
C GLN D 239 -6.28 -31.12 31.47
N GLY D 240 -5.68 -32.28 31.71
CA GLY D 240 -5.86 -33.44 30.86
C GLY D 240 -5.01 -33.44 29.61
N LEU D 241 -4.10 -32.49 29.46
CA LEU D 241 -3.36 -32.36 28.21
C LEU D 241 -2.10 -33.22 28.22
N THR D 242 -1.99 -34.06 27.20
CA THR D 242 -0.79 -34.77 26.81
C THR D 242 0.23 -33.75 26.29
N PRO D 243 1.53 -34.05 26.37
CA PRO D 243 2.53 -33.20 25.67
C PRO D 243 2.31 -33.06 24.17
N PHE D 244 1.73 -34.07 23.51
CA PHE D 244 1.26 -33.92 22.14
C PHE D 244 0.15 -32.86 22.05
N LYS D 245 -0.82 -32.94 22.97
CA LYS D 245 -1.92 -31.99 22.98
C LYS D 245 -1.46 -30.61 23.41
N LEU D 246 -0.48 -30.53 24.32
CA LEU D 246 0.05 -29.23 24.73
C LEU D 246 0.89 -28.60 23.64
N ALA D 247 1.60 -29.41 22.84
CA ALA D 247 2.34 -28.88 21.70
C ALA D 247 1.38 -28.40 20.62
N GLY D 248 0.24 -29.07 20.46
CA GLY D 248 -0.78 -28.58 19.55
C GLY D 248 -1.45 -27.30 20.02
N VAL D 249 -1.76 -27.21 21.31
CA VAL D 249 -2.51 -26.06 21.84
C VAL D 249 -1.64 -24.81 21.87
N GLU D 250 -0.39 -24.94 22.32
CA GLU D 250 0.49 -23.78 22.49
C GLU D 250 1.11 -23.28 21.20
N GLY D 251 0.85 -23.91 20.06
CA GLY D 251 1.41 -23.42 18.83
C GLY D 251 2.84 -23.83 18.58
N ASN D 252 3.34 -24.82 19.32
CA ASN D 252 4.72 -25.26 19.20
C ASN D 252 4.83 -26.16 17.97
N THR D 253 5.03 -25.52 16.81
CA THR D 253 5.06 -26.25 15.54
C THR D 253 6.36 -27.03 15.39
N VAL D 254 7.45 -26.51 15.96
CA VAL D 254 8.74 -27.20 15.92
C VAL D 254 8.68 -28.47 16.75
N MET D 255 8.09 -28.38 17.94
CA MET D 255 7.95 -29.55 18.79
C MET D 255 6.90 -30.51 18.25
N PHE D 256 5.88 -30.00 17.53
CA PHE D 256 4.91 -30.87 16.88
C PHE D 256 5.54 -31.67 15.75
N GLN D 257 6.40 -31.02 14.95
CA GLN D 257 7.12 -31.74 13.91
C GLN D 257 8.10 -32.74 14.49
N HIS D 258 8.74 -32.39 15.62
CA HIS D 258 9.64 -33.32 16.29
C HIS D 258 8.90 -34.52 16.87
N LEU D 259 7.69 -34.29 17.38
CA LEU D 259 6.89 -35.39 17.92
C LEU D 259 6.32 -36.26 16.81
N MET D 260 6.09 -35.70 15.61
CA MET D 260 5.63 -36.52 14.50
C MET D 260 6.75 -37.14 13.68
N GLN D 261 8.02 -36.81 13.95
CA GLN D 261 9.09 -37.63 13.41
C GLN D 261 9.09 -39.03 14.00
N LYS D 262 8.73 -39.17 15.27
CA LYS D 262 8.69 -40.46 15.93
C LYS D 262 7.34 -41.17 15.75
N ARG D 263 6.35 -40.51 15.17
CA ARG D 263 5.06 -41.11 14.90
C ARG D 263 4.84 -41.39 13.42
N LYS D 264 5.90 -41.32 12.60
CA LYS D 264 5.78 -41.59 11.19
C LYS D 264 6.70 -42.73 10.79
N HIS D 265 6.35 -43.39 9.70
CA HIS D 265 7.15 -44.48 9.15
C HIS D 265 7.16 -44.32 7.63
N VAL D 266 8.35 -44.19 7.05
CA VAL D 266 8.48 -44.05 5.60
C VAL D 266 8.25 -45.44 4.99
N GLN D 267 7.17 -45.59 4.23
CA GLN D 267 6.89 -46.85 3.56
C GLN D 267 7.92 -47.12 2.47
N TRP D 268 8.13 -46.14 1.59
CA TRP D 268 9.18 -46.26 0.58
C TRP D 268 9.59 -44.88 0.12
N THR D 269 10.74 -44.81 -0.52
CA THR D 269 11.14 -43.66 -1.31
C THR D 269 11.55 -44.16 -2.68
N CYS D 270 11.30 -43.35 -3.70
CA CYS D 270 11.66 -43.67 -5.08
C CYS D 270 11.93 -42.37 -5.80
N GLY D 271 13.21 -42.09 -6.03
CA GLY D 271 13.66 -40.92 -6.74
C GLY D 271 13.30 -39.62 -6.07
N PRO D 272 12.35 -38.89 -6.67
CA PRO D 272 11.89 -37.65 -6.05
C PRO D 272 10.76 -37.84 -5.06
N LEU D 273 9.99 -38.93 -5.12
CA LEU D 273 8.75 -39.01 -4.36
C LEU D 273 8.81 -40.15 -3.35
N THR D 274 8.29 -39.88 -2.15
CA THR D 274 8.28 -40.87 -1.08
C THR D 274 6.90 -40.97 -0.48
N SER D 275 6.57 -42.18 -0.04
CA SER D 275 5.32 -42.47 0.66
C SER D 275 5.64 -42.84 2.09
N THR D 276 4.99 -42.15 3.03
CA THR D 276 5.21 -42.31 4.46
C THR D 276 3.88 -42.40 5.17
N LEU D 277 3.86 -43.14 6.27
CA LEU D 277 2.64 -43.44 7.00
C LEU D 277 2.69 -42.72 8.34
N TYR D 278 1.73 -41.84 8.59
CA TYR D 278 1.66 -41.14 9.87
C TYR D 278 0.68 -41.84 10.78
N ASP D 279 1.10 -42.05 12.04
CA ASP D 279 0.18 -42.56 13.05
C ASP D 279 -0.84 -41.48 13.39
N LEU D 280 -2.11 -41.86 13.37
CA LEU D 280 -3.21 -40.91 13.47
C LEU D 280 -3.92 -41.05 14.81
N THR D 281 -3.34 -41.78 15.76
CA THR D 281 -3.99 -42.04 17.05
C THR D 281 -4.05 -40.79 17.91
N GLU D 282 -2.94 -40.06 18.01
CA GLU D 282 -2.89 -38.86 18.82
C GLU D 282 -3.58 -37.66 18.17
N ILE D 283 -3.82 -37.73 16.86
CA ILE D 283 -4.38 -36.58 16.14
C ILE D 283 -5.88 -36.71 15.95
N ASP D 284 -6.37 -37.88 15.54
CA ASP D 284 -7.79 -38.05 15.26
C ASP D 284 -8.62 -38.06 16.54
N SER D 285 -8.12 -38.75 17.58
CA SER D 285 -8.68 -38.81 18.94
C SER D 285 -10.12 -39.33 18.93
N TRP D 286 -10.21 -40.62 18.59
CA TRP D 286 -11.50 -41.26 18.32
C TRP D 286 -12.36 -41.40 19.56
N GLY D 287 -11.86 -42.10 20.57
CA GLY D 287 -12.65 -42.32 21.78
C GLY D 287 -12.72 -41.15 22.71
N GLU D 288 -11.88 -40.13 22.48
CA GLU D 288 -11.84 -38.98 23.37
C GLU D 288 -13.03 -38.05 23.11
N GLU D 289 -13.62 -37.53 24.19
CA GLU D 289 -14.73 -36.60 24.05
C GLU D 289 -14.25 -35.23 23.60
N LEU D 290 -13.14 -34.77 24.15
CA LEU D 290 -12.47 -33.55 23.69
C LEU D 290 -11.28 -33.99 22.84
N SER D 291 -11.43 -33.85 21.53
CA SER D 291 -10.43 -34.36 20.60
C SER D 291 -9.24 -33.42 20.51
N PHE D 292 -8.21 -33.87 19.81
CA PHE D 292 -6.99 -33.08 19.65
C PHE D 292 -7.23 -31.86 18.77
N LEU D 293 -7.94 -32.06 17.65
CA LEU D 293 -8.19 -30.98 16.70
C LEU D 293 -9.12 -29.93 17.29
N GLU D 294 -10.09 -30.35 18.10
CA GLU D 294 -10.97 -29.43 18.81
C GLU D 294 -10.19 -28.65 19.87
N LEU D 295 -9.20 -29.28 20.50
CA LEU D 295 -8.35 -28.58 21.45
C LEU D 295 -7.46 -27.56 20.78
N VAL D 296 -6.99 -27.87 19.57
CA VAL D 296 -6.09 -26.94 18.87
C VAL D 296 -6.88 -25.76 18.30
N VAL D 297 -8.05 -26.01 17.72
CA VAL D 297 -8.75 -24.93 17.01
C VAL D 297 -9.45 -23.98 17.99
N SER D 298 -9.78 -24.44 19.20
CA SER D 298 -10.44 -23.61 20.20
C SER D 298 -9.47 -23.11 21.26
N SER D 299 -8.18 -23.07 20.94
CA SER D 299 -7.17 -22.61 21.88
C SER D 299 -7.02 -21.09 21.78
N LYS D 300 -6.70 -20.47 22.93
CA LYS D 300 -6.50 -19.04 22.98
C LYS D 300 -5.21 -18.60 22.31
N LYS D 301 -4.21 -19.47 22.24
CA LYS D 301 -2.95 -19.11 21.61
C LYS D 301 -3.09 -19.07 20.10
N ARG D 302 -2.54 -18.02 19.50
CA ARG D 302 -2.85 -17.72 18.10
C ARG D 302 -2.05 -18.63 17.17
N GLU D 303 -0.81 -18.94 17.58
CA GLU D 303 0.15 -19.72 16.79
C GLU D 303 -0.27 -21.18 16.60
N ALA D 304 -1.26 -21.66 17.35
CA ALA D 304 -1.87 -22.96 17.12
C ALA D 304 -2.51 -23.08 15.75
N ARG D 305 -2.89 -21.96 15.12
CA ARG D 305 -3.33 -21.99 13.73
C ARG D 305 -2.23 -22.47 12.79
N GLN D 306 -0.96 -22.14 13.07
CA GLN D 306 0.13 -22.71 12.28
C GLN D 306 0.36 -24.19 12.56
N ILE D 307 -0.15 -24.71 13.70
CA ILE D 307 -0.24 -26.14 13.94
C ILE D 307 -1.10 -26.81 12.87
N LEU D 308 -2.09 -26.08 12.33
CA LEU D 308 -2.93 -26.66 11.31
C LEU D 308 -2.22 -26.75 9.96
N GLU D 309 -1.09 -26.06 9.79
CA GLU D 309 -0.33 -26.12 8.55
C GLU D 309 0.57 -27.33 8.46
N GLN D 310 0.80 -28.03 9.58
CA GLN D 310 1.68 -29.20 9.58
C GLN D 310 0.98 -30.36 8.88
N THR D 311 1.79 -31.30 8.38
CA THR D 311 1.36 -32.14 7.25
C THR D 311 0.23 -33.14 7.56
N PRO D 312 0.34 -34.09 8.54
CA PRO D 312 -0.73 -35.11 8.62
C PRO D 312 -2.05 -34.57 9.13
N VAL D 313 -1.99 -33.49 9.91
CA VAL D 313 -3.18 -32.73 10.28
C VAL D 313 -3.82 -32.11 9.05
N LYS D 314 -2.99 -31.57 8.14
CA LYS D 314 -3.49 -30.88 6.96
C LYS D 314 -4.16 -31.83 5.98
N GLU D 315 -3.54 -32.99 5.70
CA GLU D 315 -4.21 -33.94 4.82
C GLU D 315 -5.35 -34.68 5.52
N LEU D 316 -5.33 -34.75 6.86
CA LEU D 316 -6.45 -35.34 7.59
C LEU D 316 -7.70 -34.47 7.49
N VAL D 317 -7.55 -33.16 7.70
CA VAL D 317 -8.70 -32.26 7.57
C VAL D 317 -9.11 -32.12 6.10
N SER D 318 -8.15 -32.16 5.17
CA SER D 318 -8.50 -32.10 3.74
C SER D 318 -9.31 -33.31 3.31
N PHE D 319 -8.96 -34.50 3.82
CA PHE D 319 -9.75 -35.70 3.56
C PHE D 319 -11.12 -35.63 4.23
N LYS D 320 -11.17 -35.15 5.48
CA LYS D 320 -12.43 -35.07 6.22
C LYS D 320 -13.38 -34.04 5.62
N TRP D 321 -12.84 -32.93 5.12
CA TRP D 321 -13.67 -31.86 4.60
C TRP D 321 -14.12 -32.15 3.18
N LYS D 322 -13.22 -32.65 2.33
CA LYS D 322 -13.60 -32.94 0.95
C LYS D 322 -14.47 -34.20 0.89
N LYS D 323 -14.18 -35.19 1.72
CA LYS D 323 -14.92 -36.45 1.66
C LYS D 323 -16.28 -36.32 2.32
N TYR D 324 -16.34 -35.69 3.50
CA TYR D 324 -17.59 -35.65 4.24
C TYR D 324 -18.05 -34.26 4.63
N GLY D 325 -17.12 -33.37 4.98
CA GLY D 325 -17.51 -32.13 5.66
C GLY D 325 -18.21 -31.13 4.77
N ARG D 326 -17.68 -30.90 3.57
CA ARG D 326 -18.29 -30.00 2.59
C ARG D 326 -19.66 -30.45 2.07
N PRO D 327 -19.93 -31.73 1.70
CA PRO D 327 -21.32 -32.06 1.32
C PRO D 327 -22.34 -31.97 2.44
N TYR D 328 -21.95 -32.33 3.67
CA TYR D 328 -22.86 -32.24 4.80
C TYR D 328 -23.13 -30.77 5.16
N PHE D 329 -22.10 -29.93 5.09
CA PHE D 329 -22.28 -28.50 5.32
C PHE D 329 -23.10 -27.86 4.21
N CYS D 330 -22.97 -28.35 2.97
CA CYS D 330 -23.75 -27.79 1.87
C CYS D 330 -25.22 -28.18 1.96
N VAL D 331 -25.52 -29.42 2.37
CA VAL D 331 -26.93 -29.80 2.50
C VAL D 331 -27.55 -29.15 3.73
N LEU D 332 -26.74 -28.89 4.78
CA LEU D 332 -27.25 -28.15 5.93
C LEU D 332 -27.49 -26.68 5.57
N ALA D 333 -26.63 -26.11 4.72
CA ALA D 333 -26.81 -24.74 4.24
C ALA D 333 -28.05 -24.59 3.39
N SER D 334 -28.30 -25.55 2.48
CA SER D 334 -29.48 -25.50 1.64
C SER D 334 -30.75 -25.74 2.46
N LEU D 335 -30.68 -26.61 3.47
CA LEU D 335 -31.83 -26.87 4.33
C LEU D 335 -32.15 -25.65 5.20
N TYR D 336 -31.12 -24.95 5.69
CA TYR D 336 -31.35 -23.72 6.44
C TYR D 336 -31.88 -22.60 5.56
N ILE D 337 -31.46 -22.53 4.29
CA ILE D 337 -31.97 -21.53 3.36
C ILE D 337 -33.44 -21.79 3.05
N LEU D 338 -33.82 -23.06 2.87
CA LEU D 338 -35.23 -23.41 2.67
C LEU D 338 -36.06 -23.14 3.92
N TYR D 339 -35.47 -23.32 5.11
CA TYR D 339 -36.16 -23.01 6.35
C TYR D 339 -36.37 -21.51 6.53
N MET D 340 -35.38 -20.70 6.14
CA MET D 340 -35.56 -19.24 6.08
C MET D 340 -36.61 -18.82 5.07
N ILE D 341 -36.69 -19.51 3.93
CA ILE D 341 -37.69 -19.16 2.92
C ILE D 341 -39.10 -19.47 3.43
N CYS D 342 -39.26 -20.59 4.15
CA CYS D 342 -40.54 -20.93 4.76
C CYS D 342 -40.92 -19.95 5.87
N PHE D 343 -39.94 -19.55 6.69
CA PHE D 343 -40.18 -18.55 7.74
C PHE D 343 -40.52 -17.19 7.16
N THR D 344 -39.85 -16.79 6.09
CA THR D 344 -40.12 -15.51 5.44
C THR D 344 -41.50 -15.50 4.79
N THR D 345 -41.89 -16.62 4.17
CA THR D 345 -43.20 -16.71 3.54
C THR D 345 -44.32 -16.72 4.56
N CYS D 346 -44.12 -17.35 5.71
CA CYS D 346 -45.13 -17.24 6.75
C CYS D 346 -45.06 -15.91 7.51
N CYS D 347 -43.98 -15.14 7.37
CA CYS D 347 -43.95 -13.75 7.81
C CYS D 347 -44.69 -12.79 6.89
N ILE D 348 -44.62 -13.00 5.57
CA ILE D 348 -45.28 -12.09 4.63
C ILE D 348 -46.79 -12.26 4.72
N TYR D 349 -47.26 -13.50 4.81
CA TYR D 349 -48.68 -13.82 4.76
C TYR D 349 -49.32 -13.87 6.14
N ARG D 350 -48.77 -13.15 7.12
CA ARG D 350 -49.26 -13.16 8.50
C ARG D 350 -50.67 -12.56 8.59
N PRO D 351 -51.50 -13.04 9.53
CA PRO D 351 -52.91 -12.64 9.52
C PRO D 351 -53.10 -11.20 9.99
N LEU D 352 -53.67 -10.37 9.11
CA LEU D 352 -53.91 -8.97 9.37
C LEU D 352 -55.30 -8.60 8.89
N LYS D 353 -55.98 -7.76 9.65
CA LYS D 353 -57.35 -7.34 9.33
C LYS D 353 -57.45 -5.84 9.45
N LEU D 354 -58.45 -5.25 8.79
CA LEU D 354 -58.68 -3.81 8.86
C LEU D 354 -59.10 -3.41 10.26
N ARG D 355 -58.55 -2.29 10.73
CA ARG D 355 -58.75 -1.87 12.11
C ARG D 355 -60.18 -1.35 12.32
N ASP D 356 -60.78 -1.75 13.45
CA ASP D 356 -62.15 -1.36 13.74
C ASP D 356 -62.23 0.09 14.21
N ASP D 357 -61.28 0.53 15.02
CA ASP D 357 -61.28 1.90 15.50
C ASP D 357 -60.85 2.89 14.41
N ASN D 358 -61.35 4.11 14.52
CA ASN D 358 -61.06 5.13 13.52
C ASN D 358 -59.74 5.84 13.82
N ARG D 359 -59.24 6.55 12.81
CA ARG D 359 -57.90 7.13 12.89
C ARG D 359 -57.92 8.45 13.66
N THR D 360 -58.64 9.45 13.13
CA THR D 360 -58.90 10.77 13.76
C THR D 360 -57.62 11.52 14.13
N ASP D 361 -56.58 11.36 13.30
CA ASP D 361 -55.29 11.98 13.51
C ASP D 361 -54.60 12.05 12.15
N PRO D 362 -54.22 13.25 11.68
CA PRO D 362 -53.53 13.34 10.39
C PRO D 362 -52.14 12.74 10.40
N ARG D 363 -51.50 12.66 11.57
CA ARG D 363 -50.22 11.97 11.66
C ARG D 363 -50.37 10.45 11.68
N ASP D 364 -51.54 9.94 12.06
CA ASP D 364 -51.73 8.50 12.16
C ASP D 364 -51.76 7.86 10.78
N ILE D 365 -51.08 6.73 10.66
CA ILE D 365 -50.77 6.12 9.36
C ILE D 365 -51.23 4.67 9.27
N THR D 366 -51.43 3.97 10.39
CA THR D 366 -51.85 2.58 10.38
C THR D 366 -53.29 2.44 9.91
N ILE D 367 -53.49 1.67 8.84
CA ILE D 367 -54.82 1.44 8.30
C ILE D 367 -55.36 0.07 8.66
N LEU D 368 -54.53 -0.84 9.16
CA LEU D 368 -54.97 -2.18 9.51
C LEU D 368 -54.08 -2.69 10.64
N GLN D 369 -54.57 -3.73 11.32
CA GLN D 369 -53.99 -4.21 12.57
C GLN D 369 -53.87 -5.73 12.52
N GLN D 370 -53.39 -6.30 13.63
CA GLN D 370 -53.23 -7.73 13.75
C GLN D 370 -54.59 -8.42 13.86
N LYS D 371 -54.64 -9.65 13.39
CA LYS D 371 -55.85 -10.44 13.43
C LYS D 371 -55.86 -11.29 14.70
N LEU D 372 -57.06 -11.53 15.22
CA LEU D 372 -57.22 -12.36 16.41
C LEU D 372 -56.97 -13.83 16.06
N LEU D 373 -56.63 -14.60 17.10
CA LEU D 373 -56.28 -16.02 16.89
C LEU D 373 -57.50 -16.85 16.51
N GLN D 374 -58.69 -16.42 16.94
CA GLN D 374 -59.91 -17.15 16.62
C GLN D 374 -60.27 -17.01 15.15
N GLU D 375 -59.88 -15.90 14.53
CA GLU D 375 -60.15 -15.66 13.12
C GLU D 375 -58.90 -15.73 12.26
N ALA D 376 -57.76 -16.14 12.81
CA ALA D 376 -56.53 -16.18 12.04
C ALA D 376 -56.51 -17.37 11.09
N TYR D 377 -57.17 -18.46 11.45
CA TYR D 377 -57.12 -19.71 10.68
C TYR D 377 -58.54 -20.12 10.33
N VAL D 378 -59.07 -19.59 9.23
CA VAL D 378 -60.43 -19.90 8.79
C VAL D 378 -60.44 -20.42 7.36
N THR D 379 -59.36 -20.20 6.61
CA THR D 379 -59.32 -20.55 5.20
C THR D 379 -58.22 -21.58 4.93
N HIS D 380 -58.11 -21.96 3.66
CA HIS D 380 -57.13 -22.97 3.25
C HIS D 380 -55.72 -22.40 3.24
N GLN D 381 -55.57 -21.14 2.79
CA GLN D 381 -54.26 -20.49 2.78
C GLN D 381 -53.76 -20.22 4.19
N ASP D 382 -54.67 -20.00 5.13
CA ASP D 382 -54.28 -19.86 6.52
C ASP D 382 -53.84 -21.20 7.11
N ASN D 383 -54.37 -22.31 6.58
CA ASN D 383 -53.89 -23.63 7.00
C ASN D 383 -52.51 -23.94 6.41
N ILE D 384 -52.24 -23.46 5.19
CA ILE D 384 -50.90 -23.56 4.61
C ILE D 384 -49.90 -22.73 5.41
N ARG D 385 -50.32 -21.53 5.84
CA ARG D 385 -49.48 -20.74 6.74
C ARG D 385 -49.35 -21.40 8.12
N LEU D 386 -50.36 -22.16 8.55
CA LEU D 386 -50.28 -22.88 9.82
C LEU D 386 -49.24 -24.00 9.76
N VAL D 387 -49.20 -24.75 8.66
CA VAL D 387 -48.19 -25.82 8.57
C VAL D 387 -46.80 -25.23 8.35
N GLY D 388 -46.73 -24.06 7.69
CA GLY D 388 -45.45 -23.35 7.62
C GLY D 388 -44.97 -22.82 8.96
N GLU D 389 -45.89 -22.33 9.79
CA GLU D 389 -45.55 -21.86 11.13
C GLU D 389 -45.17 -23.01 12.06
N LEU D 390 -45.81 -24.17 11.87
CA LEU D 390 -45.46 -25.35 12.65
C LEU D 390 -44.06 -25.85 12.28
N VAL D 391 -43.72 -25.81 10.99
CA VAL D 391 -42.36 -26.11 10.53
C VAL D 391 -41.36 -25.11 11.10
N THR D 392 -41.77 -23.82 11.20
CA THR D 392 -40.92 -22.78 11.76
C THR D 392 -40.62 -22.99 13.24
N VAL D 393 -41.65 -23.26 14.05
CA VAL D 393 -41.42 -23.44 15.48
C VAL D 393 -40.76 -24.79 15.76
N THR D 394 -40.97 -25.79 14.90
CA THR D 394 -40.24 -27.05 15.02
C THR D 394 -38.76 -26.85 14.72
N GLY D 395 -38.44 -26.03 13.72
CA GLY D 395 -37.05 -25.71 13.43
C GLY D 395 -36.39 -24.90 14.53
N ALA D 396 -37.14 -24.01 15.18
CA ALA D 396 -36.59 -23.26 16.31
C ALA D 396 -36.32 -24.14 17.52
N VAL D 397 -37.22 -25.10 17.79
CA VAL D 397 -37.00 -26.08 18.86
C VAL D 397 -35.81 -26.99 18.52
N ILE D 398 -35.65 -27.34 17.24
CA ILE D 398 -34.51 -28.15 16.78
C ILE D 398 -33.19 -27.38 16.94
N ILE D 399 -33.20 -26.09 16.63
CA ILE D 399 -32.05 -25.21 16.84
C ILE D 399 -31.67 -25.13 18.32
N LEU D 400 -32.68 -24.96 19.19
CA LEU D 400 -32.42 -24.87 20.62
C LEU D 400 -31.90 -26.19 21.18
N LEU D 401 -32.44 -27.32 20.72
CA LEU D 401 -31.98 -28.62 21.18
C LEU D 401 -30.58 -28.94 20.67
N LEU D 402 -30.21 -28.42 19.49
CA LEU D 402 -28.86 -28.62 19.00
C LEU D 402 -27.83 -27.70 19.65
N GLU D 403 -28.20 -26.48 20.00
CA GLU D 403 -27.19 -25.52 20.44
C GLU D 403 -27.19 -25.22 21.94
N ILE D 404 -28.20 -25.63 22.70
CA ILE D 404 -28.17 -25.42 24.16
C ILE D 404 -27.20 -26.34 24.90
N PRO D 405 -27.16 -27.69 24.65
CA PRO D 405 -26.16 -28.49 25.40
C PRO D 405 -24.70 -28.22 25.04
N ASP D 406 -24.41 -27.69 23.87
CA ASP D 406 -23.04 -27.33 23.53
C ASP D 406 -22.61 -26.00 24.11
N ILE D 407 -23.55 -25.21 24.65
CA ILE D 407 -23.14 -24.11 25.53
C ILE D 407 -22.63 -24.67 26.83
N PHE D 408 -23.30 -25.67 27.39
CA PHE D 408 -22.95 -26.24 28.68
C PHE D 408 -21.78 -27.21 28.62
N ARG D 409 -21.47 -27.79 27.45
CA ARG D 409 -20.38 -28.77 27.40
C ARG D 409 -19.03 -28.09 27.37
N VAL D 410 -19.00 -26.79 27.11
CA VAL D 410 -17.76 -26.02 27.04
C VAL D 410 -18.00 -24.80 27.94
N GLY D 411 -17.02 -23.90 28.00
CA GLY D 411 -17.20 -22.63 28.66
C GLY D 411 -18.27 -21.77 28.00
N ALA D 412 -19.10 -21.12 28.81
CA ALA D 412 -20.17 -20.29 28.27
C ALA D 412 -19.60 -19.04 27.60
N SER D 413 -18.53 -18.48 28.17
CA SER D 413 -17.83 -17.39 27.50
C SER D 413 -16.99 -17.92 26.35
N ARG D 414 -16.51 -19.17 26.45
CA ARG D 414 -15.63 -19.74 25.44
C ARG D 414 -16.41 -20.10 24.18
N TYR D 415 -17.70 -20.44 24.34
CA TYR D 415 -18.54 -20.79 23.20
C TYR D 415 -18.82 -19.58 22.31
N PHE D 416 -19.16 -18.44 22.92
CA PHE D 416 -19.50 -17.25 22.17
C PHE D 416 -18.29 -16.38 21.86
N GLY D 417 -17.16 -16.58 22.55
CA GLY D 417 -16.04 -15.68 22.37
C GLY D 417 -15.17 -16.02 21.17
N GLN D 418 -15.35 -17.22 20.62
CA GLN D 418 -14.47 -17.68 19.55
C GLN D 418 -14.92 -17.16 18.19
N THR D 419 -14.00 -16.50 17.48
CA THR D 419 -14.29 -16.02 16.13
C THR D 419 -14.25 -17.15 15.11
N ILE D 420 -13.61 -18.27 15.47
CA ILE D 420 -13.41 -19.35 14.51
C ILE D 420 -14.54 -20.37 14.62
N LEU D 421 -14.96 -20.65 15.85
CA LEU D 421 -16.04 -21.60 16.10
C LEU D 421 -17.41 -21.06 15.73
N GLY D 422 -17.54 -19.77 15.40
CA GLY D 422 -18.80 -19.20 15.01
C GLY D 422 -19.66 -18.78 16.18
N GLY D 423 -19.00 -18.27 17.23
CA GLY D 423 -19.65 -17.82 18.44
C GLY D 423 -20.65 -16.68 18.32
N PRO D 424 -20.30 -15.58 17.64
CA PRO D 424 -21.33 -14.58 17.30
C PRO D 424 -22.46 -15.12 16.46
N PHE D 425 -22.17 -16.01 15.51
CA PHE D 425 -23.24 -16.66 14.77
C PHE D 425 -24.07 -17.57 15.65
N HIS D 426 -23.45 -18.19 16.66
CA HIS D 426 -24.19 -19.03 17.60
C HIS D 426 -25.15 -18.21 18.45
N VAL D 427 -24.74 -17.02 18.90
CA VAL D 427 -25.64 -16.24 19.74
C VAL D 427 -26.74 -15.58 18.90
N ILE D 428 -26.46 -15.27 17.62
CA ILE D 428 -27.51 -14.81 16.70
C ILE D 428 -28.55 -15.90 16.43
N ILE D 429 -28.11 -17.15 16.20
CA ILE D 429 -29.04 -18.25 15.94
C ILE D 429 -29.86 -18.59 17.19
N ILE D 430 -29.22 -18.49 18.38
CA ILE D 430 -29.90 -18.74 19.65
C ILE D 430 -30.98 -17.68 19.91
N THR D 431 -30.66 -16.40 19.68
CA THR D 431 -31.68 -15.38 19.91
C THR D 431 -32.72 -15.34 18.80
N TYR D 432 -32.40 -15.86 17.60
CA TYR D 432 -33.43 -16.01 16.57
C TYR D 432 -34.47 -17.05 16.98
N ALA D 433 -34.01 -18.19 17.51
CA ALA D 433 -34.93 -19.21 17.98
C ALA D 433 -35.74 -18.74 19.19
N SER D 434 -35.11 -17.94 20.06
CA SER D 434 -35.82 -17.35 21.19
C SER D 434 -36.89 -16.37 20.75
N LEU D 435 -36.61 -15.58 19.71
CA LEU D 435 -37.61 -14.62 19.21
C LEU D 435 -38.75 -15.32 18.48
N VAL D 436 -38.46 -16.46 17.82
CA VAL D 436 -39.52 -17.23 17.18
C VAL D 436 -40.44 -17.87 18.21
N LEU D 437 -39.87 -18.40 19.31
CA LEU D 437 -40.70 -18.95 20.37
C LEU D 437 -41.48 -17.88 21.12
N LEU D 438 -40.89 -16.68 21.26
CA LEU D 438 -41.61 -15.53 21.81
C LEU D 438 -42.75 -15.10 20.89
N THR D 439 -42.55 -15.19 19.58
CA THR D 439 -43.61 -14.88 18.62
C THR D 439 -44.74 -15.90 18.70
N MET D 440 -44.40 -17.17 18.93
CA MET D 440 -45.43 -18.21 19.11
C MET D 440 -46.22 -18.00 20.39
N VAL D 441 -45.55 -17.57 21.47
CA VAL D 441 -46.24 -17.21 22.71
C VAL D 441 -47.14 -16.00 22.51
N MET D 442 -46.68 -15.02 21.71
CA MET D 442 -47.48 -13.84 21.38
C MET D 442 -48.69 -14.20 20.52
N ARG D 443 -48.54 -15.18 19.64
CA ARG D 443 -49.63 -15.59 18.76
C ARG D 443 -50.68 -16.38 19.52
N LEU D 444 -50.25 -17.26 20.43
CA LEU D 444 -51.19 -18.09 21.16
C LEU D 444 -51.94 -17.31 22.23
N THR D 445 -51.38 -16.22 22.72
CA THR D 445 -51.98 -15.42 23.78
C THR D 445 -52.55 -14.10 23.28
N ASN D 446 -52.64 -13.92 21.96
CA ASN D 446 -53.25 -12.75 21.29
C ASN D 446 -52.60 -11.43 21.69
N MET D 447 -51.28 -11.43 21.83
CA MET D 447 -50.56 -10.22 22.21
C MET D 447 -50.32 -9.33 21.00
N ASN D 448 -50.74 -8.08 21.11
CA ASN D 448 -50.50 -7.10 20.06
C ASN D 448 -49.04 -6.67 20.08
N GLY D 449 -48.52 -6.39 18.90
CA GLY D 449 -47.12 -6.00 18.78
C GLY D 449 -46.21 -7.12 18.34
N GLU D 450 -46.66 -7.95 17.41
CA GLU D 450 -45.83 -9.06 16.93
C GLU D 450 -44.83 -8.63 15.88
N VAL D 451 -44.84 -7.35 15.47
CA VAL D 451 -43.91 -6.82 14.47
C VAL D 451 -42.49 -6.84 15.01
N VAL D 452 -42.32 -6.58 16.30
CA VAL D 452 -41.04 -6.49 16.99
C VAL D 452 -40.25 -7.81 16.96
N PRO D 453 -40.74 -8.96 17.49
CA PRO D 453 -39.86 -10.15 17.44
C PRO D 453 -39.77 -10.77 16.06
N LEU D 454 -40.76 -10.53 15.21
CA LEU D 454 -40.75 -11.04 13.84
C LEU D 454 -39.75 -10.29 12.98
N SER D 455 -39.64 -8.97 13.18
CA SER D 455 -38.67 -8.17 12.43
C SER D 455 -37.24 -8.45 12.86
N PHE D 456 -37.01 -8.54 14.19
CA PHE D 456 -35.69 -8.97 14.66
C PHE D 456 -35.37 -10.39 14.23
N ALA D 457 -36.36 -11.28 14.21
CA ALA D 457 -36.13 -12.67 13.81
C ALA D 457 -35.80 -12.78 12.33
N LEU D 458 -36.45 -11.98 11.47
CA LEU D 458 -36.14 -11.98 10.05
C LEU D 458 -34.73 -11.49 9.77
N VAL D 459 -34.33 -10.39 10.44
CA VAL D 459 -33.00 -9.82 10.24
C VAL D 459 -31.91 -10.78 10.74
N LEU D 460 -32.09 -11.31 11.96
CA LEU D 460 -31.08 -12.18 12.55
C LEU D 460 -31.05 -13.55 11.87
N GLY D 461 -32.20 -14.04 11.40
CA GLY D 461 -32.22 -15.30 10.70
C GLY D 461 -31.57 -15.24 9.33
N TRP D 462 -31.81 -14.18 8.57
CA TRP D 462 -31.14 -14.13 7.27
C TRP D 462 -29.69 -13.69 7.39
N CYS D 463 -29.31 -13.02 8.48
CA CYS D 463 -27.91 -12.80 8.73
C CYS D 463 -27.21 -14.04 9.26
N SER D 464 -27.97 -15.02 9.78
CA SER D 464 -27.41 -16.30 10.19
C SER D 464 -27.01 -17.19 9.02
N VAL D 465 -27.44 -16.86 7.80
CA VAL D 465 -27.05 -17.62 6.61
C VAL D 465 -25.57 -17.41 6.27
N MET D 466 -24.97 -16.31 6.75
CA MET D 466 -23.54 -16.08 6.56
C MET D 466 -22.66 -17.01 7.37
N TYR D 467 -23.23 -17.79 8.31
CA TYR D 467 -22.48 -18.84 8.99
C TYR D 467 -22.03 -19.91 8.00
N PHE D 468 -22.82 -20.16 6.98
CA PHE D 468 -22.51 -21.18 5.98
C PHE D 468 -21.60 -20.66 4.88
N ALA D 469 -21.20 -19.40 4.95
CA ALA D 469 -20.20 -18.87 4.04
C ALA D 469 -18.81 -19.39 4.34
N ARG D 470 -18.58 -19.93 5.54
CA ARG D 470 -17.29 -20.48 5.91
C ARG D 470 -17.01 -21.83 5.26
N GLY D 471 -18.00 -22.44 4.62
CA GLY D 471 -17.77 -23.68 3.89
C GLY D 471 -17.13 -23.52 2.54
N PHE D 472 -16.94 -22.28 2.09
CA PHE D 472 -16.36 -22.00 0.79
C PHE D 472 -15.18 -21.05 0.98
N GLN D 473 -14.12 -21.27 0.21
CA GLN D 473 -12.92 -20.46 0.35
C GLN D 473 -13.14 -19.06 -0.18
N MET D 474 -14.04 -18.93 -1.16
CA MET D 474 -14.20 -17.66 -1.87
C MET D 474 -14.92 -16.62 -1.03
N LEU D 475 -15.80 -17.04 -0.11
CA LEU D 475 -16.49 -16.11 0.76
C LEU D 475 -16.40 -16.48 2.24
N GLY D 476 -15.42 -17.29 2.60
CA GLY D 476 -15.14 -17.66 3.97
C GLY D 476 -14.64 -16.52 4.86
N PRO D 477 -13.46 -15.95 4.53
CA PRO D 477 -12.95 -14.85 5.36
C PRO D 477 -13.67 -13.52 5.20
N PHE D 478 -14.69 -13.43 4.35
CA PHE D 478 -15.48 -12.20 4.21
C PHE D 478 -16.25 -11.92 5.49
N THR D 479 -16.81 -12.98 6.09
CA THR D 479 -17.53 -12.81 7.36
C THR D 479 -16.57 -12.60 8.51
N ILE D 480 -15.33 -13.07 8.40
CA ILE D 480 -14.30 -12.72 9.37
C ILE D 480 -13.96 -11.24 9.29
N MET D 481 -13.89 -10.70 8.06
CA MET D 481 -13.74 -9.25 7.87
C MET D 481 -14.91 -8.47 8.43
N ILE D 482 -16.14 -8.98 8.24
CA ILE D 482 -17.34 -8.31 8.73
C ILE D 482 -17.37 -8.31 10.26
N GLN D 483 -16.98 -9.44 10.88
CA GLN D 483 -16.89 -9.51 12.34
C GLN D 483 -15.80 -8.61 12.89
N LYS D 484 -14.65 -8.54 12.22
CA LYS D 484 -13.56 -7.68 12.66
C LYS D 484 -13.82 -6.20 12.36
N MET D 485 -14.82 -5.88 11.55
CA MET D 485 -15.27 -4.49 11.45
C MET D 485 -16.40 -4.17 12.40
N ILE D 486 -17.18 -5.17 12.82
CA ILE D 486 -18.24 -4.91 13.80
C ILE D 486 -17.64 -4.72 15.19
N PHE D 487 -16.85 -5.69 15.65
CA PHE D 487 -16.32 -5.60 16.99
C PHE D 487 -14.95 -4.96 17.06
N GLY D 488 -14.25 -4.86 15.93
CA GLY D 488 -12.96 -4.21 15.91
C GLY D 488 -13.02 -2.72 15.68
N ASP D 489 -13.60 -2.29 14.56
CA ASP D 489 -13.54 -0.88 14.19
C ASP D 489 -14.73 -0.09 14.69
N LEU D 490 -15.92 -0.69 14.69
CA LEU D 490 -17.14 0.06 14.97
C LEU D 490 -17.28 0.34 16.46
N MET D 491 -16.79 -0.58 17.31
CA MET D 491 -16.95 -0.42 18.75
C MET D 491 -16.03 0.66 19.31
N ARG D 492 -14.96 1.01 18.60
CA ARG D 492 -14.11 2.10 19.04
C ARG D 492 -14.54 3.45 18.46
N PHE D 493 -14.94 3.48 17.19
CA PHE D 493 -15.31 4.73 16.54
C PHE D 493 -16.76 5.14 16.82
N CYS D 494 -17.56 4.24 17.41
CA CYS D 494 -18.95 4.56 17.69
C CYS D 494 -19.08 5.60 18.79
N TRP D 495 -18.10 5.71 19.68
CA TRP D 495 -18.14 6.72 20.74
C TRP D 495 -17.88 8.11 20.20
N LEU D 496 -16.89 8.25 19.31
CA LEU D 496 -16.59 9.53 18.69
C LEU D 496 -17.71 9.97 17.75
N MET D 497 -18.22 9.02 16.97
CA MET D 497 -19.37 9.28 16.11
C MET D 497 -20.61 9.62 16.93
N ALA D 498 -20.78 8.98 18.09
CA ALA D 498 -21.92 9.24 18.95
C ALA D 498 -21.87 10.62 19.57
N VAL D 499 -20.69 11.08 20.02
CA VAL D 499 -20.65 12.40 20.63
C VAL D 499 -20.78 13.51 19.58
N VAL D 500 -20.34 13.24 18.34
CA VAL D 500 -20.59 14.19 17.25
C VAL D 500 -22.08 14.26 16.91
N ILE D 501 -22.76 13.09 16.89
CA ILE D 501 -24.21 13.04 16.66
C ILE D 501 -24.97 13.74 17.78
N LEU D 502 -24.56 13.56 19.04
CA LEU D 502 -25.22 14.23 20.17
C LEU D 502 -25.06 15.74 20.12
N GLY D 503 -23.85 16.23 19.81
CA GLY D 503 -23.65 17.68 19.75
C GLY D 503 -24.37 18.34 18.60
N PHE D 504 -24.25 17.77 17.40
CA PHE D 504 -24.89 18.39 16.26
C PHE D 504 -26.39 18.15 16.27
N ALA D 505 -26.86 17.03 16.83
CA ALA D 505 -28.29 16.80 16.95
C ALA D 505 -28.94 17.72 17.96
N SER D 506 -28.23 18.02 19.06
CA SER D 506 -28.72 18.96 20.04
C SER D 506 -28.77 20.38 19.48
N ALA D 507 -27.73 20.77 18.73
CA ALA D 507 -27.71 22.09 18.10
C ALA D 507 -28.76 22.21 17.01
N PHE D 508 -28.95 21.14 16.22
CA PHE D 508 -29.96 21.13 15.16
C PHE D 508 -31.36 21.16 15.73
N HIS D 509 -31.57 20.53 16.89
CA HIS D 509 -32.88 20.55 17.50
C HIS D 509 -33.19 21.91 18.11
N ILE D 510 -32.23 22.52 18.80
CA ILE D 510 -32.55 23.79 19.43
C ILE D 510 -32.52 24.95 18.46
N THR D 511 -31.91 24.80 17.27
CA THR D 511 -32.05 25.86 16.28
C THR D 511 -33.36 25.75 15.51
N PHE D 512 -34.08 24.64 15.66
CA PHE D 512 -35.38 24.45 15.03
C PHE D 512 -36.50 24.29 16.05
N GLN D 513 -36.23 24.58 17.33
CA GLN D 513 -37.26 24.53 18.35
C GLN D 513 -38.24 25.69 18.20
N THR D 514 -37.79 26.81 17.64
CA THR D 514 -38.62 27.99 17.47
C THR D 514 -39.33 28.04 16.13
N GLU D 515 -39.16 27.03 15.29
CA GLU D 515 -39.64 27.07 13.92
C GLU D 515 -40.90 26.22 13.77
N ASP D 516 -41.56 26.37 12.64
CA ASP D 516 -42.70 25.54 12.30
C ASP D 516 -42.21 24.16 11.89
N PRO D 517 -42.69 23.09 12.53
CA PRO D 517 -42.22 21.73 12.15
C PRO D 517 -42.80 21.24 10.83
N ASN D 518 -43.79 21.92 10.27
CA ASN D 518 -44.33 21.49 8.97
C ASN D 518 -43.37 21.81 7.84
N ASN D 519 -42.65 22.92 7.93
CA ASN D 519 -41.76 23.34 6.86
C ASN D 519 -40.46 22.55 6.85
N LEU D 520 -39.96 22.15 8.01
CA LEU D 520 -38.77 21.30 8.08
C LEU D 520 -38.95 20.40 9.30
N GLY D 521 -39.34 19.15 9.05
CA GLY D 521 -39.64 18.21 10.11
C GLY D 521 -38.51 17.30 10.53
N GLU D 522 -37.27 17.56 10.09
CA GLU D 522 -36.17 16.66 10.38
C GLU D 522 -35.73 16.72 11.83
N PHE D 523 -35.88 17.88 12.48
CA PHE D 523 -35.40 18.09 13.83
C PHE D 523 -36.51 18.59 14.74
N SER D 524 -37.71 18.01 14.61
CA SER D 524 -38.87 18.54 15.33
C SER D 524 -38.84 18.18 16.81
N ASP D 525 -38.46 16.96 17.15
CA ASP D 525 -38.22 16.55 18.52
C ASP D 525 -36.84 15.93 18.61
N TYR D 526 -36.38 15.70 19.84
CA TYR D 526 -35.02 15.24 20.06
C TYR D 526 -34.71 13.83 19.54
N PRO D 527 -35.57 12.79 19.68
CA PRO D 527 -35.24 11.52 18.99
C PRO D 527 -35.23 11.58 17.47
N THR D 528 -36.12 12.34 16.83
CA THR D 528 -36.04 12.42 15.37
C THR D 528 -34.90 13.32 14.92
N ALA D 529 -34.45 14.26 15.77
CA ALA D 529 -33.25 15.02 15.47
C ALA D 529 -32.01 14.16 15.59
N LEU D 530 -31.98 13.26 16.58
CA LEU D 530 -30.90 12.30 16.73
C LEU D 530 -30.83 11.34 15.54
N PHE D 531 -32.00 10.84 15.11
CA PHE D 531 -32.04 9.92 13.97
C PHE D 531 -31.69 10.62 12.67
N SER D 532 -32.15 11.87 12.49
CA SER D 532 -31.81 12.64 11.30
C SER D 532 -30.33 12.98 11.26
N THR D 533 -29.73 13.28 12.40
CA THR D 533 -28.30 13.58 12.42
C THR D 533 -27.45 12.32 12.21
N PHE D 534 -27.95 11.16 12.66
CA PHE D 534 -27.28 9.89 12.35
C PHE D 534 -27.33 9.58 10.86
N GLU D 535 -28.49 9.80 10.23
CA GLU D 535 -28.62 9.56 8.80
C GLU D 535 -27.86 10.58 7.98
N LEU D 536 -27.74 11.81 8.48
CA LEU D 536 -26.95 12.83 7.79
C LEU D 536 -25.46 12.58 7.98
N PHE D 537 -25.06 11.97 9.09
CA PHE D 537 -23.69 11.48 9.26
C PHE D 537 -23.38 10.44 8.21
N LEU D 538 -24.29 9.49 8.00
CA LEU D 538 -24.00 8.43 7.06
C LEU D 538 -24.31 8.82 5.61
N THR D 539 -24.80 10.05 5.38
CA THR D 539 -25.21 10.62 4.08
C THR D 539 -26.18 9.70 3.34
N ILE D 540 -27.16 9.16 4.07
CA ILE D 540 -28.18 8.32 3.46
C ILE D 540 -29.49 9.06 3.27
N ILE D 541 -29.66 10.22 3.87
CA ILE D 541 -30.75 11.13 3.54
C ILE D 541 -30.14 12.45 3.09
N ASP D 542 -30.92 13.24 2.38
CA ASP D 542 -30.44 14.53 1.91
C ASP D 542 -30.37 15.52 3.06
N GLY D 543 -29.58 16.56 2.87
CA GLY D 543 -29.57 17.70 3.76
C GLY D 543 -30.93 18.38 3.71
N PRO D 544 -31.44 18.78 4.88
CA PRO D 544 -32.76 19.44 4.91
C PRO D 544 -32.72 20.80 4.23
N ALA D 545 -33.60 20.97 3.25
CA ALA D 545 -33.58 22.20 2.48
C ALA D 545 -35.01 22.53 2.06
N ASN D 546 -35.52 23.64 2.58
CA ASN D 546 -36.78 24.21 2.12
C ASN D 546 -36.45 25.59 1.55
N TYR D 547 -36.58 25.73 0.24
CA TYR D 547 -36.28 26.99 -0.42
C TYR D 547 -37.50 27.88 -0.54
N SER D 548 -38.65 27.42 -0.07
CA SER D 548 -39.87 28.23 -0.03
C SER D 548 -39.98 29.03 1.26
N VAL D 549 -39.20 28.70 2.28
CA VAL D 549 -39.10 29.46 3.51
C VAL D 549 -37.63 29.80 3.70
N ASP D 550 -37.36 30.75 4.60
CA ASP D 550 -35.98 31.05 4.94
C ASP D 550 -35.63 30.45 6.30
N LEU D 551 -34.71 29.50 6.28
CA LEU D 551 -34.30 28.75 7.45
C LEU D 551 -33.45 29.64 8.37
N PRO D 552 -33.25 29.25 9.63
CA PRO D 552 -32.25 29.94 10.45
C PRO D 552 -30.85 29.82 9.86
N PHE D 553 -30.06 30.89 10.01
CA PHE D 553 -28.70 30.90 9.47
C PHE D 553 -27.79 29.99 10.28
N MET D 554 -28.15 29.73 11.53
CA MET D 554 -27.38 28.80 12.35
C MET D 554 -27.57 27.36 11.91
N TYR D 555 -28.68 27.06 11.24
CA TYR D 555 -28.79 25.78 10.55
C TYR D 555 -27.73 25.66 9.45
N CYS D 556 -27.50 26.73 8.69
CA CYS D 556 -26.50 26.69 7.62
C CYS D 556 -25.09 26.63 8.17
N ILE D 557 -24.81 27.37 9.26
CA ILE D 557 -23.48 27.36 9.88
C ILE D 557 -23.18 26.00 10.50
N THR D 558 -24.12 25.47 11.30
CA THR D 558 -23.90 24.19 11.95
C THR D 558 -23.95 23.03 10.97
N TYR D 559 -24.72 23.14 9.88
CA TYR D 559 -24.70 22.07 8.89
C TYR D 559 -23.46 22.11 8.01
N ALA D 560 -22.91 23.29 7.74
CA ALA D 560 -21.61 23.36 7.05
C ALA D 560 -20.50 22.78 7.92
N ALA D 561 -20.52 23.09 9.23
CA ALA D 561 -19.56 22.50 10.16
C ALA D 561 -19.74 21.00 10.29
N PHE D 562 -20.98 20.53 10.34
CA PHE D 562 -21.29 19.10 10.41
C PHE D 562 -20.86 18.37 9.15
N ALA D 563 -21.10 18.97 7.98
CA ALA D 563 -20.73 18.35 6.73
C ALA D 563 -19.22 18.31 6.54
N ILE D 564 -18.51 19.27 7.12
CA ILE D 564 -17.04 19.21 7.09
C ILE D 564 -16.53 18.14 8.05
N ILE D 565 -17.00 18.12 9.30
CA ILE D 565 -16.35 17.25 10.28
C ILE D 565 -16.90 15.83 10.20
N ALA D 566 -18.19 15.63 9.91
CA ALA D 566 -18.76 14.31 10.11
C ALA D 566 -18.88 13.54 8.80
N THR D 567 -19.51 14.15 7.79
CA THR D 567 -19.70 13.46 6.53
C THR D 567 -18.38 13.34 5.75
N LEU D 568 -17.50 14.32 5.92
CA LEU D 568 -16.29 14.35 5.10
C LEU D 568 -15.11 13.74 5.83
N LEU D 569 -14.88 14.13 7.09
CA LEU D 569 -13.65 13.73 7.75
C LEU D 569 -13.76 12.38 8.46
N MET D 570 -14.68 12.26 9.42
CA MET D 570 -14.70 11.07 10.28
C MET D 570 -15.28 9.85 9.57
N LEU D 571 -16.20 10.06 8.62
CA LEU D 571 -16.78 8.94 7.89
C LEU D 571 -15.77 8.28 6.99
N ASN D 572 -14.98 9.08 6.28
CA ASN D 572 -13.94 8.52 5.41
C ASN D 572 -12.76 8.01 6.22
N LEU D 573 -12.55 8.55 7.43
CA LEU D 573 -11.56 7.98 8.35
C LEU D 573 -11.95 6.58 8.78
N PHE D 574 -13.23 6.40 9.11
CA PHE D 574 -13.76 5.08 9.45
C PHE D 574 -13.68 4.12 8.27
N ILE D 575 -13.94 4.64 7.06
CA ILE D 575 -13.84 3.83 5.84
C ILE D 575 -12.40 3.39 5.57
N ALA D 576 -11.43 4.29 5.81
CA ALA D 576 -10.02 3.97 5.58
C ALA D 576 -9.48 2.97 6.59
N MET D 577 -9.88 3.07 7.86
CA MET D 577 -9.40 2.09 8.81
C MET D 577 -10.17 0.78 8.72
N MET D 578 -11.39 0.80 8.20
CA MET D 578 -12.05 -0.43 7.77
C MET D 578 -11.29 -1.08 6.63
N GLY D 579 -10.74 -0.26 5.73
CA GLY D 579 -9.96 -0.78 4.62
C GLY D 579 -8.68 -1.46 5.05
N ASP D 580 -7.96 -0.86 6.00
CA ASP D 580 -6.74 -1.58 6.39
C ASP D 580 -7.01 -2.70 7.40
N THR D 581 -8.17 -2.70 8.08
CA THR D 581 -8.63 -3.90 8.77
C THR D 581 -8.91 -5.04 7.80
N HIS D 582 -9.56 -4.72 6.67
CA HIS D 582 -9.78 -5.68 5.59
C HIS D 582 -8.46 -6.19 5.00
N TRP D 583 -7.47 -5.30 4.88
CA TRP D 583 -6.13 -5.68 4.42
C TRP D 583 -5.47 -6.65 5.39
N ARG D 584 -5.59 -6.40 6.70
CA ARG D 584 -4.99 -7.27 7.71
C ARG D 584 -5.63 -8.65 7.73
N VAL D 585 -6.96 -8.72 7.55
CA VAL D 585 -7.60 -10.04 7.46
C VAL D 585 -7.25 -10.72 6.14
N ALA D 586 -7.13 -9.96 5.04
CA ALA D 586 -6.82 -10.55 3.75
C ALA D 586 -5.37 -11.03 3.64
N GLN D 587 -4.46 -10.57 4.51
CA GLN D 587 -3.13 -11.18 4.55
C GLN D 587 -3.17 -12.59 5.12
N GLU D 588 -4.03 -12.84 6.10
CA GLU D 588 -4.13 -14.14 6.75
C GLU D 588 -5.38 -14.91 6.31
N ARG D 589 -5.72 -14.82 5.02
CA ARG D 589 -7.01 -15.31 4.53
C ARG D 589 -7.07 -16.83 4.51
N ASP D 590 -6.01 -17.48 4.02
CA ASP D 590 -6.00 -18.94 3.88
C ASP D 590 -5.90 -19.63 5.24
N GLU D 591 -5.15 -19.04 6.18
CA GLU D 591 -5.00 -19.62 7.51
C GLU D 591 -6.30 -19.51 8.30
N LEU D 592 -7.00 -18.38 8.18
CA LEU D 592 -8.27 -18.19 8.87
C LEU D 592 -9.37 -19.06 8.29
N TRP D 593 -9.39 -19.22 6.96
CA TRP D 593 -10.36 -20.11 6.34
C TRP D 593 -10.07 -21.58 6.68
N ARG D 594 -8.79 -21.96 6.74
CA ARG D 594 -8.42 -23.31 7.16
C ARG D 594 -8.82 -23.58 8.60
N ALA D 595 -8.62 -22.60 9.49
CA ALA D 595 -9.02 -22.76 10.89
C ALA D 595 -10.53 -22.88 11.05
N GLN D 596 -11.30 -22.09 10.30
CA GLN D 596 -12.75 -22.20 10.44
C GLN D 596 -13.34 -23.43 9.75
N VAL D 597 -12.72 -23.97 8.70
CA VAL D 597 -13.22 -25.25 8.21
C VAL D 597 -12.77 -26.41 9.12
N VAL D 598 -11.70 -26.24 9.89
CA VAL D 598 -11.37 -27.20 10.93
C VAL D 598 -12.41 -27.21 12.04
N ALA D 599 -12.82 -26.02 12.47
CA ALA D 599 -13.87 -25.90 13.49
C ALA D 599 -15.21 -26.43 13.00
N THR D 600 -15.51 -26.20 11.71
CA THR D 600 -16.70 -26.76 11.09
C THR D 600 -16.63 -28.29 11.01
N THR D 601 -15.45 -28.82 10.68
CA THR D 601 -15.27 -30.27 10.55
C THR D 601 -15.41 -30.97 11.89
N VAL D 602 -14.82 -30.40 12.95
CA VAL D 602 -14.91 -31.05 14.26
C VAL D 602 -16.29 -30.86 14.86
N MET D 603 -16.99 -29.77 14.51
CA MET D 603 -18.37 -29.58 14.92
C MET D 603 -19.29 -30.59 14.24
N LEU D 604 -19.08 -30.84 12.95
CA LEU D 604 -19.93 -31.78 12.22
C LEU D 604 -19.62 -33.22 12.62
N GLU D 605 -18.36 -33.52 12.94
CA GLU D 605 -18.05 -34.87 13.38
C GLU D 605 -18.54 -35.12 14.80
N ARG D 606 -18.56 -34.08 15.63
CA ARG D 606 -19.06 -34.21 16.99
C ARG D 606 -20.58 -34.32 17.04
N LYS D 607 -21.28 -33.57 16.18
CA LYS D 607 -22.73 -33.46 16.31
C LYS D 607 -23.50 -34.53 15.54
N MET D 608 -23.06 -34.84 14.31
CA MET D 608 -23.81 -35.73 13.44
C MET D 608 -23.66 -37.18 13.90
N PRO D 609 -24.57 -38.08 13.48
CA PRO D 609 -24.42 -39.50 13.86
C PRO D 609 -23.17 -40.17 13.29
N ARG D 610 -22.77 -41.24 13.96
CA ARG D 610 -21.48 -41.88 13.70
C ARG D 610 -21.48 -42.65 12.39
N PHE D 611 -22.66 -43.07 11.90
CA PHE D 611 -22.70 -43.80 10.64
C PHE D 611 -22.48 -42.87 9.45
N LEU D 612 -22.79 -41.58 9.59
CA LEU D 612 -22.55 -40.63 8.51
C LEU D 612 -21.10 -40.17 8.46
N TRP D 613 -20.35 -40.36 9.54
CA TRP D 613 -18.94 -39.97 9.62
C TRP D 613 -18.12 -41.20 9.94
N PRO D 614 -17.64 -41.93 8.94
CA PRO D 614 -16.75 -43.06 9.21
C PRO D 614 -15.38 -42.60 9.70
N ARG D 615 -14.67 -43.53 10.33
CA ARG D 615 -13.37 -43.21 10.92
C ARG D 615 -12.33 -42.96 9.84
N SER D 616 -11.59 -41.87 10.00
CA SER D 616 -10.68 -41.39 8.99
C SER D 616 -9.36 -42.15 9.03
N GLY D 617 -8.73 -42.27 7.87
CA GLY D 617 -7.44 -42.92 7.78
C GLY D 617 -7.55 -44.39 7.44
N ILE D 618 -6.38 -44.98 7.24
CA ILE D 618 -6.26 -46.40 6.88
C ILE D 618 -6.45 -47.23 8.14
N CYS D 619 -7.24 -48.32 8.03
CA CYS D 619 -7.63 -49.10 9.19
C CYS D 619 -6.45 -49.83 9.82
N GLY D 620 -5.59 -50.43 9.01
CA GLY D 620 -4.34 -50.96 9.52
C GLY D 620 -4.36 -52.35 10.13
N TYR D 621 -5.53 -52.78 10.62
CA TYR D 621 -5.62 -54.07 11.29
C TYR D 621 -5.49 -55.23 10.30
N GLU D 622 -6.03 -55.07 9.09
CA GLU D 622 -5.95 -56.12 8.09
C GLU D 622 -4.58 -56.21 7.43
N TYR D 623 -3.70 -55.24 7.65
CA TYR D 623 -2.35 -55.25 7.11
C TYR D 623 -1.32 -55.72 8.13
N GLY D 624 -1.77 -56.28 9.25
CA GLY D 624 -0.87 -56.77 10.27
C GLY D 624 -0.42 -55.75 11.29
N LEU D 625 -0.84 -54.50 11.15
CA LEU D 625 -0.46 -53.45 12.08
C LEU D 625 -1.48 -53.42 13.21
N GLY D 626 -1.00 -53.37 14.44
CA GLY D 626 -1.86 -53.70 15.57
C GLY D 626 -2.71 -52.59 16.13
N ASP D 627 -3.98 -52.55 15.69
CA ASP D 627 -5.07 -51.76 16.29
C ASP D 627 -4.77 -50.25 16.26
N ARG D 628 -4.14 -49.80 15.19
CA ARG D 628 -3.78 -48.40 15.03
C ARG D 628 -4.23 -47.94 13.66
N TRP D 629 -4.62 -46.68 13.56
CA TRP D 629 -5.11 -46.10 12.32
C TRP D 629 -4.09 -45.10 11.80
N PHE D 630 -3.89 -45.11 10.48
CA PHE D 630 -2.78 -44.40 9.85
C PHE D 630 -3.27 -43.57 8.68
N LEU D 631 -2.50 -42.55 8.34
CA LEU D 631 -2.75 -41.72 7.17
C LEU D 631 -1.52 -41.78 6.28
N ARG D 632 -1.69 -42.20 5.04
CA ARG D 632 -0.57 -42.30 4.10
C ARG D 632 -0.44 -40.99 3.33
N VAL D 633 0.77 -40.43 3.34
CA VAL D 633 1.07 -39.19 2.63
C VAL D 633 2.20 -39.48 1.66
N GLU D 634 1.96 -39.18 0.38
CA GLU D 634 2.96 -39.25 -0.67
C GLU D 634 3.35 -37.84 -1.05
N ASN D 635 4.64 -37.54 -0.98
CA ASN D 635 5.10 -36.19 -1.29
C ASN D 635 6.36 -36.23 -2.14
N HIS D 636 6.55 -35.14 -2.89
CA HIS D 636 7.58 -35.02 -3.91
C HIS D 636 8.65 -34.06 -3.43
N HIS D 637 9.91 -34.48 -3.48
CA HIS D 637 11.02 -33.67 -3.00
C HIS D 637 12.19 -33.84 -3.96
N ASP D 638 13.38 -33.44 -3.53
CA ASP D 638 14.58 -33.57 -4.33
C ASP D 638 15.11 -35.00 -4.27
C1 PIO E . 3.79 13.83 -19.68
O1 PIO E . 2.89 14.85 -19.30
P1 PIO E . 2.83 16.22 -20.22
C2 PIO E . 3.02 12.55 -20.05
O2 PIO E . 1.76 12.89 -20.53
C3 PIO E . 2.85 11.50 -18.94
O3 PIO E . 1.59 10.92 -19.04
C4 PIO E . 3.05 12.04 -17.51
O4 PIO E . 2.85 11.03 -16.54
P4 PIO E . 3.88 9.77 -16.19
C5 PIO E . 4.36 12.83 -17.34
O5 PIO E . 4.22 13.75 -16.28
P5 PIO E . 5.48 14.12 -15.27
C6 PIO E . 4.84 13.61 -18.58
O6 PIO E . 5.93 12.93 -19.14
O11 PIO E . 3.58 17.33 -19.53
O12 PIO E . 3.47 15.96 -21.56
O13 PIO E . 1.26 16.67 -20.44
C1A PIO E . -1.49 13.49 -21.72
O1A PIO E . -1.57 12.87 -20.70
C1B PIO E . -1.86 19.00 -22.10
O1B PIO E . -0.90 19.45 -22.63
C1C PIO E . 0.25 15.82 -19.98
C2A PIO E . -2.42 13.14 -22.88
C2B PIO E . -3.19 19.73 -22.19
C2C PIO E . -0.83 15.63 -21.06
O2C PIO E . -0.54 14.51 -21.84
C3A PIO E . -3.74 13.89 -22.74
C3B PIO E . -2.94 21.22 -22.40
C3C PIO E . -0.88 16.87 -21.95
O3C PIO E . -1.78 17.80 -21.39
O41 PIO E . 5.06 10.22 -15.37
O42 PIO E . 3.10 8.78 -15.34
O43 PIO E . 4.38 9.03 -17.40
C4A PIO E . -3.82 15.00 -23.78
C4B PIO E . -4.24 21.91 -22.81
O51 PIO E . 6.50 14.96 -16.02
O52 PIO E . 4.99 14.93 -14.10
O53 PIO E . 6.15 12.86 -14.76
C5A PIO E . -4.39 16.26 -23.16
C5B PIO E . -5.21 21.91 -21.62
C6A PIO E . -5.85 16.45 -23.57
C6B PIO E . -6.61 22.24 -22.14
C7A PIO E . -5.94 17.56 -24.61
C7B PIO E . -7.47 22.73 -20.98
C8A PIO E . -7.40 17.98 -24.77
C8B PIO E . -8.91 22.90 -21.47
C1 PIO F . -8.98 -17.44 -14.43
O1 PIO F . -9.87 -16.60 -15.13
P1 PIO F . -10.69 -17.22 -16.41
C2 PIO F . -9.46 -17.63 -12.98
O2 PIO F . -10.84 -17.50 -12.92
C3 PIO F . -8.83 -16.70 -11.91
O3 PIO F . -9.81 -16.35 -10.98
C4 PIO F . -8.21 -15.42 -12.49
O4 PIO F . -7.67 -14.61 -11.46
P4 PIO F . -6.30 -14.87 -10.56
C5 PIO F . -7.21 -15.69 -13.64
O5 PIO F . -7.13 -14.56 -14.47
P5 PIO F . -5.71 -14.12 -15.19
C6 PIO F . -7.55 -16.91 -14.53
O6 PIO F . -6.67 -17.96 -14.21
O11 PIO F . -10.04 -16.75 -17.69
O12 PIO F . -10.64 -18.73 -16.36
O13 PIO F . -12.25 -16.73 -16.37
C1A PIO F . -14.30 -17.10 -12.50
O1A PIO F . -13.71 -16.26 -11.90
C1B PIO F . -16.30 -16.60 -17.66
O1B PIO F . -15.82 -17.42 -18.37
C1C PIO F . -12.69 -16.00 -15.25
C2A PIO F . -15.51 -17.77 -11.87
C2B PIO F . -17.67 -16.03 -17.97
C2C PIO F . -14.04 -16.53 -14.77
O2C PIO F . -13.84 -17.50 -13.77
C3A PIO F . -16.80 -17.02 -12.24
C3B PIO F . -17.97 -16.19 -19.45
C3C PIO F . -14.81 -17.15 -15.93
O3C PIO F . -15.59 -16.16 -16.54
O41 PIO F . -5.05 -14.56 -11.35
O42 PIO F . -6.34 -13.94 -9.38
O43 PIO F . -6.19 -16.28 -10.02
C4A PIO F . -17.59 -17.86 -13.24
C4B PIO F . -19.45 -15.94 -19.70
O51 PIO F . -5.37 -15.08 -16.30
O52 PIO F . -5.84 -12.73 -15.80
O53 PIO F . -4.56 -14.11 -14.19
C5A PIO F . -18.20 -16.94 -14.30
C5B PIO F . -19.76 -14.46 -19.50
C6A PIO F . -19.68 -16.73 -14.01
C6B PIO F . -21.26 -14.29 -19.31
C7A PIO F . -20.52 -17.37 -15.12
C7B PIO F . -21.64 -12.84 -19.55
C8A PIO F . -21.96 -16.88 -15.00
C8B PIO F . -23.12 -12.64 -19.21
C1 PIO G . 3.53 19.59 14.02
O1 PIO G . 2.23 19.61 14.55
P1 PIO G . 1.89 20.70 15.74
C2 PIO G . 3.52 19.98 12.53
O2 PIO G . 2.43 20.83 12.28
C3 PIO G . 3.46 18.83 11.51
O3 PIO G . 2.64 19.19 10.44
C4 PIO G . 2.97 17.49 12.09
O4 PIO G . 2.93 16.48 11.10
P4 PIO G . 4.23 15.70 10.41
C5 PIO G . 3.74 17.08 13.38
O5 PIO G . 2.92 16.23 14.14
P5 PIO G . 3.54 14.98 15.03
C6 PIO G . 4.21 18.23 14.28
O6 PIO G . 5.58 18.39 14.13
O11 PIO G . 1.89 19.99 17.08
O12 PIO G . 2.94 21.79 15.77
O13 PIO G . 0.42 21.38 15.48
C1A PIO G . -0.25 22.91 11.41
O1A PIO G . -0.37 21.89 10.83
C1B PIO G . -2.71 24.13 16.23
O1B PIO G . -1.91 24.43 17.05
C1C PIO G . -0.24 21.11 14.27
C2A PIO G . -0.56 24.24 10.70
C2B PIO G . -4.12 24.68 16.31
C2C PIO G . -0.76 22.40 13.64
O2C PIO G . 0.18 22.92 12.75
C3A PIO G . -2.05 24.55 10.81
C3B PIO G . -4.45 25.00 17.77
C3C PIO G . -1.05 23.43 14.73
O3C PIO G . -2.36 23.27 15.19
O41 PIO G . 4.81 14.66 11.34
O42 PIO G . 3.71 14.97 9.19
O43 PIO G . 5.33 16.62 9.94
C4A PIO G . -2.25 25.73 11.78
C4B PIO G . -5.73 25.83 17.82
O51 PIO G . 4.30 15.52 16.22
O52 PIO G . 2.43 14.10 15.55
O53 PIO G . 4.48 14.14 14.18
C5A PIO G . -3.45 25.44 12.67
C5B PIO G . -6.92 24.98 17.41
C6A PIO G . -4.64 26.26 12.20
C6B PIO G . -8.10 25.89 17.09
C7A PIO G . -4.88 27.43 13.15
C7B PIO G . -9.40 25.09 17.17
C8A PIO G . -6.26 28.04 12.90
C8B PIO G . -10.56 25.96 16.69
C1 PIO H . -9.24 -11.68 19.27
O1 PIO H . -10.53 -11.83 18.73
P1 PIO H . -11.62 -12.74 19.57
C2 PIO H . -8.97 -10.20 19.60
O2 PIO H . -10.18 -9.56 19.89
C3 PIO H . -8.23 -9.37 18.53
O3 PIO H . -8.76 -8.08 18.50
C4 PIO H . -8.28 -9.97 17.12
O4 PIO H . -7.60 -9.15 16.19
P4 PIO H . -5.96 -8.94 16.03
C5 PIO H . -7.84 -11.46 17.07
O5 PIO H . -8.44 -12.08 15.96
P5 PIO H . -7.65 -13.26 15.11
C6 PIO H . -8.19 -12.29 18.33
O6 PIO H . -7.01 -12.50 19.06
O11 PIO H . -11.75 -14.09 18.91
O12 PIO H . -11.15 -12.92 20.99
O13 PIO H . -13.08 -11.99 19.57
C1A PIO H . -13.07 -7.71 20.56
O1A PIO H . -12.54 -7.31 19.58
C1B PIO H . -17.16 -11.48 20.67
O1B PIO H . -16.83 -12.43 21.30
C1C PIO H . -13.18 -10.71 19.02
C2A PIO H . -13.66 -6.73 21.57
C2B PIO H . -18.63 -11.11 20.53
C2C PIO H . -13.98 -9.79 19.93
O2C PIO H . -13.12 -9.10 20.79
C3A PIO H . -15.13 -6.44 21.24
C3B PIO H . -19.48 -12.35 20.77
C3C PIO H . -14.98 -10.60 20.75
O3C PIO H . -16.18 -10.70 20.04
O41 PIO H . -5.31 -10.12 15.35
O42 PIO H . -5.73 -7.74 15.15
O43 PIO H . -5.24 -8.68 17.34
C4A PIO H . -16.02 -7.13 22.28
C4B PIO H . -20.93 -11.94 20.98
O51 PIO H . -7.58 -14.53 15.92
O52 PIO H . -8.40 -13.57 13.83
O53 PIO H . -6.24 -12.83 14.76
C5A PIO H . -17.25 -7.71 21.58
C5B PIO H . -21.51 -11.43 19.67
C6A PIO H . -18.46 -6.82 21.83
C6B PIO H . -22.76 -10.61 19.96
C7A PIO H . -19.48 -7.56 22.68
C7B PIO H . -23.59 -10.48 18.68
C8A PIO H . -20.81 -6.80 22.64
C8B PIO H . -24.76 -9.54 18.95
#